data_7JHS
# 
_entry.id   7JHS 
# 
_audit_conform.dict_name       mmcif_pdbx.dic 
_audit_conform.dict_version    5.380 
_audit_conform.dict_location   http://mmcif.pdb.org/dictionaries/ascii/mmcif_pdbx.dic 
# 
loop_
_database_2.database_id 
_database_2.database_code 
_database_2.pdbx_database_accession 
_database_2.pdbx_DOI 
PDB   7JHS         pdb_00007jhs 10.2210/pdb7jhs/pdb 
WWPDB D_1000250254 ?            ?                   
# 
_pdbx_database_status.status_code                     REL 
_pdbx_database_status.status_code_sf                  REL 
_pdbx_database_status.status_code_mr                  ? 
_pdbx_database_status.entry_id                        7JHS 
_pdbx_database_status.recvd_initial_deposition_date   2020-07-21 
_pdbx_database_status.SG_entry                        N 
_pdbx_database_status.deposit_site                    RCSB 
_pdbx_database_status.process_site                    RCSB 
_pdbx_database_status.status_code_cs                  ? 
_pdbx_database_status.status_code_nmr_data            ? 
_pdbx_database_status.methods_development_category    ? 
_pdbx_database_status.pdb_format_compatible           Y 
# 
loop_
_audit_author.name 
_audit_author.pdbx_ordinal 
_audit_author.identifier_ORCID 
'Simmons, C.R.'      1 0000-0002-2290-6132 
'MacCulloch, T.'     2 0000-0001-5875-3361 
'Stephanopoulos, N.' 3 0000-0001-7859-410X 
'Yan, H.'            4 0000-0001-7397-9852 
# 
_citation.abstract                  ? 
_citation.abstract_id_CAS           ? 
_citation.book_id_ISBN              ? 
_citation.book_publisher            ? 
_citation.book_publisher_city       ? 
_citation.book_title                ? 
_citation.coordinate_linkage        ? 
_citation.country                   UK 
_citation.database_id_Medline       ? 
_citation.details                   ? 
_citation.id                        primary 
_citation.journal_abbrev            'Nat Commun' 
_citation.journal_id_ASTM           ? 
_citation.journal_id_CSD            ? 
_citation.journal_id_ISSN           2041-1723 
_citation.journal_full              ? 
_citation.journal_issue             ? 
_citation.journal_volume            13 
_citation.language                  ? 
_citation.page_first                3112 
_citation.page_last                 3112 
_citation.title                     'The influence of Holliday junction sequence and dynamics on DNA crystal self-assembly.' 
_citation.year                      2022 
_citation.database_id_CSD           ? 
_citation.pdbx_database_id_DOI      10.1038/s41467-022-30779-6 
_citation.pdbx_database_id_PubMed   35662248 
_citation.unpublished_flag          ? 
# 
loop_
_citation_author.citation_id 
_citation_author.name 
_citation_author.ordinal 
_citation_author.identifier_ORCID 
primary 'Simmons, C.R.'      1  ?                   
primary 'MacCulloch, T.'     2  ?                   
primary 'Krepl, M.'          3  0000-0002-9833-4281 
primary 'Matthies, M.'       4  ?                   
primary 'Buchberger, A.'     5  ?                   
primary 'Crawford, I.'       6  ?                   
primary 'Sponer, J.'         7  0000-0001-6558-6186 
primary 'Sulc, P.'           8  0000-0003-1565-6769 
primary 'Stephanopoulos, N.' 9  0000-0001-7859-410X 
primary 'Yan, H.'            10 0000-0001-7397-9852 
# 
_cell.angle_alpha                  90.000 
_cell.angle_alpha_esd              ? 
_cell.angle_beta                   90.000 
_cell.angle_beta_esd               ? 
_cell.angle_gamma                  120.000 
_cell.angle_gamma_esd              ? 
_cell.entry_id                     7JHS 
_cell.details                      ? 
_cell.formula_units_Z              ? 
_cell.length_a                     114.779 
_cell.length_a_esd                 ? 
_cell.length_b                     114.779 
_cell.length_b_esd                 ? 
_cell.length_c                     49.623 
_cell.length_c_esd                 ? 
_cell.volume                       ? 
_cell.volume_esd                   ? 
_cell.Z_PDB                        9 
_cell.reciprocal_angle_alpha       ? 
_cell.reciprocal_angle_beta        ? 
_cell.reciprocal_angle_gamma       ? 
_cell.reciprocal_angle_alpha_esd   ? 
_cell.reciprocal_angle_beta_esd    ? 
_cell.reciprocal_angle_gamma_esd   ? 
_cell.reciprocal_length_a          ? 
_cell.reciprocal_length_b          ? 
_cell.reciprocal_length_c          ? 
_cell.reciprocal_length_a_esd      ? 
_cell.reciprocal_length_b_esd      ? 
_cell.reciprocal_length_c_esd      ? 
_cell.pdbx_unique_axis             ? 
# 
_symmetry.entry_id                         7JHS 
_symmetry.cell_setting                     ? 
_symmetry.Int_Tables_number                146 
_symmetry.space_group_name_Hall            ? 
_symmetry.space_group_name_H-M             'H 3' 
_symmetry.pdbx_full_space_group_name_H-M   ? 
# 
loop_
_entity.id 
_entity.type 
_entity.src_method 
_entity.pdbx_description 
_entity.formula_weight 
_entity.pdbx_number_of_molecules 
_entity.pdbx_ec 
_entity.pdbx_mutation 
_entity.pdbx_fragment 
_entity.details 
1 polymer     syn 
;DNA (5'-D(*GP*AP*GP*CP*AP*GP*AP*CP*CP*CP*GP*A)-3')
;
3681.420 1 ? ? ? ? 
2 polymer     syn 
;DNA (5'-D(P*CP*GP*GP*GP*AP*CP*TP*CP*A)-3')
;
2740.812 1 ? ? ? ? 
3 polymer     syn 
;DNA (5'-D(P*TP*CP*GP*CP*CP*G)-3')
;
1785.192 1 ? ? ? ? 
4 polymer     syn 
;DNA (5'-D(*TP*CP*TP*GP*AP*GP*TP*CP*GP*GP*TP*CP*TP*GP*C)-3')
;
4591.969 1 ? ? ? ? 
5 non-polymer syn 'CACODYLATE ION'                                              136.989  3 ? ? ? ? 
# 
loop_
_entity_poly.entity_id 
_entity_poly.type 
_entity_poly.nstd_linkage 
_entity_poly.nstd_monomer 
_entity_poly.pdbx_seq_one_letter_code 
_entity_poly.pdbx_seq_one_letter_code_can 
_entity_poly.pdbx_strand_id 
_entity_poly.pdbx_target_identifier 
1 polydeoxyribonucleotide no no '(DG)(DA)(DG)(DC)(DA)(DG)(DA)(DC)(DC)(DC)(DG)(DA)'             GAGCAGACCCGA    A ? 
2 polydeoxyribonucleotide no no '(DC)(DG)(DG)(DG)(DA)(DC)(DT)(DC)(DA)'                         CGGGACTCA       B ? 
3 polydeoxyribonucleotide no no '(DT)(DC)(DG)(DC)(DC)(DG)'                                     TCGCCG          C ? 
4 polydeoxyribonucleotide no no '(DT)(DC)(DT)(DG)(DA)(DG)(DT)(DC)(DG)(DG)(DT)(DC)(DT)(DG)(DC)' TCTGAGTCGGTCTGC D ? 
# 
loop_
_entity_poly_seq.entity_id 
_entity_poly_seq.num 
_entity_poly_seq.mon_id 
_entity_poly_seq.hetero 
1 1  DG n 
1 2  DA n 
1 3  DG n 
1 4  DC n 
1 5  DA n 
1 6  DG n 
1 7  DA n 
1 8  DC n 
1 9  DC n 
1 10 DC n 
1 11 DG n 
1 12 DA n 
2 1  DC n 
2 2  DG n 
2 3  DG n 
2 4  DG n 
2 5  DA n 
2 6  DC n 
2 7  DT n 
2 8  DC n 
2 9  DA n 
3 1  DT n 
3 2  DC n 
3 3  DG n 
3 4  DC n 
3 5  DC n 
3 6  DG n 
4 1  DT n 
4 2  DC n 
4 3  DT n 
4 4  DG n 
4 5  DA n 
4 6  DG n 
4 7  DT n 
4 8  DC n 
4 9  DG n 
4 10 DG n 
4 11 DT n 
4 12 DC n 
4 13 DT n 
4 14 DG n 
4 15 DC n 
# 
loop_
_pdbx_entity_src_syn.entity_id 
_pdbx_entity_src_syn.pdbx_src_id 
_pdbx_entity_src_syn.pdbx_alt_source_flag 
_pdbx_entity_src_syn.pdbx_beg_seq_num 
_pdbx_entity_src_syn.pdbx_end_seq_num 
_pdbx_entity_src_syn.organism_scientific 
_pdbx_entity_src_syn.organism_common_name 
_pdbx_entity_src_syn.ncbi_taxonomy_id 
_pdbx_entity_src_syn.details 
1 1 sample 1 12 'synthetic construct' ? 32630 ? 
2 1 sample 1 9  'synthetic construct' ? 32630 ? 
3 1 sample 1 6  'synthetic construct' ? 32630 ? 
4 1 sample 1 15 'synthetic construct' ? 32630 ? 
# 
loop_
_struct_ref.id 
_struct_ref.db_name 
_struct_ref.db_code 
_struct_ref.pdbx_db_accession 
_struct_ref.pdbx_db_isoform 
_struct_ref.entity_id 
_struct_ref.pdbx_seq_one_letter_code 
_struct_ref.pdbx_align_begin 
1 PDB 7JHS 7JHS ? 1 ? 1 
2 PDB 7JHS 7JHS ? 2 ? 1 
3 PDB 7JHS 7JHS ? 3 ? 1 
4 PDB 7JHS 7JHS ? 4 ? 1 
# 
loop_
_struct_ref_seq.align_id 
_struct_ref_seq.ref_id 
_struct_ref_seq.pdbx_PDB_id_code 
_struct_ref_seq.pdbx_strand_id 
_struct_ref_seq.seq_align_beg 
_struct_ref_seq.pdbx_seq_align_beg_ins_code 
_struct_ref_seq.seq_align_end 
_struct_ref_seq.pdbx_seq_align_end_ins_code 
_struct_ref_seq.pdbx_db_accession 
_struct_ref_seq.db_align_beg 
_struct_ref_seq.pdbx_db_align_beg_ins_code 
_struct_ref_seq.db_align_end 
_struct_ref_seq.pdbx_db_align_end_ins_code 
_struct_ref_seq.pdbx_auth_seq_align_beg 
_struct_ref_seq.pdbx_auth_seq_align_end 
1 1 7JHS A 1 ? 12 ? 7JHS 1  ? 12 ? 1  12 
2 2 7JHS B 1 ? 9  ? 7JHS 12 ? 20 ? 12 20 
3 3 7JHS C 1 ? 6  ? 7JHS 0  ? 5  ? 0  5  
4 4 7JHS D 1 ? 15 ? 7JHS 2  ? 16 ? 2  16 
# 
loop_
_chem_comp.id 
_chem_comp.type 
_chem_comp.mon_nstd_flag 
_chem_comp.name 
_chem_comp.pdbx_synonyms 
_chem_comp.formula 
_chem_comp.formula_weight 
CAC non-polymer   . 'CACODYLATE ION'                     dimethylarsinate 'C2 H6 As O2 -1'  136.989 
DA  'DNA linking' y "2'-DEOXYADENOSINE-5'-MONOPHOSPHATE" ?                'C10 H14 N5 O6 P' 331.222 
DC  'DNA linking' y "2'-DEOXYCYTIDINE-5'-MONOPHOSPHATE"  ?                'C9 H14 N3 O7 P'  307.197 
DG  'DNA linking' y "2'-DEOXYGUANOSINE-5'-MONOPHOSPHATE" ?                'C10 H14 N5 O7 P' 347.221 
DT  'DNA linking' y "THYMIDINE-5'-MONOPHOSPHATE"         ?                'C10 H15 N2 O8 P' 322.208 
# 
_exptl.absorpt_coefficient_mu     ? 
_exptl.absorpt_correction_T_max   ? 
_exptl.absorpt_correction_T_min   ? 
_exptl.absorpt_correction_type    ? 
_exptl.absorpt_process_details    ? 
_exptl.entry_id                   7JHS 
_exptl.crystals_number            1 
_exptl.details                    ? 
_exptl.method                     'X-RAY DIFFRACTION' 
_exptl.method_details             ? 
# 
_exptl_crystal.colour                      ? 
_exptl_crystal.density_diffrn              ? 
_exptl_crystal.density_Matthews            4.91 
_exptl_crystal.density_method              ? 
_exptl_crystal.density_percent_sol         74.97 
_exptl_crystal.description                 ? 
_exptl_crystal.F_000                       ? 
_exptl_crystal.id                          1 
_exptl_crystal.preparation                 ? 
_exptl_crystal.size_max                    ? 
_exptl_crystal.size_mid                    ? 
_exptl_crystal.size_min                    ? 
_exptl_crystal.size_rad                    ? 
_exptl_crystal.colour_lustre               ? 
_exptl_crystal.colour_modifier             ? 
_exptl_crystal.colour_primary              ? 
_exptl_crystal.density_meas                ? 
_exptl_crystal.density_meas_esd            ? 
_exptl_crystal.density_meas_gt             ? 
_exptl_crystal.density_meas_lt             ? 
_exptl_crystal.density_meas_temp           ? 
_exptl_crystal.density_meas_temp_esd       ? 
_exptl_crystal.density_meas_temp_gt        ? 
_exptl_crystal.density_meas_temp_lt        ? 
_exptl_crystal.pdbx_crystal_image_url      ? 
_exptl_crystal.pdbx_crystal_image_format   ? 
_exptl_crystal.pdbx_mosaicity              ? 
_exptl_crystal.pdbx_mosaicity_esd          ? 
# 
_exptl_crystal_grow.apparatus       ? 
_exptl_crystal_grow.atmosphere      ? 
_exptl_crystal_grow.crystal_id      1 
_exptl_crystal_grow.details         ? 
_exptl_crystal_grow.method          'VAPOR DIFFUSION, SITTING DROP' 
_exptl_crystal_grow.method_ref      ? 
_exptl_crystal_grow.pH              ? 
_exptl_crystal_grow.pressure        ? 
_exptl_crystal_grow.pressure_esd    ? 
_exptl_crystal_grow.seeding         ? 
_exptl_crystal_grow.seeding_ref     ? 
_exptl_crystal_grow.temp            298 
_exptl_crystal_grow.temp_details    'temperature gradient generated from 60 to 25 C at 0.3 degrees per hour' 
_exptl_crystal_grow.temp_esd        ? 
_exptl_crystal_grow.time            ? 
_exptl_crystal_grow.pdbx_details    
;0.5 mL of 0.05 M Cacodylate pH 6.5 with 10 mM MgCl2, 2.5 mM spermine, 1 mM CuSO4, and 10% Isopropanol was added to the reservoir with 2 uL added to the drop containing 4 uL of DNA stock
;
_exptl_crystal_grow.pdbx_pH_range   ? 
# 
_diffrn.ambient_environment              ? 
_diffrn.ambient_temp                     100 
_diffrn.ambient_temp_details             ? 
_diffrn.ambient_temp_esd                 ? 
_diffrn.crystal_id                       1 
_diffrn.crystal_support                  ? 
_diffrn.crystal_treatment                ? 
_diffrn.details                          ? 
_diffrn.id                               1 
_diffrn.ambient_pressure                 ? 
_diffrn.ambient_pressure_esd             ? 
_diffrn.ambient_pressure_gt              ? 
_diffrn.ambient_pressure_lt              ? 
_diffrn.ambient_temp_gt                  ? 
_diffrn.ambient_temp_lt                  ? 
_diffrn.pdbx_serial_crystal_experiment   N 
# 
_diffrn_detector.details                      ? 
_diffrn_detector.detector                     PIXEL 
_diffrn_detector.diffrn_id                    1 
_diffrn_detector.type                         'DECTRIS PILATUS3 6M' 
_diffrn_detector.area_resol_mean              ? 
_diffrn_detector.dtime                        ? 
_diffrn_detector.pdbx_frames_total            ? 
_diffrn_detector.pdbx_collection_time_total   ? 
_diffrn_detector.pdbx_collection_date         2017-07-15 
_diffrn_detector.pdbx_frequency               ? 
# 
_diffrn_radiation.collimation                      ? 
_diffrn_radiation.diffrn_id                        1 
_diffrn_radiation.filter_edge                      ? 
_diffrn_radiation.inhomogeneity                    ? 
_diffrn_radiation.monochromator                    ? 
_diffrn_radiation.polarisn_norm                    ? 
_diffrn_radiation.polarisn_ratio                   ? 
_diffrn_radiation.probe                            ? 
_diffrn_radiation.type                             ? 
_diffrn_radiation.xray_symbol                      ? 
_diffrn_radiation.wavelength_id                    1 
_diffrn_radiation.pdbx_monochromatic_or_laue_m_l   M 
_diffrn_radiation.pdbx_wavelength_list             ? 
_diffrn_radiation.pdbx_wavelength                  ? 
_diffrn_radiation.pdbx_diffrn_protocol             'SINGLE WAVELENGTH' 
_diffrn_radiation.pdbx_analyzer                    ? 
_diffrn_radiation.pdbx_scattering_type             x-ray 
# 
_diffrn_radiation_wavelength.id           1 
_diffrn_radiation_wavelength.wavelength   0.92 
_diffrn_radiation_wavelength.wt           1.0 
# 
_diffrn_source.current                     ? 
_diffrn_source.details                     ? 
_diffrn_source.diffrn_id                   1 
_diffrn_source.power                       ? 
_diffrn_source.size                        ? 
_diffrn_source.source                      SYNCHROTRON 
_diffrn_source.target                      ? 
_diffrn_source.type                        'APS BEAMLINE 19-ID' 
_diffrn_source.voltage                     ? 
_diffrn_source.take-off_angle              ? 
_diffrn_source.pdbx_wavelength_list        0.92 
_diffrn_source.pdbx_wavelength             ? 
_diffrn_source.pdbx_synchrotron_beamline   19-ID 
_diffrn_source.pdbx_synchrotron_site       APS 
# 
_reflns.B_iso_Wilson_estimate            84.200 
_reflns.entry_id                         7JHS 
_reflns.data_reduction_details           ? 
_reflns.data_reduction_method            ? 
_reflns.d_resolution_high                3.096 
_reflns.d_resolution_low                 50.000 
_reflns.details                          ? 
_reflns.limit_h_max                      ? 
_reflns.limit_h_min                      ? 
_reflns.limit_k_max                      ? 
_reflns.limit_k_min                      ? 
_reflns.limit_l_max                      ? 
_reflns.limit_l_min                      ? 
_reflns.number_all                       ? 
_reflns.number_obs                       4170 
_reflns.observed_criterion               ? 
_reflns.observed_criterion_F_max         ? 
_reflns.observed_criterion_F_min         ? 
_reflns.observed_criterion_I_max         ? 
_reflns.observed_criterion_I_min         ? 
_reflns.observed_criterion_sigma_F       ? 
_reflns.observed_criterion_sigma_I       ? 
_reflns.percent_possible_obs             94.000 
_reflns.R_free_details                   ? 
_reflns.Rmerge_F_all                     ? 
_reflns.Rmerge_F_obs                     ? 
_reflns.Friedel_coverage                 ? 
_reflns.number_gt                        ? 
_reflns.threshold_expression             ? 
_reflns.pdbx_redundancy                  9.300 
_reflns.pdbx_Rmerge_I_obs                0.119 
_reflns.pdbx_Rmerge_I_all                ? 
_reflns.pdbx_Rsym_value                  ? 
_reflns.pdbx_netI_over_av_sigmaI         ? 
_reflns.pdbx_netI_over_sigmaI            5.400 
_reflns.pdbx_res_netI_over_av_sigmaI_2   ? 
_reflns.pdbx_res_netI_over_sigmaI_2      ? 
_reflns.pdbx_chi_squared                 0.661 
_reflns.pdbx_scaling_rejects             ? 
_reflns.pdbx_d_res_high_opt              ? 
_reflns.pdbx_d_res_low_opt               ? 
_reflns.pdbx_d_res_opt_method            ? 
_reflns.phase_calculation_details        ? 
_reflns.pdbx_Rrim_I_all                  0.125 
_reflns.pdbx_Rpim_I_all                  0.038 
_reflns.pdbx_d_opt                       ? 
_reflns.pdbx_number_measured_all         ? 
_reflns.pdbx_diffrn_id                   1 
_reflns.pdbx_ordinal                     1 
_reflns.pdbx_CC_half                     0.972 
_reflns.pdbx_CC_star                     ? 
_reflns.pdbx_R_split                     ? 
# 
loop_
_reflns_shell.d_res_high 
_reflns_shell.d_res_low 
_reflns_shell.meanI_over_sigI_all 
_reflns_shell.meanI_over_sigI_obs 
_reflns_shell.number_measured_all 
_reflns_shell.number_measured_obs 
_reflns_shell.number_possible 
_reflns_shell.number_unique_all 
_reflns_shell.number_unique_obs 
_reflns_shell.percent_possible_all 
_reflns_shell.percent_possible_obs 
_reflns_shell.Rmerge_F_all 
_reflns_shell.Rmerge_F_obs 
_reflns_shell.Rmerge_I_all 
_reflns_shell.Rmerge_I_obs 
_reflns_shell.meanI_over_sigI_gt 
_reflns_shell.meanI_over_uI_all 
_reflns_shell.meanI_over_uI_gt 
_reflns_shell.number_measured_gt 
_reflns_shell.number_unique_gt 
_reflns_shell.percent_possible_gt 
_reflns_shell.Rmerge_F_gt 
_reflns_shell.Rmerge_I_gt 
_reflns_shell.pdbx_redundancy 
_reflns_shell.pdbx_Rsym_value 
_reflns_shell.pdbx_chi_squared 
_reflns_shell.pdbx_netI_over_sigmaI_all 
_reflns_shell.pdbx_netI_over_sigmaI_obs 
_reflns_shell.pdbx_Rrim_I_all 
_reflns_shell.pdbx_Rpim_I_all 
_reflns_shell.pdbx_rejects 
_reflns_shell.pdbx_ordinal 
_reflns_shell.pdbx_diffrn_id 
_reflns_shell.pdbx_CC_half 
_reflns_shell.pdbx_CC_star 
_reflns_shell.pdbx_R_split 
3.100 3.150  ? ? ? ? ? ? 121 65.800  ? ? ? ? 0.594 ? ? ? ? ? ? ? ? 6.000  ? 0.437 ? ? 0.634 0.216 ? 1  1 0.955 ? ? 
3.150 3.210  ? ? ? ? ? ? 167 69.300  ? ? ? ? 0.248 ? ? ? ? ? ? ? ? 6.200  ? 0.518 ? ? 0.266 0.093 ? 2  1 0.988 ? ? 
3.210 3.270  ? ? ? ? ? ? 169 76.500  ? ? ? ? 0.137 ? ? ? ? ? ? ? ? 6.200  ? 0.572 ? ? 0.146 0.048 ? 3  1 0.995 ? ? 
3.270 3.340  ? ? ? ? ? ? 169 78.200  ? ? ? ? 0.194 ? ? ? ? ? ? ? ? 6.900  ? 0.517 ? ? 0.206 0.068 ? 4  1 0.995 ? ? 
3.340 3.410  ? ? ? ? ? ? 210 92.500  ? ? ? ? 0.127 ? ? ? ? ? ? ? ? 7.500  ? 0.550 ? ? 0.135 0.044 ? 5  1 0.999 ? ? 
3.410 3.490  ? ? ? ? ? ? 229 97.400  ? ? ? ? 0.198 ? ? ? ? ? ? ? ? 8.300  ? 0.492 ? ? 0.210 0.068 ? 6  1 0.995 ? ? 
3.490 3.580  ? ? ? ? ? ? 218 99.500  ? ? ? ? 0.272 ? ? ? ? ? ? ? ? 9.100  ? 0.467 ? ? 0.288 0.093 ? 7  1 0.987 ? ? 
3.580 3.680  ? ? ? ? ? ? 213 100.000 ? ? ? ? 0.291 ? ? ? ? ? ? ? ? 9.400  ? 0.491 ? ? 0.308 0.099 ? 8  1 0.990 ? ? 
3.680 3.780  ? ? ? ? ? ? 227 100.000 ? ? ? ? 0.336 ? ? ? ? ? ? ? ? 9.600  ? 0.464 ? ? 0.355 0.114 ? 9  1 0.978 ? ? 
3.780 3.910  ? ? ? ? ? ? 237 99.200  ? ? ? ? 0.295 ? ? ? ? ? ? ? ? 9.900  ? 0.473 ? ? 0.311 0.098 ? 10 1 0.973 ? ? 
3.910 4.040  ? ? ? ? ? ? 204 100.000 ? ? ? ? 0.213 ? ? ? ? ? ? ? ? 9.100  ? 0.588 ? ? 0.225 0.074 ? 11 1 0.988 ? ? 
4.040 4.210  ? ? ? ? ? ? 236 100.000 ? ? ? ? 0.149 ? ? ? ? ? ? ? ? 10.000 ? 0.886 ? ? 0.157 0.049 ? 12 1 0.994 ? ? 
4.210 4.400  ? ? ? ? ? ? 206 100.000 ? ? ? ? 0.142 ? ? ? ? ? ? ? ? 10.700 ? 0.526 ? ? 0.149 0.045 ? 13 1 0.996 ? ? 
4.400 4.630  ? ? ? ? ? ? 239 100.000 ? ? ? ? 0.140 ? ? ? ? ? ? ? ? 10.600 ? 0.523 ? ? 0.147 0.045 ? 14 1 0.992 ? ? 
4.630 4.920  ? ? ? ? ? ? 213 100.000 ? ? ? ? 0.105 ? ? ? ? ? ? ? ? 10.500 ? 0.889 ? ? 0.111 0.034 ? 15 1 0.996 ? ? 
4.920 5.300  ? ? ? ? ? ? 227 100.000 ? ? ? ? 0.075 ? ? ? ? ? ? ? ? 9.700  ? 1.368 ? ? 0.080 0.025 ? 16 1 0.995 ? ? 
5.300 5.830  ? ? ? ? ? ? 215 100.000 ? ? ? ? 0.055 ? ? ? ? ? ? ? ? 10.600 ? 1.312 ? ? 0.057 0.018 ? 17 1 0.997 ? ? 
5.830 6.670  ? ? ? ? ? ? 229 100.000 ? ? ? ? 0.051 ? ? ? ? ? ? ? ? 10.900 ? 0.743 ? ? 0.054 0.016 ? 18 1 0.998 ? ? 
6.670 8.400  ? ? ? ? ? ? 220 99.100  ? ? ? ? 0.048 ? ? ? ? ? ? ? ? 9.900  ? 0.278 ? ? 0.051 0.017 ? 19 1 0.996 ? ? 
8.400 50.000 ? ? ? ? ? ? 221 100.000 ? ? ? ? 0.132 ? ? ? ? ? ? ? ? 10.700 ? 0.633 ? ? 0.138 0.041 ? 20 1 0.932 ? ? 
# 
_refine.aniso_B[1][1]                            ? 
_refine.aniso_B[1][2]                            ? 
_refine.aniso_B[1][3]                            ? 
_refine.aniso_B[2][2]                            ? 
_refine.aniso_B[2][3]                            ? 
_refine.aniso_B[3][3]                            ? 
_refine.B_iso_max                                211.910 
_refine.B_iso_mean                               101.7317 
_refine.B_iso_min                                56.480 
_refine.correlation_coeff_Fo_to_Fc               ? 
_refine.correlation_coeff_Fo_to_Fc_free          ? 
_refine.details                                  ? 
_refine.diff_density_max                         ? 
_refine.diff_density_max_esd                     ? 
_refine.diff_density_min                         ? 
_refine.diff_density_min_esd                     ? 
_refine.diff_density_rms                         ? 
_refine.diff_density_rms_esd                     ? 
_refine.entry_id                                 7JHS 
_refine.pdbx_refine_id                           'X-RAY DIFFRACTION' 
_refine.ls_abs_structure_details                 ? 
_refine.ls_abs_structure_Flack                   ? 
_refine.ls_abs_structure_Flack_esd               ? 
_refine.ls_abs_structure_Rogers                  ? 
_refine.ls_abs_structure_Rogers_esd              ? 
_refine.ls_d_res_high                            3.0960 
_refine.ls_d_res_low                             35.1160 
_refine.ls_extinction_coef                       ? 
_refine.ls_extinction_coef_esd                   ? 
_refine.ls_extinction_expression                 ? 
_refine.ls_extinction_method                     ? 
_refine.ls_goodness_of_fit_all                   ? 
_refine.ls_goodness_of_fit_all_esd               ? 
_refine.ls_goodness_of_fit_obs                   ? 
_refine.ls_goodness_of_fit_obs_esd               ? 
_refine.ls_hydrogen_treatment                    ? 
_refine.ls_matrix_type                           ? 
_refine.ls_number_constraints                    ? 
_refine.ls_number_parameters                     ? 
_refine.ls_number_reflns_all                     ? 
_refine.ls_number_reflns_obs                     4111 
_refine.ls_number_reflns_R_free                  414 
_refine.ls_number_reflns_R_work                  3697 
_refine.ls_number_restraints                     ? 
_refine.ls_percent_reflns_obs                    92.8800 
_refine.ls_percent_reflns_R_free                 10.0700 
_refine.ls_R_factor_all                          ? 
_refine.ls_R_factor_obs                          0.2602 
_refine.ls_R_factor_R_free                       0.2687 
_refine.ls_R_factor_R_free_error                 ? 
_refine.ls_R_factor_R_free_error_details         ? 
_refine.ls_R_factor_R_work                       0.2592 
_refine.ls_R_Fsqd_factor_obs                     ? 
_refine.ls_R_I_factor_obs                        ? 
_refine.ls_redundancy_reflns_all                 ? 
_refine.ls_redundancy_reflns_obs                 ? 
_refine.ls_restrained_S_all                      ? 
_refine.ls_restrained_S_obs                      ? 
_refine.ls_shift_over_esd_max                    ? 
_refine.ls_shift_over_esd_mean                   ? 
_refine.ls_structure_factor_coef                 ? 
_refine.ls_weighting_details                     ? 
_refine.ls_weighting_scheme                      ? 
_refine.ls_wR_factor_all                         ? 
_refine.ls_wR_factor_obs                         ? 
_refine.ls_wR_factor_R_free                      ? 
_refine.ls_wR_factor_R_work                      ? 
_refine.occupancy_max                            ? 
_refine.occupancy_min                            ? 
_refine.solvent_model_details                    'FLAT BULK SOLVENT MODEL' 
_refine.solvent_model_param_bsol                 ? 
_refine.solvent_model_param_ksol                 ? 
_refine.pdbx_R_complete                          ? 
_refine.ls_R_factor_gt                           ? 
_refine.ls_goodness_of_fit_gt                    ? 
_refine.ls_goodness_of_fit_ref                   ? 
_refine.ls_shift_over_su_max                     ? 
_refine.ls_shift_over_su_max_lt                  ? 
_refine.ls_shift_over_su_mean                    ? 
_refine.ls_shift_over_su_mean_lt                 ? 
_refine.pdbx_ls_sigma_I                          ? 
_refine.pdbx_ls_sigma_F                          1.990 
_refine.pdbx_ls_sigma_Fsqd                       ? 
_refine.pdbx_data_cutoff_high_absF               ? 
_refine.pdbx_data_cutoff_high_rms_absF           ? 
_refine.pdbx_data_cutoff_low_absF                ? 
_refine.pdbx_isotropic_thermal_model             ? 
_refine.pdbx_ls_cross_valid_method               THROUGHOUT 
_refine.pdbx_method_to_determine_struct          'MOLECULAR REPLACEMENT' 
_refine.pdbx_starting_model                      6XNA 
_refine.pdbx_stereochemistry_target_values       ML 
_refine.pdbx_R_Free_selection_details            ? 
_refine.pdbx_stereochem_target_val_spec_case     ? 
_refine.pdbx_overall_ESU_R                       ? 
_refine.pdbx_overall_ESU_R_Free                  ? 
_refine.pdbx_solvent_vdw_probe_radii             1.1100 
_refine.pdbx_solvent_ion_probe_radii             ? 
_refine.pdbx_solvent_shrinkage_radii             0.9000 
_refine.pdbx_real_space_R                        ? 
_refine.pdbx_density_correlation                 ? 
_refine.pdbx_pd_number_of_powder_patterns        ? 
_refine.pdbx_pd_number_of_points                 ? 
_refine.pdbx_pd_meas_number_of_points            ? 
_refine.pdbx_pd_proc_ls_prof_R_factor            ? 
_refine.pdbx_pd_proc_ls_prof_wR_factor           ? 
_refine.pdbx_pd_Marquardt_correlation_coeff      ? 
_refine.pdbx_pd_Fsqrd_R_factor                   ? 
_refine.pdbx_pd_ls_matrix_band_width             ? 
_refine.pdbx_overall_phase_error                 43.1600 
_refine.pdbx_overall_SU_R_free_Cruickshank_DPI   ? 
_refine.pdbx_overall_SU_R_free_Blow_DPI          ? 
_refine.pdbx_overall_SU_R_Blow_DPI               ? 
_refine.pdbx_TLS_residual_ADP_flag               ? 
_refine.pdbx_diffrn_id                           1 
_refine.overall_SU_B                             ? 
_refine.overall_SU_ML                            0.3600 
_refine.overall_SU_R_Cruickshank_DPI             ? 
_refine.overall_SU_R_free                        ? 
_refine.overall_FOM_free_R_set                   ? 
_refine.overall_FOM_work_R_set                   ? 
_refine.pdbx_average_fsc_overall                 ? 
_refine.pdbx_average_fsc_work                    ? 
_refine.pdbx_average_fsc_free                    ? 
# 
_refine_hist.pdbx_refine_id                   'X-RAY DIFFRACTION' 
_refine_hist.cycle_id                         final 
_refine_hist.details                          ? 
_refine_hist.d_res_high                       3.0960 
_refine_hist.d_res_low                        35.1160 
_refine_hist.number_atoms_solvent             0 
_refine_hist.number_atoms_total               858 
_refine_hist.number_reflns_all                ? 
_refine_hist.number_reflns_obs                ? 
_refine_hist.number_reflns_R_free             ? 
_refine_hist.number_reflns_R_work             ? 
_refine_hist.R_factor_all                     ? 
_refine_hist.R_factor_obs                     ? 
_refine_hist.R_factor_R_free                  ? 
_refine_hist.R_factor_R_work                  ? 
_refine_hist.pdbx_number_residues_total       42 
_refine_hist.pdbx_B_iso_mean_ligand           182.53 
_refine_hist.pdbx_B_iso_mean_solvent          ? 
_refine_hist.pdbx_number_atoms_protein        0 
_refine_hist.pdbx_number_atoms_nucleic_acid   855 
_refine_hist.pdbx_number_atoms_ligand         3 
_refine_hist.pdbx_number_atoms_lipid          ? 
_refine_hist.pdbx_number_atoms_carb           ? 
_refine_hist.pdbx_pseudo_atom_details         ? 
# 
loop_
_refine_ls_restr.pdbx_refine_id 
_refine_ls_restr.criterion 
_refine_ls_restr.dev_ideal 
_refine_ls_restr.dev_ideal_target 
_refine_ls_restr.number 
_refine_ls_restr.rejects 
_refine_ls_restr.type 
_refine_ls_restr.weight 
_refine_ls_restr.pdbx_restraint_function 
'X-RAY DIFFRACTION' ? 0.005  ? 956  ? f_bond_d           ? ? 
'X-RAY DIFFRACTION' ? 0.740  ? 1467 ? f_angle_d          ? ? 
'X-RAY DIFFRACTION' ? 0.036  ? 166  ? f_chiral_restr     ? ? 
'X-RAY DIFFRACTION' ? 0.004  ? 42   ? f_plane_restr      ? ? 
'X-RAY DIFFRACTION' ? 33.161 ? 406  ? f_dihedral_angle_d ? ? 
# 
loop_
_refine_ls_shell.pdbx_refine_id 
_refine_ls_shell.d_res_high 
_refine_ls_shell.d_res_low 
_refine_ls_shell.number_reflns_all 
_refine_ls_shell.number_reflns_obs 
_refine_ls_shell.number_reflns_R_free 
_refine_ls_shell.number_reflns_R_work 
_refine_ls_shell.percent_reflns_obs 
_refine_ls_shell.percent_reflns_R_free 
_refine_ls_shell.R_factor_all 
_refine_ls_shell.R_factor_obs 
_refine_ls_shell.R_factor_R_free 
_refine_ls_shell.R_factor_R_free_error 
_refine_ls_shell.R_factor_R_work 
_refine_ls_shell.redundancy_reflns_all 
_refine_ls_shell.redundancy_reflns_obs 
_refine_ls_shell.wR_factor_all 
_refine_ls_shell.wR_factor_obs 
_refine_ls_shell.wR_factor_R_free 
_refine_ls_shell.wR_factor_R_work 
_refine_ls_shell.pdbx_R_complete 
_refine_ls_shell.pdbx_total_number_of_bins_used 
_refine_ls_shell.pdbx_phase_error 
_refine_ls_shell.pdbx_fsc_work 
_refine_ls_shell.pdbx_fsc_free 
'X-RAY DIFFRACTION' 3.0960 3.5437 . . 120 1048 79.0000  . . . 0.2690 0.0000 0.2952 . . . . . . . . . . . 
'X-RAY DIFFRACTION' 3.5437 4.4632 . . 148 1329 100.0000 . . . 0.3601 0.0000 0.3335 . . . . . . . . . . . 
'X-RAY DIFFRACTION' 4.4632 35.116 . . 146 1320 100.0000 . . . 0.2414 0.0000 0.2284 . . . . . . . . . . . 
# 
_struct.entry_id                     7JHS 
_struct.title                        
'Self-assembly of a 3D DNA crystal lattice (4x6 junction version) containing the J5 immobile Holliday junction with R3 symmetry' 
_struct.pdbx_model_details           ? 
_struct.pdbx_formula_weight          ? 
_struct.pdbx_formula_weight_method   ? 
_struct.pdbx_model_type_details      ? 
_struct.pdbx_CASP_flag               N 
# 
_struct_keywords.entry_id        7JHS 
_struct_keywords.text            
'Structural DNA nanotechnology, immobile Holliday junctions, 3D DNA self-assembly, designer DNA crystals, DNA' 
_struct_keywords.pdbx_keywords   DNA 
# 
loop_
_struct_asym.id 
_struct_asym.pdbx_blank_PDB_chainid_flag 
_struct_asym.pdbx_modified 
_struct_asym.entity_id 
_struct_asym.details 
A N N 1 ? 
B N N 2 ? 
C N N 3 ? 
D N N 4 ? 
E N N 5 ? 
F N N 5 ? 
G N N 5 ? 
# 
loop_
_struct_conn.id 
_struct_conn.conn_type_id 
_struct_conn.pdbx_leaving_atom_flag 
_struct_conn.pdbx_PDB_id 
_struct_conn.ptnr1_label_asym_id 
_struct_conn.ptnr1_label_comp_id 
_struct_conn.ptnr1_label_seq_id 
_struct_conn.ptnr1_label_atom_id 
_struct_conn.pdbx_ptnr1_label_alt_id 
_struct_conn.pdbx_ptnr1_PDB_ins_code 
_struct_conn.pdbx_ptnr1_standard_comp_id 
_struct_conn.ptnr1_symmetry 
_struct_conn.ptnr2_label_asym_id 
_struct_conn.ptnr2_label_comp_id 
_struct_conn.ptnr2_label_seq_id 
_struct_conn.ptnr2_label_atom_id 
_struct_conn.pdbx_ptnr2_label_alt_id 
_struct_conn.pdbx_ptnr2_PDB_ins_code 
_struct_conn.ptnr1_auth_asym_id 
_struct_conn.ptnr1_auth_comp_id 
_struct_conn.ptnr1_auth_seq_id 
_struct_conn.ptnr2_auth_asym_id 
_struct_conn.ptnr2_auth_comp_id 
_struct_conn.ptnr2_auth_seq_id 
_struct_conn.ptnr2_symmetry 
_struct_conn.pdbx_ptnr3_label_atom_id 
_struct_conn.pdbx_ptnr3_label_seq_id 
_struct_conn.pdbx_ptnr3_label_comp_id 
_struct_conn.pdbx_ptnr3_label_asym_id 
_struct_conn.pdbx_ptnr3_label_alt_id 
_struct_conn.pdbx_ptnr3_PDB_ins_code 
_struct_conn.details 
_struct_conn.pdbx_dist_value 
_struct_conn.pdbx_value_order 
_struct_conn.pdbx_role 
hydrog1  hydrog ? ? A DG 3  O6 ? ? ? 1_555 D DC 15 N4 ? ? A DG 3  D DC 16 1_555 ? ? ? ? ? ? 'DG-DC PAIR' ? ? ? 
hydrog2  hydrog ? ? A DC 4  N3 ? ? ? 1_555 D DG 14 N1 ? ? A DC 4  D DG 15 1_555 ? ? ? ? ? ? WATSON-CRICK ? ? ? 
hydrog3  hydrog ? ? A DC 4  N4 ? ? ? 1_555 D DG 14 O6 ? ? A DC 4  D DG 15 1_555 ? ? ? ? ? ? WATSON-CRICK ? ? ? 
hydrog4  hydrog ? ? A DC 4  O2 ? ? ? 1_555 D DG 14 N2 ? ? A DC 4  D DG 15 1_555 ? ? ? ? ? ? WATSON-CRICK ? ? ? 
hydrog5  hydrog ? ? A DA 5  N1 ? ? ? 1_555 D DT 13 N3 ? ? A DA 5  D DT 14 1_555 ? ? ? ? ? ? WATSON-CRICK ? ? ? 
hydrog6  hydrog ? ? A DA 5  N6 ? ? ? 1_555 D DT 13 O4 ? ? A DA 5  D DT 14 1_555 ? ? ? ? ? ? WATSON-CRICK ? ? ? 
hydrog7  hydrog ? ? A DG 6  N1 ? ? ? 1_555 D DC 12 N3 ? ? A DG 6  D DC 13 1_555 ? ? ? ? ? ? WATSON-CRICK ? ? ? 
hydrog8  hydrog ? ? A DG 6  N2 ? ? ? 1_555 D DC 12 O2 ? ? A DG 6  D DC 13 1_555 ? ? ? ? ? ? WATSON-CRICK ? ? ? 
hydrog9  hydrog ? ? A DG 6  O6 ? ? ? 1_555 D DC 12 N4 ? ? A DG 6  D DC 13 1_555 ? ? ? ? ? ? WATSON-CRICK ? ? ? 
hydrog10 hydrog ? ? A DA 7  N1 ? ? ? 1_555 D DT 11 N3 ? ? A DA 7  D DT 12 1_555 ? ? ? ? ? ? WATSON-CRICK ? ? ? 
hydrog11 hydrog ? ? A DA 7  N6 ? ? ? 1_555 D DT 11 O4 ? ? A DA 7  D DT 12 1_555 ? ? ? ? ? ? WATSON-CRICK ? ? ? 
hydrog12 hydrog ? ? A DC 8  N3 ? ? ? 1_555 D DG 10 N1 ? ? A DC 8  D DG 11 1_555 ? ? ? ? ? ? WATSON-CRICK ? ? ? 
hydrog13 hydrog ? ? A DC 8  N4 ? ? ? 1_555 D DG 10 O6 ? ? A DC 8  D DG 11 1_555 ? ? ? ? ? ? WATSON-CRICK ? ? ? 
hydrog14 hydrog ? ? A DC 8  O2 ? ? ? 1_555 D DG 10 N2 ? ? A DC 8  D DG 11 1_555 ? ? ? ? ? ? WATSON-CRICK ? ? ? 
hydrog15 hydrog ? ? A DC 9  N3 ? ? ? 1_555 D DG 9  N1 ? ? A DC 9  D DG 10 1_555 ? ? ? ? ? ? WATSON-CRICK ? ? ? 
hydrog16 hydrog ? ? A DC 9  N4 ? ? ? 1_555 D DG 9  O6 ? ? A DC 9  D DG 10 1_555 ? ? ? ? ? ? WATSON-CRICK ? ? ? 
hydrog17 hydrog ? ? A DC 9  O2 ? ? ? 1_555 D DG 9  N2 ? ? A DC 9  D DG 10 1_555 ? ? ? ? ? ? WATSON-CRICK ? ? ? 
hydrog18 hydrog ? ? A DC 10 N3 ? ? ? 1_555 C DG 3  N1 ? ? A DC 10 C DG 2  1_555 ? ? ? ? ? ? WATSON-CRICK ? ? ? 
hydrog19 hydrog ? ? A DC 10 N4 ? ? ? 1_555 C DG 3  O6 ? ? A DC 10 C DG 2  1_555 ? ? ? ? ? ? WATSON-CRICK ? ? ? 
hydrog20 hydrog ? ? A DC 10 O2 ? ? ? 1_555 C DG 3  N2 ? ? A DC 10 C DG 2  1_555 ? ? ? ? ? ? WATSON-CRICK ? ? ? 
hydrog21 hydrog ? ? A DG 11 N1 ? ? ? 1_555 C DC 2  N3 ? ? A DG 11 C DC 1  1_555 ? ? ? ? ? ? WATSON-CRICK ? ? ? 
hydrog22 hydrog ? ? A DG 11 N2 ? ? ? 1_555 C DC 2  O2 ? ? A DG 11 C DC 1  1_555 ? ? ? ? ? ? WATSON-CRICK ? ? ? 
hydrog23 hydrog ? ? A DG 11 O6 ? ? ? 1_555 C DC 2  N4 ? ? A DG 11 C DC 1  1_555 ? ? ? ? ? ? WATSON-CRICK ? ? ? 
hydrog24 hydrog ? ? A DA 12 N1 ? ? ? 1_555 C DT 1  N3 ? ? A DA 12 C DT 0  1_555 ? ? ? ? ? ? WATSON-CRICK ? ? ? 
hydrog25 hydrog ? ? A DA 12 N6 ? ? ? 1_555 C DT 1  O4 ? ? A DA 12 C DT 0  1_555 ? ? ? ? ? ? WATSON-CRICK ? ? ? 
hydrog26 hydrog ? ? B DC 1  N3 ? ? ? 1_555 C DG 6  N1 ? ? B DC 12 C DG 5  1_555 ? ? ? ? ? ? WATSON-CRICK ? ? ? 
hydrog27 hydrog ? ? B DC 1  N4 ? ? ? 1_555 C DG 6  O6 ? ? B DC 12 C DG 5  1_555 ? ? ? ? ? ? WATSON-CRICK ? ? ? 
hydrog28 hydrog ? ? B DC 1  O2 ? ? ? 1_555 C DG 6  N2 ? ? B DC 12 C DG 5  1_555 ? ? ? ? ? ? WATSON-CRICK ? ? ? 
hydrog29 hydrog ? ? B DG 2  N1 ? ? ? 1_555 C DC 5  N3 ? ? B DG 13 C DC 4  1_555 ? ? ? ? ? ? WATSON-CRICK ? ? ? 
hydrog30 hydrog ? ? B DG 2  N2 ? ? ? 1_555 C DC 5  O2 ? ? B DG 13 C DC 4  1_555 ? ? ? ? ? ? WATSON-CRICK ? ? ? 
hydrog31 hydrog ? ? B DG 2  O6 ? ? ? 1_555 C DC 5  N4 ? ? B DG 13 C DC 4  1_555 ? ? ? ? ? ? WATSON-CRICK ? ? ? 
hydrog32 hydrog ? ? B DG 3  N1 ? ? ? 1_555 C DC 4  N3 ? ? B DG 14 C DC 3  1_555 ? ? ? ? ? ? WATSON-CRICK ? ? ? 
hydrog33 hydrog ? ? B DG 3  N2 ? ? ? 1_555 C DC 4  O2 ? ? B DG 14 C DC 3  1_555 ? ? ? ? ? ? WATSON-CRICK ? ? ? 
hydrog34 hydrog ? ? B DG 3  O6 ? ? ? 1_555 C DC 4  N4 ? ? B DG 14 C DC 3  1_555 ? ? ? ? ? ? WATSON-CRICK ? ? ? 
hydrog35 hydrog ? ? B DG 4  N1 ? ? ? 1_555 D DC 8  N3 ? ? B DG 15 D DC 9  1_555 ? ? ? ? ? ? WATSON-CRICK ? ? ? 
hydrog36 hydrog ? ? B DG 4  N2 ? ? ? 1_555 D DC 8  O2 ? ? B DG 15 D DC 9  1_555 ? ? ? ? ? ? WATSON-CRICK ? ? ? 
hydrog37 hydrog ? ? B DG 4  O6 ? ? ? 1_555 D DC 8  N4 ? ? B DG 15 D DC 9  1_555 ? ? ? ? ? ? WATSON-CRICK ? ? ? 
hydrog38 hydrog ? ? B DA 5  N1 ? ? ? 1_555 D DT 7  N3 ? ? B DA 16 D DT 8  1_555 ? ? ? ? ? ? WATSON-CRICK ? ? ? 
hydrog39 hydrog ? ? B DA 5  N6 ? ? ? 1_555 D DT 7  O4 ? ? B DA 16 D DT 8  1_555 ? ? ? ? ? ? WATSON-CRICK ? ? ? 
hydrog40 hydrog ? ? B DC 6  N3 ? ? ? 1_555 D DG 6  N1 ? ? B DC 17 D DG 7  1_555 ? ? ? ? ? ? WATSON-CRICK ? ? ? 
hydrog41 hydrog ? ? B DC 6  N4 ? ? ? 1_555 D DG 6  O6 ? ? B DC 17 D DG 7  1_555 ? ? ? ? ? ? WATSON-CRICK ? ? ? 
hydrog42 hydrog ? ? B DC 6  O2 ? ? ? 1_555 D DG 6  N2 ? ? B DC 17 D DG 7  1_555 ? ? ? ? ? ? WATSON-CRICK ? ? ? 
hydrog43 hydrog ? ? B DT 7  N3 ? ? ? 1_555 D DA 5  N1 ? ? B DT 18 D DA 6  1_555 ? ? ? ? ? ? WATSON-CRICK ? ? ? 
hydrog44 hydrog ? ? B DT 7  O4 ? ? ? 1_555 D DA 5  N6 ? ? B DT 18 D DA 6  1_555 ? ? ? ? ? ? WATSON-CRICK ? ? ? 
hydrog45 hydrog ? ? B DC 8  N3 ? ? ? 1_555 D DG 4  N1 ? ? B DC 19 D DG 5  1_555 ? ? ? ? ? ? WATSON-CRICK ? ? ? 
hydrog46 hydrog ? ? B DC 8  N4 ? ? ? 1_555 D DG 4  O6 ? ? B DC 19 D DG 5  1_555 ? ? ? ? ? ? WATSON-CRICK ? ? ? 
hydrog47 hydrog ? ? B DC 8  O2 ? ? ? 1_555 D DG 4  N2 ? ? B DC 19 D DG 5  1_555 ? ? ? ? ? ? WATSON-CRICK ? ? ? 
# 
_struct_conn_type.id          hydrog 
_struct_conn_type.criteria    ? 
_struct_conn_type.reference   ? 
# 
_atom_sites.entry_id                    7JHS 
_atom_sites.Cartn_transf_matrix[1][1]   ? 
_atom_sites.Cartn_transf_matrix[1][2]   ? 
_atom_sites.Cartn_transf_matrix[1][3]   ? 
_atom_sites.Cartn_transf_matrix[2][1]   ? 
_atom_sites.Cartn_transf_matrix[2][2]   ? 
_atom_sites.Cartn_transf_matrix[2][3]   ? 
_atom_sites.Cartn_transf_matrix[3][1]   ? 
_atom_sites.Cartn_transf_matrix[3][2]   ? 
_atom_sites.Cartn_transf_matrix[3][3]   ? 
_atom_sites.Cartn_transf_vector[1]      ? 
_atom_sites.Cartn_transf_vector[2]      ? 
_atom_sites.Cartn_transf_vector[3]      ? 
_atom_sites.fract_transf_matrix[1][1]   -0.00385672 
_atom_sites.fract_transf_matrix[1][2]   -0.00928749 
_atom_sites.fract_transf_matrix[1][3]   -0.00026101 
_atom_sites.fract_transf_matrix[2][1]   0.00610313 
_atom_sites.fract_transf_matrix[2][2]   -0.00799136 
_atom_sites.fract_transf_matrix[2][3]   0.00030576 
_atom_sites.fract_transf_matrix[3][1]   -0.00113256 
_atom_sites.fract_transf_matrix[3][2]   -0.00009514 
_atom_sites.fract_transf_matrix[3][3]   0.02011992 
_atom_sites.fract_transf_vector[1]      0.163986 
_atom_sites.fract_transf_vector[2]      0.841208 
_atom_sites.fract_transf_vector[3]      -0.050348 
_atom_sites.solution_primary            ? 
_atom_sites.solution_secondary          ? 
_atom_sites.solution_hydrogens          ? 
_atom_sites.special_details             ? 
# 
loop_
_atom_type.symbol 
AS 
C  
N  
O  
P  
# 
loop_
_atom_site.group_PDB 
_atom_site.id 
_atom_site.type_symbol 
_atom_site.label_atom_id 
_atom_site.label_alt_id 
_atom_site.label_comp_id 
_atom_site.label_asym_id 
_atom_site.label_entity_id 
_atom_site.label_seq_id 
_atom_site.pdbx_PDB_ins_code 
_atom_site.Cartn_x 
_atom_site.Cartn_y 
_atom_site.Cartn_z 
_atom_site.occupancy 
_atom_site.B_iso_or_equiv 
_atom_site.pdbx_formal_charge 
_atom_site.auth_seq_id 
_atom_site.auth_comp_id 
_atom_site.auth_asym_id 
_atom_site.auth_atom_id 
_atom_site.pdbx_PDB_model_num 
ATOM   1   O  "O5'" . DG  A 1 1  ? 14.736  16.635  -22.694 1.00 168.56 ? 1   DG  A "O5'" 1 
ATOM   2   C  "C5'" . DG  A 1 1  ? 14.539  15.269  -22.337 1.00 168.66 ? 1   DG  A "C5'" 1 
ATOM   3   C  "C4'" . DG  A 1 1  ? 14.215  15.138  -20.860 1.00 159.73 ? 1   DG  A "C4'" 1 
ATOM   4   O  "O4'" . DG  A 1 1  ? 12.990  15.860  -20.569 1.00 158.32 ? 1   DG  A "O4'" 1 
ATOM   5   C  "C3'" . DG  A 1 1  ? 13.986  13.705  -20.372 1.00 143.09 ? 1   DG  A "C3'" 1 
ATOM   6   O  "O3'" . DG  A 1 1  ? 14.563  13.534  -19.085 1.00 149.73 ? 1   DG  A "O3'" 1 
ATOM   7   C  "C2'" . DG  A 1 1  ? 12.466  13.603  -20.320 1.00 133.98 ? 1   DG  A "C2'" 1 
ATOM   8   C  "C1'" . DG  A 1 1  ? 12.102  15.009  -19.881 1.00 119.08 ? 1   DG  A "C1'" 1 
ATOM   9   N  N9    . DG  A 1 1  ? 10.735  15.387  -20.216 1.00 103.82 ? 1   DG  A N9    1 
ATOM   10  C  C8    . DG  A 1 1  ? 10.085  15.170  -21.406 1.00 101.22 ? 1   DG  A C8    1 
ATOM   11  N  N7    . DG  A 1 1  ? 8.860   15.614  -21.417 1.00 94.91  ? 1   DG  A N7    1 
ATOM   12  C  C5    . DG  A 1 1  ? 8.685   16.163  -20.153 1.00 91.13  ? 1   DG  A C5    1 
ATOM   13  C  C6    . DG  A 1 1  ? 7.556   16.797  -19.584 1.00 88.80  ? 1   DG  A C6    1 
ATOM   14  O  O6    . DG  A 1 1  ? 6.451   17.008  -20.103 1.00 89.73  ? 1   DG  A O6    1 
ATOM   15  N  N1    . DG  A 1 1  ? 7.801   17.209  -18.277 1.00 85.33  ? 1   DG  A N1    1 
ATOM   16  C  C2    . DG  A 1 1  ? 8.987   17.030  -17.606 1.00 85.85  ? 1   DG  A C2    1 
ATOM   17  N  N2    . DG  A 1 1  ? 9.033   17.496  -16.349 1.00 84.50  ? 1   DG  A N2    1 
ATOM   18  N  N3    . DG  A 1 1  ? 10.054  16.440  -18.129 1.00 87.93  ? 1   DG  A N3    1 
ATOM   19  C  C4    . DG  A 1 1  ? 9.831   16.032  -19.402 1.00 92.50  ? 1   DG  A C4    1 
ATOM   20  P  P     . DA  A 1 2  ? 14.537  12.092  -18.377 1.00 140.72 ? 2   DA  A P     1 
ATOM   21  O  OP1   . DA  A 1 2  ? 15.646  12.048  -17.397 1.00 123.15 ? 2   DA  A OP1   1 
ATOM   22  O  OP2   . DA  A 1 2  ? 14.479  11.075  -19.453 1.00 135.79 ? 2   DA  A OP2   1 
ATOM   23  O  "O5'" . DA  A 1 2  ? 13.134  12.077  -17.604 1.00 122.34 ? 2   DA  A "O5'" 1 
ATOM   24  C  "C5'" . DA  A 1 2  ? 13.019  11.430  -16.347 1.00 119.60 ? 2   DA  A "C5'" 1 
ATOM   25  C  "C4'" . DA  A 1 2  ? 13.072  12.440  -15.212 1.00 119.17 ? 2   DA  A "C4'" 1 
ATOM   26  O  "O4'" . DA  A 1 2  ? 12.314  13.621  -15.571 1.00 108.60 ? 2   DA  A "O4'" 1 
ATOM   27  C  "C3'" . DA  A 1 2  ? 12.474  11.963  -13.903 1.00 125.86 ? 2   DA  A "C3'" 1 
ATOM   28  O  "O3'" . DA  A 1 2  ? 13.106  12.605  -12.808 1.00 138.35 ? 2   DA  A "O3'" 1 
ATOM   29  C  "C2'" . DA  A 1 2  ? 11.012  12.376  -14.024 1.00 110.36 ? 2   DA  A "C2'" 1 
ATOM   30  C  "C1'" . DA  A 1 2  ? 11.055  13.610  -14.924 1.00 102.39 ? 2   DA  A "C1'" 1 
ATOM   31  N  N9    . DA  A 1 2  ? 10.018  13.582  -15.944 1.00 95.28  ? 2   DA  A N9    1 
ATOM   32  C  C8    . DA  A 1 2  ? 10.117  13.036  -17.192 1.00 97.20  ? 2   DA  A C8    1 
ATOM   33  N  N7    . DA  A 1 2  ? 9.020   13.139  -17.901 1.00 89.23  ? 2   DA  A N7    1 
ATOM   34  C  C5    . DA  A 1 2  ? 8.139   13.793  -17.060 1.00 85.28  ? 2   DA  A C5    1 
ATOM   35  C  C6    . DA  A 1 2  ? 6.799   14.206  -17.221 1.00 84.79  ? 2   DA  A C6    1 
ATOM   36  N  N6    . DA  A 1 2  ? 6.100   14.004  -18.344 1.00 82.87  ? 2   DA  A N6    1 
ATOM   37  N  N1    . DA  A 1 2  ? 6.210   14.836  -16.184 1.00 85.53  ? 2   DA  A N1    1 
ATOM   38  C  C2    . DA  A 1 2  ? 6.916   15.037  -15.064 1.00 88.76  ? 2   DA  A C2    1 
ATOM   39  N  N3    . DA  A 1 2  ? 8.178   14.694  -14.794 1.00 85.25  ? 2   DA  A N3    1 
ATOM   40  C  C4    . DA  A 1 2  ? 8.735   14.070  -15.844 1.00 86.73  ? 2   DA  A C4    1 
ATOM   41  P  P     . DG  A 1 3  ? 13.042  11.950  -11.342 1.00 141.51 ? 3   DG  A P     1 
ATOM   42  O  OP1   . DG  A 1 3  ? 14.013  12.677  -10.496 1.00 137.23 ? 3   DG  A OP1   1 
ATOM   43  O  OP2   . DG  A 1 3  ? 13.151  10.480  -11.493 1.00 132.27 ? 3   DG  A OP2   1 
ATOM   44  O  "O5'" . DG  A 1 3  ? 11.555  12.268  -10.840 1.00 122.09 ? 3   DG  A "O5'" 1 
ATOM   45  C  "C5'" . DG  A 1 3  ? 11.102  13.619  -10.725 1.00 121.36 ? 3   DG  A "C5'" 1 
ATOM   46  C  "C4'" . DG  A 1 3  ? 9.728   13.677  -10.068 1.00 125.53 ? 3   DG  A "C4'" 1 
ATOM   47  O  "O4'" . DG  A 1 3  ? 8.682   13.713  -11.079 1.00 110.37 ? 3   DG  A "O4'" 1 
ATOM   48  C  "C3'" . DG  A 1 3  ? 9.387   12.501  -9.161  1.00 130.17 ? 3   DG  A "C3'" 1 
ATOM   49  O  "O3'" . DG  A 1 3  ? 8.612   12.969  -8.062  1.00 144.77 ? 3   DG  A "O3'" 1 
ATOM   50  C  "C2'" . DG  A 1 3  ? 8.566   11.596  -10.085 1.00 119.26 ? 3   DG  A "C2'" 1 
ATOM   51  C  "C1'" . DG  A 1 3  ? 7.786   12.628  -10.886 1.00 105.62 ? 3   DG  A "C1'" 1 
ATOM   52  N  N9    . DG  A 1 3  ? 7.359   12.171  -12.209 1.00 94.85  ? 3   DG  A N9    1 
ATOM   53  C  C8    . DG  A 1 3  ? 8.116   11.497  -13.131 1.00 93.97  ? 3   DG  A C8    1 
ATOM   54  N  N7    . DG  A 1 3  ? 7.491   11.253  -14.248 1.00 88.40  ? 3   DG  A N7    1 
ATOM   55  C  C5    . DG  A 1 3  ? 6.231   11.801  -14.056 1.00 86.24  ? 3   DG  A C5    1 
ATOM   56  C  C6    . DG  A 1 3  ? 5.116   11.838  -14.923 1.00 87.00  ? 3   DG  A C6    1 
ATOM   57  O  O6    . DG  A 1 3  ? 5.020   11.379  -16.069 1.00 87.07  ? 3   DG  A O6    1 
ATOM   58  N  N1    . DG  A 1 3  ? 4.034   12.491  -14.342 1.00 91.79  ? 3   DG  A N1    1 
ATOM   59  C  C2    . DG  A 1 3  ? 4.030   13.040  -13.081 1.00 92.97  ? 3   DG  A C2    1 
ATOM   60  N  N2    . DG  A 1 3  ? 2.889   13.629  -12.695 1.00 96.33  ? 3   DG  A N2    1 
ATOM   61  N  N3    . DG  A 1 3  ? 5.070   13.011  -12.256 1.00 89.84  ? 3   DG  A N3    1 
ATOM   62  C  C4    . DG  A 1 3  ? 6.134   12.377  -12.808 1.00 89.65  ? 3   DG  A C4    1 
ATOM   63  P  P     . DC  A 1 4  ? 8.677   12.234  -6.635  1.00 155.78 ? 4   DC  A P     1 
ATOM   64  O  OP1   . DC  A 1 4  ? 9.114   13.244  -5.644  1.00 172.23 ? 4   DC  A OP1   1 
ATOM   65  O  OP2   . DC  A 1 4  ? 9.461   10.988  -6.799  1.00 137.92 ? 4   DC  A OP2   1 
ATOM   66  O  "O5'" . DC  A 1 4  ? 7.149   11.850  -6.354  1.00 132.76 ? 4   DC  A "O5'" 1 
ATOM   67  C  "C5'" . DC  A 1 4  ? 6.335   11.409  -7.433  1.00 126.24 ? 4   DC  A "C5'" 1 
ATOM   68  C  "C4'" . DC  A 1 4  ? 4.872   11.716  -7.189  1.00 130.00 ? 4   DC  A "C4'" 1 
ATOM   69  O  "O4'" . DC  A 1 4  ? 4.193   11.815  -8.464  1.00 133.67 ? 4   DC  A "O4'" 1 
ATOM   70  C  "C3'" . DC  A 1 4  ? 4.121   10.634  -6.443  1.00 131.86 ? 4   DC  A "C3'" 1 
ATOM   71  O  "O3'" . DC  A 1 4  ? 2.936   11.172  -5.870  1.00 125.31 ? 4   DC  A "O3'" 1 
ATOM   72  C  "C2'" . DC  A 1 4  ? 3.807   9.658   -7.569  1.00 130.53 ? 4   DC  A "C2'" 1 
ATOM   73  C  "C1'" . DC  A 1 4  ? 3.509   10.602  -8.734  1.00 121.05 ? 4   DC  A "C1'" 1 
ATOM   74  N  N1    . DC  A 1 4  ? 3.971   10.078  -10.061 1.00 96.82  ? 4   DC  A N1    1 
ATOM   75  C  C2    . DC  A 1 4  ? 3.142   10.200  -11.183 1.00 94.01  ? 4   DC  A C2    1 
ATOM   76  O  O2    . DC  A 1 4  ? 2.036   10.742  -11.063 1.00 94.24  ? 4   DC  A O2    1 
ATOM   77  N  N3    . DC  A 1 4  ? 3.578   9.720   -12.376 1.00 91.43  ? 4   DC  A N3    1 
ATOM   78  C  C4    . DC  A 1 4  ? 4.776   9.139   -12.466 1.00 91.39  ? 4   DC  A C4    1 
ATOM   79  N  N4    . DC  A 1 4  ? 5.160   8.683   -13.664 1.00 90.49  ? 4   DC  A N4    1 
ATOM   80  C  C5    . DC  A 1 4  ? 5.634   9.004   -11.335 1.00 93.04  ? 4   DC  A C5    1 
ATOM   81  C  C6    . DC  A 1 4  ? 5.196   9.481   -10.164 1.00 97.77  ? 4   DC  A C6    1 
ATOM   82  P  P     . DA  A 1 5  ? 2.078   10.308  -4.822  1.00 123.98 ? 5   DA  A P     1 
ATOM   83  O  OP1   . DA  A 1 5  ? 1.862   11.140  -3.618  1.00 155.37 ? 5   DA  A OP1   1 
ATOM   84  O  OP2   . DA  A 1 5  ? 2.709   8.977   -4.685  1.00 120.27 ? 5   DA  A OP2   1 
ATOM   85  O  "O5'" . DA  A 1 5  ? 0.682   10.085  -5.567  1.00 119.36 ? 5   DA  A "O5'" 1 
ATOM   86  C  "C5'" . DA  A 1 5  ? -0.054  11.202  -6.050  1.00 117.38 ? 5   DA  A "C5'" 1 
ATOM   87  C  "C4'" . DA  A 1 5  ? -1.362  10.770  -6.705  1.00 118.52 ? 5   DA  A "C4'" 1 
ATOM   88  O  "O4'" . DA  A 1 5  ? -1.095  10.089  -7.952  1.00 113.44 ? 5   DA  A "O4'" 1 
ATOM   89  C  "C3'" . DA  A 1 5  ? -2.229  9.815   -5.900  1.00 120.81 ? 5   DA  A "C3'" 1 
ATOM   90  O  "O3'" . DA  A 1 5  ? -3.593  10.037  -6.219  1.00 124.73 ? 5   DA  A "O3'" 1 
ATOM   91  C  "C2'" . DA  A 1 5  ? -1.760  8.437   -6.372  1.00 117.01 ? 5   DA  A "C2'" 1 
ATOM   92  C  "C1'" . DA  A 1 5  ? -1.310  8.695   -7.813  1.00 107.42 ? 5   DA  A "C1'" 1 
ATOM   93  N  N9    . DA  A 1 5  ? -0.060  8.024   -8.155  1.00 101.12 ? 5   DA  A N9    1 
ATOM   94  C  C8    . DA  A 1 5  ? 0.967   7.721   -7.306  1.00 107.61 ? 5   DA  A C8    1 
ATOM   95  N  N7    . DA  A 1 5  ? 1.979   7.128   -7.890  1.00 98.57  ? 5   DA  A N7    1 
ATOM   96  C  C5    . DA  A 1 5  ? 1.595   7.043   -9.218  1.00 92.31  ? 5   DA  A C5    1 
ATOM   97  C  C6    . DA  A 1 5  ? 2.233   6.513   -10.358 1.00 89.35  ? 5   DA  A C6    1 
ATOM   98  N  N6    . DA  A 1 5  ? 3.447   5.953   -10.329 1.00 85.15  ? 5   DA  A N6    1 
ATOM   99  N  N1    . DA  A 1 5  ? 1.570   6.583   -11.534 1.00 88.19  ? 5   DA  A N1    1 
ATOM   100 C  C2    . DA  A 1 5  ? 0.355   7.146   -11.557 1.00 90.33  ? 5   DA  A C2    1 
ATOM   101 N  N3    . DA  A 1 5  ? -0.344  7.675   -10.552 1.00 90.81  ? 5   DA  A N3    1 
ATOM   102 C  C4    . DA  A 1 5  ? 0.338   7.591   -9.399  1.00 94.38  ? 5   DA  A C4    1 
ATOM   103 P  P     . DG  A 1 6  ? -4.752  9.207   -5.482  1.00 141.11 ? 6   DG  A P     1 
ATOM   104 O  OP1   . DG  A 1 6  ? -5.902  10.127  -5.339  1.00 133.31 ? 6   DG  A OP1   1 
ATOM   105 O  OP2   . DG  A 1 6  ? -4.185  8.554   -4.281  1.00 135.05 ? 6   DG  A OP2   1 
ATOM   106 O  "O5'" . DG  A 1 6  ? -5.129  8.074   -6.545  1.00 125.39 ? 6   DG  A "O5'" 1 
ATOM   107 C  "C5'" . DG  A 1 6  ? -5.607  8.454   -7.829  1.00 121.05 ? 6   DG  A "C5'" 1 
ATOM   108 C  "C4'" . DG  A 1 6  ? -5.551  7.293   -8.801  1.00 126.29 ? 6   DG  A "C4'" 1 
ATOM   109 O  "O4'" . DG  A 1 6  ? -4.164  6.933   -9.065  1.00 128.37 ? 6   DG  A "O4'" 1 
ATOM   110 C  "C3'" . DG  A 1 6  ? -6.236  6.002   -8.323  1.00 124.84 ? 6   DG  A "C3'" 1 
ATOM   111 O  "O3'" . DG  A 1 6  ? -6.991  5.444   -9.386  1.00 121.42 ? 6   DG  A "O3'" 1 
ATOM   112 C  "C2'" . DG  A 1 6  ? -5.055  5.107   -7.974  1.00 119.48 ? 6   DG  A "C2'" 1 
ATOM   113 C  "C1'" . DG  A 1 6  ? -4.082  5.532   -9.053  1.00 105.71 ? 6   DG  A "C1'" 1 
ATOM   114 N  N9    . DG  A 1 6  ? -2.705  5.106   -8.814  1.00 94.80  ? 6   DG  A N9    1 
ATOM   115 C  C8    . DG  A 1 6  ? -2.026  5.108   -7.617  1.00 93.12  ? 6   DG  A C8    1 
ATOM   116 N  N7    . DG  A 1 6  ? -0.808  4.646   -7.712  1.00 87.71  ? 6   DG  A N7    1 
ATOM   117 C  C5    . DG  A 1 6  ? -0.676  4.304   -9.054  1.00 85.64  ? 6   DG  A C5    1 
ATOM   118 C  C6    . DG  A 1 6  ? 0.423   3.752   -9.752  1.00 83.50  ? 6   DG  A C6    1 
ATOM   119 O  O6    . DG  A 1 6  ? 1.539   3.443   -9.309  1.00 86.25  ? 6   DG  A O6    1 
ATOM   120 N  N1    . DG  A 1 6  ? 0.136   3.563   -11.102 1.00 82.06  ? 6   DG  A N1    1 
ATOM   121 C  C2    . DG  A 1 6  ? -1.065  3.867   -11.700 1.00 89.12  ? 6   DG  A C2    1 
ATOM   122 N  N2    . DG  A 1 6  ? -1.156  3.612   -13.014 1.00 88.41  ? 6   DG  A N2    1 
ATOM   123 N  N3    . DG  A 1 6  ? -2.103  4.385   -11.057 1.00 87.40  ? 6   DG  A N3    1 
ATOM   124 C  C4    . DG  A 1 6  ? -1.839  4.577   -9.742  1.00 89.20  ? 6   DG  A C4    1 
ATOM   125 P  P     . DA  A 1 7  ? -8.228  4.463   -9.091  1.00 137.37 ? 7   DA  A P     1 
ATOM   126 O  OP1   . DA  A 1 7  ? -9.441  5.310   -9.043  1.00 126.52 ? 7   DA  A OP1   1 
ATOM   127 O  OP2   . DA  A 1 7  ? -7.895  3.590   -7.943  1.00 126.38 ? 7   DA  A OP2   1 
ATOM   128 O  "O5'" . DA  A 1 7  ? -8.292  3.549   -10.402 1.00 130.98 ? 7   DA  A "O5'" 1 
ATOM   129 C  "C5'" . DA  A 1 7  ? -8.286  4.162   -11.686 1.00 128.87 ? 7   DA  A "C5'" 1 
ATOM   130 C  "C4'" . DA  A 1 7  ? -7.483  3.338   -12.678 1.00 129.81 ? 7   DA  A "C4'" 1 
ATOM   131 O  "O4'" . DA  A 1 7  ? -6.086  3.317   -12.282 1.00 126.74 ? 7   DA  A "O4'" 1 
ATOM   132 C  "C3'" . DA  A 1 7  ? -7.923  1.880   -12.811 1.00 126.86 ? 7   DA  A "C3'" 1 
ATOM   133 O  "O3'" . DA  A 1 7  ? -8.033  1.538   -14.185 1.00 132.44 ? 7   DA  A "O3'" 1 
ATOM   134 C  "C2'" . DA  A 1 7  ? -6.808  1.096   -12.116 1.00 119.51 ? 7   DA  A "C2'" 1 
ATOM   135 C  "C1'" . DA  A 1 7  ? -5.598  1.995   -12.322 1.00 109.45 ? 7   DA  A "C1'" 1 
ATOM   136 N  N9    . DA  A 1 7  ? -4.597  1.847   -11.271 1.00 99.95  ? 7   DA  A N9    1 
ATOM   137 C  C8    . DA  A 1 7  ? -4.743  2.178   -9.955  1.00 99.05  ? 7   DA  A C8    1 
ATOM   138 N  N7    . DA  A 1 7  ? -3.680  1.936   -9.226  1.00 88.97  ? 7   DA  A N7    1 
ATOM   139 C  C5    . DA  A 1 7  ? -2.772  1.403   -10.126 1.00 86.27  ? 7   DA  A C5    1 
ATOM   140 C  C6    . DA  A 1 7  ? -1.451  0.935   -9.974  1.00 81.76  ? 7   DA  A C6    1 
ATOM   141 N  N6    . DA  A 1 7  ? -0.798  0.938   -8.807  1.00 77.40  ? 7   DA  A N6    1 
ATOM   142 N  N1    . DA  A 1 7  ? -0.825  0.463   -11.073 1.00 79.69  ? 7   DA  A N1    1 
ATOM   143 C  C2    . DA  A 1 7  ? -1.483  0.464   -12.240 1.00 83.85  ? 7   DA  A C2    1 
ATOM   144 N  N3    . DA  A 1 7  ? -2.724  0.875   -12.504 1.00 92.13  ? 7   DA  A N3    1 
ATOM   145 C  C4    . DA  A 1 7  ? -3.320  1.339   -11.394 1.00 92.39  ? 7   DA  A C4    1 
ATOM   146 P  P     . DC  A 1 8  ? -8.678  0.137   -14.635 1.00 141.79 ? 8   DC  A P     1 
ATOM   147 O  OP1   . DC  A 1 8  ? -9.180  0.317   -16.016 1.00 133.69 ? 8   DC  A OP1   1 
ATOM   148 O  OP2   . DC  A 1 8  ? -9.596  -0.324  -13.571 1.00 136.19 ? 8   DC  A OP2   1 
ATOM   149 O  "O5'" . DC  A 1 8  ? -7.432  -0.862  -14.649 1.00 123.09 ? 8   DC  A "O5'" 1 
ATOM   150 C  "C5'" . DC  A 1 8  ? -6.206  -0.446  -15.231 1.00 118.82 ? 8   DC  A "C5'" 1 
ATOM   151 C  "C4'" . DC  A 1 8  ? -5.111  -1.461  -14.972 1.00 118.76 ? 8   DC  A "C4'" 1 
ATOM   152 O  "O4'" . DC  A 1 8  ? -4.428  -1.166  -13.727 1.00 107.10 ? 8   DC  A "O4'" 1 
ATOM   153 C  "C3'" . DC  A 1 8  ? -5.581  -2.919  -14.862 1.00 116.91 ? 8   DC  A "C3'" 1 
ATOM   154 O  "O3'" . DC  A 1 8  ? -4.947  -3.693  -15.877 1.00 121.94 ? 8   DC  A "O3'" 1 
ATOM   155 C  "C2'" . DC  A 1 8  ? -5.132  -3.342  -13.453 1.00 110.78 ? 8   DC  A "C2'" 1 
ATOM   156 C  "C1'" . DC  A 1 8  ? -3.982  -2.385  -13.203 1.00 100.75 ? 8   DC  A "C1'" 1 
ATOM   157 N  N1    . DC  A 1 8  ? -3.631  -2.221  -11.756 1.00 90.71  ? 8   DC  A N1    1 
ATOM   158 C  C2    . DC  A 1 8  ? -2.375  -2.641  -11.303 1.00 84.83  ? 8   DC  A C2    1 
ATOM   159 O  O2    . DC  A 1 8  ? -1.576  -3.133  -12.109 1.00 84.37  ? 8   DC  A O2    1 
ATOM   160 N  N3    . DC  A 1 8  ? -2.066  -2.497  -9.989  1.00 79.79  ? 8   DC  A N3    1 
ATOM   161 C  C4    . DC  A 1 8  ? -2.954  -1.965  -9.149  1.00 83.15  ? 8   DC  A C4    1 
ATOM   162 N  N4    . DC  A 1 8  ? -2.603  -1.843  -7.864  1.00 80.44  ? 8   DC  A N4    1 
ATOM   163 C  C5    . DC  A 1 8  ? -4.241  -1.534  -9.589  1.00 86.99  ? 8   DC  A C5    1 
ATOM   164 C  C6    . DC  A 1 8  ? -4.538  -1.681  -10.889 1.00 90.64  ? 8   DC  A C6    1 
ATOM   165 P  P     . DC  A 1 9  ? -5.332  -5.237  -16.120 1.00 133.49 ? 9   DC  A P     1 
ATOM   166 O  OP1   . DC  A 1 9  ? -5.777  -5.362  -17.523 1.00 142.51 ? 9   DC  A OP1   1 
ATOM   167 O  OP2   . DC  A 1 9  ? -6.220  -5.711  -15.036 1.00 145.63 ? 9   DC  A OP2   1 
ATOM   168 O  "O5'" . DC  A 1 9  ? -3.927  -5.983  -15.970 1.00 117.31 ? 9   DC  A "O5'" 1 
ATOM   169 C  "C5'" . DC  A 1 9  ? -2.939  -5.423  -15.124 1.00 111.67 ? 9   DC  A "C5'" 1 
ATOM   170 C  "C4'" . DC  A 1 9  ? -1.666  -6.237  -15.138 1.00 112.40 ? 9   DC  A "C4'" 1 
ATOM   171 O  "O4'" . DC  A 1 9  ? -0.959  -6.006  -13.896 1.00 110.04 ? 9   DC  A "O4'" 1 
ATOM   172 C  "C3'" . DC  A 1 9  ? -1.864  -7.739  -15.201 1.00 114.18 ? 9   DC  A "C3'" 1 
ATOM   173 O  "O3'" . DC  A 1 9  ? -0.693  -8.355  -15.723 1.00 121.02 ? 9   DC  A "O3'" 1 
ATOM   174 C  "C2'" . DC  A 1 9  ? -2.079  -8.089  -13.733 1.00 114.28 ? 9   DC  A "C2'" 1 
ATOM   175 C  "C1'" . DC  A 1 9  ? -1.126  -7.119  -13.034 1.00 100.66 ? 9   DC  A "C1'" 1 
ATOM   176 N  N1    . DC  A 1 9  ? -1.633  -6.634  -11.707 1.00 89.65  ? 9   DC  A N1    1 
ATOM   177 C  C2    . DC  A 1 9  ? -0.812  -6.731  -10.581 1.00 84.55  ? 9   DC  A C2    1 
ATOM   178 O  O2    . DC  A 1 9  ? 0.323   -7.210  -10.699 1.00 84.31  ? 9   DC  A O2    1 
ATOM   179 N  N3    . DC  A 1 9  ? -1.282  -6.298  -9.383  1.00 80.16  ? 9   DC  A N3    1 
ATOM   180 C  C4    . DC  A 1 9  ? -2.512  -5.789  -9.295  1.00 83.65  ? 9   DC  A C4    1 
ATOM   181 N  N4    . DC  A 1 9  ? -2.929  -5.373  -8.093  1.00 82.35  ? 9   DC  A N4    1 
ATOM   182 C  C5    . DC  A 1 9  ? -3.366  -5.683  -10.430 1.00 86.36  ? 9   DC  A C5    1 
ATOM   183 C  C6    . DC  A 1 9  ? -2.891  -6.115  -11.606 1.00 89.50  ? 9   DC  A C6    1 
ATOM   184 P  P     . DC  A 1 10 ? -0.572  -9.955  -15.788 1.00 133.88 ? 10  DC  A P     1 
ATOM   185 O  OP1   . DC  A 1 10 ? 0.424   -10.288 -16.831 1.00 152.58 ? 10  DC  A OP1   1 
ATOM   186 O  OP2   . DC  A 1 10 ? -1.936  -10.525 -15.869 1.00 123.89 ? 10  DC  A OP2   1 
ATOM   187 O  "O5'" . DC  A 1 10 ? 0.020   -10.344 -14.356 1.00 124.31 ? 10  DC  A "O5'" 1 
ATOM   188 C  "C5'" . DC  A 1 10 ? 1.273   -9.823  -13.940 1.00 131.69 ? 10  DC  A "C5'" 1 
ATOM   189 C  "C4'" . DC  A 1 10 ? 1.916   -10.741 -12.919 1.00 140.50 ? 10  DC  A "C4'" 1 
ATOM   190 O  "O4'" . DC  A 1 10 ? 1.605   -10.284 -11.579 1.00 147.15 ? 10  DC  A "O4'" 1 
ATOM   191 C  "C3'" . DC  A 1 10 ? 1.466   -12.194 -12.987 1.00 144.12 ? 10  DC  A "C3'" 1 
ATOM   192 O  "O3'" . DC  A 1 10 ? 2.566   -13.034 -12.726 1.00 146.86 ? 10  DC  A "O3'" 1 
ATOM   193 C  "C2'" . DC  A 1 10 ? 0.405   -12.283 -11.888 1.00 139.09 ? 10  DC  A "C2'" 1 
ATOM   194 C  "C1'" . DC  A 1 10 ? 0.938   -11.299 -10.856 1.00 127.37 ? 10  DC  A "C1'" 1 
ATOM   195 N  N1    . DC  A 1 10 ? -0.124  -10.642 -10.043 1.00 98.81  ? 10  DC  A N1    1 
ATOM   196 C  C2    . DC  A 1 10 ? 0.095   -10.405 -8.682  1.00 90.10  ? 10  DC  A C2    1 
ATOM   197 O  O2    . DC  A 1 10 ? 1.159   -10.768 -8.165  1.00 90.61  ? 10  DC  A O2    1 
ATOM   198 N  N3    . DC  A 1 10 ? -0.874  -9.785  -7.961  1.00 86.43  ? 10  DC  A N3    1 
ATOM   199 C  C4    . DC  A 1 10 ? -2.009  -9.408  -8.554  1.00 88.87  ? 10  DC  A C4    1 
ATOM   200 N  N4    . DC  A 1 10 ? -2.933  -8.803  -7.803  1.00 91.17  ? 10  DC  A N4    1 
ATOM   201 C  C5    . DC  A 1 10 ? -2.247  -9.635  -9.940  1.00 91.03  ? 10  DC  A C5    1 
ATOM   202 C  C6    . DC  A 1 10 ? -1.285  -10.245 -10.641 1.00 96.47  ? 10  DC  A C6    1 
ATOM   203 P  P     . DG  A 1 11 ? 2.445   -14.624 -12.905 1.00 150.20 ? 11  DG  A P     1 
ATOM   204 O  OP1   . DG  A 1 11 ? 3.538   -15.058 -13.800 1.00 159.05 ? 11  DG  A OP1   1 
ATOM   205 O  OP2   . DG  A 1 11 ? 1.048   -14.991 -13.230 1.00 128.59 ? 11  DG  A OP2   1 
ATOM   206 O  "O5'" . DG  A 1 11 ? 2.755   -15.166 -11.445 1.00 122.65 ? 11  DG  A "O5'" 1 
ATOM   207 C  "C5'" . DG  A 1 11 ? 3.981   -14.843 -10.820 1.00 118.81 ? 11  DG  A "C5'" 1 
ATOM   208 C  "C4'" . DG  A 1 11 ? 4.055   -15.503 -9.464  1.00 112.25 ? 11  DG  A "C4'" 1 
ATOM   209 O  "O4'" . DG  A 1 11 ? 3.202   -14.780 -8.543  1.00 110.19 ? 11  DG  A "O4'" 1 
ATOM   210 C  "C3'" . DG  A 1 11 ? 3.589   -16.959 -9.444  1.00 104.34 ? 11  DG  A "C3'" 1 
ATOM   211 O  "O3'" . DG  A 1 11 ? 4.430   -17.736 -8.612  1.00 100.45 ? 11  DG  A "O3'" 1 
ATOM   212 C  "C2'" . DG  A 1 11 ? 2.163   -16.886 -8.906  1.00 97.59  ? 11  DG  A "C2'" 1 
ATOM   213 C  "C1'" . DG  A 1 11 ? 2.163   -15.608 -8.068  1.00 95.56  ? 11  DG  A "C1'" 1 
ATOM   214 N  N9    . DG  A 1 11 ? 0.899   -14.877 -8.161  1.00 93.06  ? 11  DG  A N9    1 
ATOM   215 C  C8    . DG  A 1 11 ? 0.093   -14.767 -9.269  1.00 95.87  ? 11  DG  A C8    1 
ATOM   216 N  N7    . DG  A 1 11 ? -0.988  -14.065 -9.061  1.00 90.54  ? 11  DG  A N7    1 
ATOM   217 C  C5    . DG  A 1 11 ? -0.895  -13.684 -7.729  1.00 84.25  ? 11  DG  A C5    1 
ATOM   218 C  C6    . DG  A 1 11 ? -1.778  -12.906 -6.939  1.00 83.72  ? 11  DG  A C6    1 
ATOM   219 O  O6    . DG  A 1 11 ? -2.851  -12.383 -7.272  1.00 86.40  ? 11  DG  A O6    1 
ATOM   220 N  N1    . DG  A 1 11 ? -1.308  -12.758 -5.637  1.00 80.93  ? 11  DG  A N1    1 
ATOM   221 C  C2    . DG  A 1 11 ? -0.135  -13.296 -5.159  1.00 80.62  ? 11  DG  A C2    1 
ATOM   222 N  N2    . DG  A 1 11 ? 0.151   -13.047 -3.873  1.00 80.01  ? 11  DG  A N2    1 
ATOM   223 N  N3    . DG  A 1 11 ? 0.700   -14.027 -5.888  1.00 81.57  ? 11  DG  A N3    1 
ATOM   224 C  C4    . DG  A 1 11 ? 0.259   -14.179 -7.158  1.00 84.42  ? 11  DG  A C4    1 
ATOM   225 P  P     . DA  A 1 12 ? 4.186   -19.316 -8.460  1.00 108.71 ? 12  DA  A P     1 
ATOM   226 O  OP1   . DA  A 1 12 ? 5.501   -19.926 -8.165  1.00 116.01 ? 12  DA  A OP1   1 
ATOM   227 O  OP2   . DA  A 1 12 ? 3.422   -19.804 -9.635  1.00 106.68 ? 12  DA  A OP2   1 
ATOM   228 O  "O5'" . DA  A 1 12 ? 3.303   -19.410 -7.130  1.00 102.84 ? 12  DA  A "O5'" 1 
ATOM   229 C  "C5'" . DA  A 1 12 ? 3.819   -18.831 -5.920  1.00 101.70 ? 12  DA  A "C5'" 1 
ATOM   230 C  "C4'" . DA  A 1 12 ? 2.758   -18.718 -4.851  1.00 95.61  ? 12  DA  A "C4'" 1 
ATOM   231 O  "O4'" . DA  A 1 12 ? 2.031   -17.483 -4.983  1.00 94.87  ? 12  DA  A "O4'" 1 
ATOM   232 C  "C3'" . DA  A 1 12 ? 1.672   -19.743 -4.916  1.00 95.48  ? 12  DA  A "C3'" 1 
ATOM   233 O  "O3'" . DA  A 1 12 ? 2.166   -20.984 -4.472  1.00 101.11 ? 12  DA  A "O3'" 1 
ATOM   234 C  "C2'" . DA  A 1 12 ? 0.690   -19.120 -3.935  1.00 90.89  ? 12  DA  A "C2'" 1 
ATOM   235 C  "C1'" . DA  A 1 12 ? 0.776   -17.645 -4.332  1.00 85.56  ? 12  DA  A "C1'" 1 
ATOM   236 N  N9    . DA  A 1 12 ? -0.281  -17.257 -5.251  1.00 83.41  ? 12  DA  A N9    1 
ATOM   237 C  C8    . DA  A 1 12 ? -0.345  -17.519 -6.588  1.00 84.19  ? 12  DA  A C8    1 
ATOM   238 N  N7    . DA  A 1 12 ? -1.424  -17.053 -7.169  1.00 83.12  ? 12  DA  A N7    1 
ATOM   239 C  C5    . DA  A 1 12 ? -2.120  -16.452 -6.135  1.00 82.06  ? 12  DA  A C5    1 
ATOM   240 C  C6    . DA  A 1 12 ? -3.348  -15.775 -6.090  1.00 81.54  ? 12  DA  A C6    1 
ATOM   241 N  N6    . DA  A 1 12 ? -4.119  -15.585 -7.163  1.00 86.45  ? 12  DA  A N6    1 
ATOM   242 N  N1    . DA  A 1 12 ? -3.755  -15.300 -4.896  1.00 80.04  ? 12  DA  A N1    1 
ATOM   243 C  C2    . DA  A 1 12 ? -2.978  -15.494 -3.824  1.00 81.03  ? 12  DA  A C2    1 
ATOM   244 N  N3    . DA  A 1 12 ? -1.806  -16.114 -3.745  1.00 75.43  ? 12  DA  A N3    1 
ATOM   245 C  C4    . DA  A 1 12 ? -1.430  -16.572 -4.945  1.00 80.44  ? 12  DA  A C4    1 
ATOM   246 P  P     . DC  B 2 1  ? -2.443  -18.836 15.208  1.00 116.58 ? 12  DC  B P     1 
ATOM   247 O  OP1   . DC  B 2 1  ? -3.306  -17.874 14.464  1.00 115.64 ? 12  DC  B OP1   1 
ATOM   248 O  OP2   . DC  B 2 1  ? -2.214  -20.208 14.666  1.00 112.38 ? 12  DC  B OP2   1 
ATOM   249 O  "O5'" . DC  B 2 1  ? -1.044  -18.095 15.481  1.00 100.31 ? 12  DC  B "O5'" 1 
ATOM   250 C  "C5'" . DC  B 2 1  ? -0.978  -16.697 15.347  1.00 88.61  ? 12  DC  B "C5'" 1 
ATOM   251 C  "C4'" . DC  B 2 1  ? 0.322   -16.149 15.912  1.00 85.58  ? 12  DC  B "C4'" 1 
ATOM   252 O  "O4'" . DC  B 2 1  ? 1.298   -16.079 14.868  1.00 83.91  ? 12  DC  B "O4'" 1 
ATOM   253 C  "C3'" . DC  B 2 1  ? 0.236   -14.725 16.437  1.00 92.11  ? 12  DC  B "C3'" 1 
ATOM   254 O  "O3'" . DC  B 2 1  ? -0.108  -14.761 17.819  1.00 98.43  ? 12  DC  B "O3'" 1 
ATOM   255 C  "C2'" . DC  B 2 1  ? 1.656   -14.167 16.216  1.00 89.97  ? 12  DC  B "C2'" 1 
ATOM   256 C  "C1'" . DC  B 2 1  ? 2.281   -15.135 15.211  1.00 81.98  ? 12  DC  B "C1'" 1 
ATOM   257 N  N1    . DC  B 2 1  ? 2.810   -14.500 13.944  1.00 81.35  ? 12  DC  B N1    1 
ATOM   258 C  C2    . DC  B 2 1  ? 4.012   -13.791 13.987  1.00 80.70  ? 12  DC  B C2    1 
ATOM   259 O  O2    . DC  B 2 1  ? 4.598   -13.664 15.067  1.00 78.65  ? 12  DC  B O2    1 
ATOM   260 N  N3    . DC  B 2 1  ? 4.495   -13.245 12.842  1.00 86.79  ? 12  DC  B N3    1 
ATOM   261 C  C4    . DC  B 2 1  ? 3.831   -13.400 11.694  1.00 93.95  ? 12  DC  B C4    1 
ATOM   262 N  N4    . DC  B 2 1  ? 4.353   -12.846 10.595  1.00 101.19 ? 12  DC  B N4    1 
ATOM   263 C  C5    . DC  B 2 1  ? 2.606   -14.131 11.624  1.00 84.10  ? 12  DC  B C5    1 
ATOM   264 C  C6    . DC  B 2 1  ? 2.136   -14.665 12.761  1.00 81.50  ? 12  DC  B C6    1 
ATOM   265 P  P     . DG  B 2 2  ? -0.982  -13.593 18.498  1.00 100.71 ? 13  DG  B P     1 
ATOM   266 O  OP1   . DG  B 2 2  ? -1.547  -14.127 19.761  1.00 101.50 ? 13  DG  B OP1   1 
ATOM   267 O  OP2   . DG  B 2 2  ? -1.894  -13.055 17.469  1.00 100.12 ? 13  DG  B OP2   1 
ATOM   268 O  "O5'" . DG  B 2 2  ? 0.080   -12.437 18.827  1.00 89.72  ? 13  DG  B "O5'" 1 
ATOM   269 C  "C5'" . DG  B 2 2  ? 1.264   -12.721 19.571  1.00 94.67  ? 13  DG  B "C5'" 1 
ATOM   270 C  "C4'" . DG  B 2 2  ? 2.353   -11.697 19.260  1.00 97.57  ? 13  DG  B "C4'" 1 
ATOM   271 O  "O4'" . DG  B 2 2  ? 2.819   -11.872 17.893  1.00 95.31  ? 13  DG  B "O4'" 1 
ATOM   272 C  "C3'" . DG  B 2 2  ? 1.940   -10.218 19.380  1.00 94.13  ? 13  DG  B "C3'" 1 
ATOM   273 O  "O3'" . DG  B 2 2  ? 2.939   -9.496  20.091  1.00 101.42 ? 13  DG  B "O3'" 1 
ATOM   274 C  "C2'" . DG  B 2 2  ? 1.868   -9.756  17.924  1.00 93.40  ? 13  DG  B "C2'" 1 
ATOM   275 C  "C1'" . DG  B 2 2  ? 2.962   -10.602 17.300  1.00 90.03  ? 13  DG  B "C1'" 1 
ATOM   276 N  N9    . DG  B 2 2  ? 2.859   -10.713 15.840  1.00 86.49  ? 13  DG  B N9    1 
ATOM   277 C  C8    . DG  B 2 2  ? 1.869   -11.332 15.116  1.00 85.23  ? 13  DG  B C8    1 
ATOM   278 N  N7    . DG  B 2 2  ? 2.038   -11.259 13.827  1.00 81.22  ? 13  DG  B N7    1 
ATOM   279 C  C5    . DG  B 2 2  ? 3.203   -10.522 13.679  1.00 81.54  ? 13  DG  B C5    1 
ATOM   280 C  C6    . DG  B 2 2  ? 3.878   -10.115 12.507  1.00 86.72  ? 13  DG  B C6    1 
ATOM   281 O  O6    . DG  B 2 2  ? 3.568   -10.336 11.326  1.00 86.04  ? 13  DG  B O6    1 
ATOM   282 N  N1    . DG  B 2 2  ? 5.023   -9.379  12.801  1.00 81.56  ? 13  DG  B N1    1 
ATOM   283 C  C2    . DG  B 2 2  ? 5.457   -9.078  14.071  1.00 76.02  ? 13  DG  B C2    1 
ATOM   284 N  N2    . DG  B 2 2  ? 6.584   -8.360  14.160  1.00 74.29  ? 13  DG  B N2    1 
ATOM   285 N  N3    . DG  B 2 2  ? 4.829   -9.451  15.178  1.00 79.09  ? 13  DG  B N3    1 
ATOM   286 C  C4    . DG  B 2 2  ? 3.717   -10.171 14.909  1.00 82.77  ? 13  DG  B C4    1 
ATOM   287 P  P     . DG  B 2 3  ? 2.533   -8.389  21.184  1.00 117.98 ? 14  DG  B P     1 
ATOM   288 O  OP1   . DG  B 2 3  ? 3.012   -8.881  22.495  1.00 119.35 ? 14  DG  B OP1   1 
ATOM   289 O  OP2   . DG  B 2 3  ? 1.102   -8.064  21.000  1.00 104.51 ? 14  DG  B OP2   1 
ATOM   290 O  "O5'" . DG  B 2 3  ? 3.384   -7.097  20.766  1.00 108.38 ? 14  DG  B "O5'" 1 
ATOM   291 C  "C5'" . DG  B 2 3  ? 3.055   -6.378  19.576  1.00 105.92 ? 14  DG  B "C5'" 1 
ATOM   292 C  "C4'" . DG  B 2 3  ? 4.309   -5.932  18.847  1.00 107.86 ? 14  DG  B "C4'" 1 
ATOM   293 O  "O4'" . DG  B 2 3  ? 4.436   -6.679  17.605  1.00 106.96 ? 14  DG  B "O4'" 1 
ATOM   294 C  "C3'" . DG  B 2 3  ? 4.337   -4.456  18.454  1.00 109.11 ? 14  DG  B "C3'" 1 
ATOM   295 O  "O3'" . DG  B 2 3  ? 5.666   -3.958  18.529  1.00 116.39 ? 14  DG  B "O3'" 1 
ATOM   296 C  "C2'" . DG  B 2 3  ? 3.830   -4.484  17.018  1.00 106.48 ? 14  DG  B "C2'" 1 
ATOM   297 C  "C1'" . DG  B 2 3  ? 4.418   -5.792  16.505  1.00 95.44  ? 14  DG  B "C1'" 1 
ATOM   298 N  N9    . DG  B 2 3  ? 3.628   -6.390  15.430  1.00 90.76  ? 14  DG  B N9    1 
ATOM   299 C  C8    . DG  B 2 3  ? 2.524   -7.197  15.564  1.00 88.67  ? 14  DG  B C8    1 
ATOM   300 N  N7    . DG  B 2 3  ? 2.013   -7.575  14.425  1.00 82.19  ? 14  DG  B N7    1 
ATOM   301 C  C5    . DG  B 2 3  ? 2.828   -6.979  13.473  1.00 80.78  ? 14  DG  B C5    1 
ATOM   302 C  C6    . DG  B 2 3  ? 2.763   -7.028  12.061  1.00 80.28  ? 14  DG  B C6    1 
ATOM   303 O  O6    . DG  B 2 3  ? 1.945   -7.631  11.352  1.00 78.97  ? 14  DG  B O6    1 
ATOM   304 N  N1    . DG  B 2 3  ? 3.781   -6.281  11.474  1.00 72.20  ? 14  DG  B N1    1 
ATOM   305 C  C2    . DG  B 2 3  ? 4.739   -5.575  12.163  1.00 76.86  ? 14  DG  B C2    1 
ATOM   306 N  N2    . DG  B 2 3  ? 5.639   -4.913  11.421  1.00 75.77  ? 14  DG  B N2    1 
ATOM   307 N  N3    . DG  B 2 3  ? 4.810   -5.519  13.487  1.00 79.67  ? 14  DG  B N3    1 
ATOM   308 C  C4    . DG  B 2 3  ? 3.825   -6.241  14.074  1.00 87.65  ? 14  DG  B C4    1 
ATOM   309 P  P     . DG  B 2 4  ? 5.949   -2.375  18.512  1.00 126.49 ? 15  DG  B P     1 
ATOM   310 O  OP1   . DG  B 2 4  ? 6.494   -2.021  19.839  1.00 151.29 ? 15  DG  B OP1   1 
ATOM   311 O  OP2   . DG  B 2 4  ? 4.746   -1.674  18.011  1.00 139.49 ? 15  DG  B OP2   1 
ATOM   312 O  "O5'" . DG  B 2 4  ? 7.111   -2.215  17.426  1.00 121.90 ? 15  DG  B "O5'" 1 
ATOM   313 C  "C5'" . DG  B 2 4  ? 7.036   -2.929  16.201  1.00 116.78 ? 15  DG  B "C5'" 1 
ATOM   314 C  "C4'" . DG  B 2 4  ? 7.018   -1.978  15.021  1.00 118.05 ? 15  DG  B "C4'" 1 
ATOM   315 O  "O4'" . DG  B 2 4  ? 6.190   -2.538  13.968  1.00 120.58 ? 15  DG  B "O4'" 1 
ATOM   316 C  "C3'" . DG  B 2 4  ? 6.440   -0.592  15.317  1.00 113.39 ? 15  DG  B "C3'" 1 
ATOM   317 O  "O3'" . DG  B 2 4  ? 7.168   0.395   14.605  1.00 115.32 ? 15  DG  B "O3'" 1 
ATOM   318 C  "C2'" . DG  B 2 4  ? 5.011   -0.707  14.801  1.00 114.16 ? 15  DG  B "C2'" 1 
ATOM   319 C  "C1'" . DG  B 2 4  ? 5.217   -1.590  13.586  1.00 103.78 ? 15  DG  B "C1'" 1 
ATOM   320 N  N9    . DG  B 2 4  ? 4.013   -2.300  13.165  1.00 87.72  ? 15  DG  B N9    1 
ATOM   321 C  C8    . DG  B 2 4  ? 3.132   -2.987  13.964  1.00 85.28  ? 15  DG  B C8    1 
ATOM   322 N  N7    . DG  B 2 4  ? 2.144   -3.526  13.302  1.00 79.14  ? 15  DG  B N7    1 
ATOM   323 C  C5    . DG  B 2 4  ? 2.386   -3.172  11.982  1.00 78.97  ? 15  DG  B C5    1 
ATOM   324 C  C6    . DG  B 2 4  ? 1.651   -3.468  10.809  1.00 78.77  ? 15  DG  B C6    1 
ATOM   325 O  O6    . DG  B 2 4  ? 0.608   -4.128  10.703  1.00 85.41  ? 15  DG  B O6    1 
ATOM   326 N  N1    . DG  B 2 4  ? 2.241   -2.911  9.676   1.00 95.73  ? 15  DG  B N1    1 
ATOM   327 C  C2    . DG  B 2 4  ? 3.397   -2.165  9.679   1.00 120.92 ? 15  DG  B C2    1 
ATOM   328 N  N2    . DG  B 2 4  ? 3.814   -1.714  8.486   1.00 114.16 ? 15  DG  B N2    1 
ATOM   329 N  N3    . DG  B 2 4  ? 4.096   -1.884  10.770  1.00 98.45  ? 15  DG  B N3    1 
ATOM   330 C  C4    . DG  B 2 4  ? 3.534   -2.417  11.881  1.00 84.41  ? 15  DG  B C4    1 
ATOM   331 P  P     . DA  B 2 5  ? 7.389   1.853   15.239  1.00 128.70 ? 16  DA  B P     1 
ATOM   332 O  OP1   . DA  B 2 5  ? 8.814   1.957   15.633  1.00 120.31 ? 16  DA  B OP1   1 
ATOM   333 O  OP2   . DA  B 2 5  ? 6.331   2.084   16.247  1.00 143.83 ? 16  DA  B OP2   1 
ATOM   334 O  "O5'" . DA  B 2 5  ? 7.129   2.833   14.002  1.00 110.30 ? 16  DA  B "O5'" 1 
ATOM   335 C  "C5'" . DA  B 2 5  ? 7.998   2.780   12.871  1.00 105.57 ? 16  DA  B "C5'" 1 
ATOM   336 C  "C4'" . DA  B 2 5  ? 7.291   3.236   11.605  1.00 106.29 ? 16  DA  B "C4'" 1 
ATOM   337 O  "O4'" . DA  B 2 5  ? 6.217   2.310   11.291  1.00 111.46 ? 16  DA  B "O4'" 1 
ATOM   338 C  "C3'" . DA  B 2 5  ? 6.662   4.631   11.679  1.00 108.02 ? 16  DA  B "C3'" 1 
ATOM   339 O  "O3'" . DA  B 2 5  ? 6.956   5.379   10.495  1.00 111.62 ? 16  DA  B "O3'" 1 
ATOM   340 C  "C2'" . DA  B 2 5  ? 5.167   4.348   11.817  1.00 98.52  ? 16  DA  B "C2'" 1 
ATOM   341 C  "C1'" . DA  B 2 5  ? 5.012   3.019   11.091  1.00 98.44  ? 16  DA  B "C1'" 1 
ATOM   342 N  N9    . DA  B 2 5  ? 3.904   2.206   11.600  1.00 88.89  ? 16  DA  B N9    1 
ATOM   343 C  C8    . DA  B 2 5  ? 3.635   1.902   12.907  1.00 86.59  ? 16  DA  B C8    1 
ATOM   344 N  N7    . DA  B 2 5  ? 2.571   1.148   13.069  1.00 77.10  ? 16  DA  B N7    1 
ATOM   345 C  C5    . DA  B 2 5  ? 2.108   0.944   11.777  1.00 77.33  ? 16  DA  B C5    1 
ATOM   346 C  C6    . DA  B 2 5  ? 1.005   0.229   11.267  1.00 73.11  ? 16  DA  B C6    1 
ATOM   347 N  N6    . DA  B 2 5  ? 0.138   -0.440  12.032  1.00 69.66  ? 16  DA  B N6    1 
ATOM   348 N  N1    . DA  B 2 5  ? 0.830   0.227   9.927   1.00 68.45  ? 16  DA  B N1    1 
ATOM   349 C  C2    . DA  B 2 5  ? 1.700   0.899   9.162   1.00 75.55  ? 16  DA  B C2    1 
ATOM   350 N  N3    . DA  B 2 5  ? 2.768   1.606   9.528   1.00 84.90  ? 16  DA  B N3    1 
ATOM   351 C  C4    . DA  B 2 5  ? 2.920   1.590   10.862  1.00 82.52  ? 16  DA  B C4    1 
ATOM   352 P  P     . DC  B 2 6  ? 6.478   6.910   10.359  1.00 132.39 ? 17  DC  B P     1 
ATOM   353 O  OP1   . DC  B 2 6  ? 7.451   7.593   9.477   1.00 130.41 ? 17  DC  B OP1   1 
ATOM   354 O  OP2   . DC  B 2 6  ? 6.227   7.448   11.714  1.00 141.71 ? 17  DC  B OP2   1 
ATOM   355 O  "O5'" . DC  B 2 6  ? 5.077   6.805   9.591   1.00 107.74 ? 17  DC  B "O5'" 1 
ATOM   356 C  "C5'" . DC  B 2 6  ? 4.990   6.037   8.398   1.00 105.54 ? 17  DC  B "C5'" 1 
ATOM   357 C  "C4'" . DC  B 2 6  ? 3.545   5.857   7.956   1.00 108.48 ? 17  DC  B "C4'" 1 
ATOM   358 O  "O4'" . DC  B 2 6  ? 2.897   4.857   8.757   1.00 92.12  ? 17  DC  B "O4'" 1 
ATOM   359 C  "C3'" . DC  B 2 6  ? 2.655   7.092   8.088   1.00 101.81 ? 17  DC  B "C3'" 1 
ATOM   360 O  "O3'" . DC  B 2 6  ? 2.622   7.791   6.844   1.00 107.86 ? 17  DC  B "O3'" 1 
ATOM   361 C  "C2'" . DC  B 2 6  ? 1.267   6.523   8.471   1.00 95.06  ? 17  DC  B "C2'" 1 
ATOM   362 C  "C1'" . DC  B 2 6  ? 1.514   5.013   8.573   1.00 86.76  ? 17  DC  B "C1'" 1 
ATOM   363 N  N1    . DC  B 2 6  ? 0.788   4.334   9.705   1.00 74.90  ? 17  DC  B N1    1 
ATOM   364 C  C2    . DC  B 2 6  ? -0.322  3.523   9.428   1.00 72.10  ? 17  DC  B C2    1 
ATOM   365 O  O2    . DC  B 2 6  ? -0.688  3.378   8.256   1.00 69.63  ? 17  DC  B O2    1 
ATOM   366 N  N3    . DC  B 2 6  ? -0.966  2.909   10.457  1.00 64.96  ? 17  DC  B N3    1 
ATOM   367 C  C4    . DC  B 2 6  ? -0.539  3.082   11.708  1.00 67.72  ? 17  DC  B C4    1 
ATOM   368 N  N4    . DC  B 2 6  ? -1.203  2.455   12.687  1.00 70.25  ? 17  DC  B N4    1 
ATOM   369 C  C5    . DC  B 2 6  ? 0.590   3.904   12.011  1.00 74.32  ? 17  DC  B C5    1 
ATOM   370 C  C6    . DC  B 2 6  ? 1.218   4.505   10.990  1.00 78.31  ? 17  DC  B C6    1 
ATOM   371 P  P     . DT  B 2 7  ? 1.855   9.195   6.705   1.00 129.78 ? 18  DT  B P     1 
ATOM   372 O  OP1   . DT  B 2 7  ? 2.525   9.936   5.610   1.00 124.70 ? 18  DT  B OP1   1 
ATOM   373 O  OP2   . DT  B 2 7  ? 1.782   9.816   8.046   1.00 140.73 ? 18  DT  B OP2   1 
ATOM   374 O  "O5'" . DT  B 2 7  ? 0.378   8.772   6.235   1.00 103.11 ? 18  DT  B "O5'" 1 
ATOM   375 C  "C5'" . DT  B 2 7  ? 0.218   7.922   5.092   1.00 98.29  ? 18  DT  B "C5'" 1 
ATOM   376 C  "C4'" . DT  B 2 7  ? -1.180  7.305   5.020   1.00 100.24 ? 18  DT  B "C4'" 1 
ATOM   377 O  "O4'" . DT  B 2 7  ? -1.439  6.473   6.177   1.00 90.73  ? 18  DT  B "O4'" 1 
ATOM   378 C  "C3'" . DT  B 2 7  ? -2.355  8.291   4.927   1.00 105.22 ? 18  DT  B "C3'" 1 
ATOM   379 O  "O3'" . DT  B 2 7  ? -3.091  8.019   3.739   1.00 112.08 ? 18  DT  B "O3'" 1 
ATOM   380 C  "C2'" . DT  B 2 7  ? -3.187  7.999   6.191   1.00 100.41 ? 18  DT  B "C2'" 1 
ATOM   381 C  "C1'" . DT  B 2 7  ? -2.811  6.555   6.481   1.00 90.93  ? 18  DT  B "C1'" 1 
ATOM   382 N  N1    . DT  B 2 7  ? -3.007  6.115   7.905   1.00 77.05  ? 18  DT  B N1    1 
ATOM   383 C  C2    . DT  B 2 7  ? -3.952  5.152   8.193   1.00 76.97  ? 18  DT  B C2    1 
ATOM   384 O  O2    . DT  B 2 7  ? -4.676  4.652   7.346   1.00 83.22  ? 18  DT  B O2    1 
ATOM   385 N  N3    . DT  B 2 7  ? -4.027  4.797   9.516   1.00 68.62  ? 18  DT  B N3    1 
ATOM   386 C  C4    . DT  B 2 7  ? -3.264  5.291   10.558  1.00 72.52  ? 18  DT  B C4    1 
ATOM   387 O  O4    . DT  B 2 7  ? -3.408  4.910   11.717  1.00 71.73  ? 18  DT  B O4    1 
ATOM   388 C  C5    . DT  B 2 7  ? -2.286  6.288   10.190  1.00 71.76  ? 18  DT  B C5    1 
ATOM   389 C  C7    . DT  B 2 7  ? -1.400  6.895   11.236  1.00 68.44  ? 18  DT  B C7    1 
ATOM   390 C  C6    . DT  B 2 7  ? -2.204  6.645   8.896   1.00 75.23  ? 18  DT  B C6    1 
ATOM   391 P  P     . DC  B 2 8  ? -4.112  9.100   3.128   1.00 124.76 ? 19  DC  B P     1 
ATOM   392 O  OP1   . DC  B 2 8  ? -4.163  8.874   1.666   1.00 130.07 ? 19  DC  B OP1   1 
ATOM   393 O  OP2   . DC  B 2 8  ? -3.759  10.437  3.654   1.00 124.54 ? 19  DC  B OP2   1 
ATOM   394 O  "O5'" . DC  B 2 8  ? -5.517  8.687   3.765   1.00 119.59 ? 19  DC  B "O5'" 1 
ATOM   395 C  "C5'" . DC  B 2 8  ? -5.871  7.309   3.880   1.00 117.20 ? 19  DC  B "C5'" 1 
ATOM   396 C  "C4'" . DC  B 2 8  ? -7.202  7.160   4.593   1.00 132.25 ? 19  DC  B "C4'" 1 
ATOM   397 O  "O4'" . DC  B 2 8  ? -6.974  6.813   5.986   1.00 133.60 ? 19  DC  B "O4'" 1 
ATOM   398 C  "C3'" . DC  B 2 8  ? -8.068  8.423   4.603   1.00 134.57 ? 19  DC  B "C3'" 1 
ATOM   399 O  "O3'" . DC  B 2 8  ? -9.423  8.083   4.371   1.00 130.53 ? 19  DC  B "O3'" 1 
ATOM   400 C  "C2'" . DC  B 2 8  ? -7.868  8.963   6.014   1.00 133.13 ? 19  DC  B "C2'" 1 
ATOM   401 C  "C1'" . DC  B 2 8  ? -7.725  7.676   6.808   1.00 125.99 ? 19  DC  B "C1'" 1 
ATOM   402 N  N1    . DC  B 2 8  ? -6.999  7.855   8.099   1.00 100.40 ? 19  DC  B N1    1 
ATOM   403 C  C2    . DC  B 2 8  ? -7.209  6.955   9.152   1.00 97.94  ? 19  DC  B C2    1 
ATOM   404 O  O2    . DC  B 2 8  ? -7.994  6.011   8.998   1.00 91.09  ? 19  DC  B O2    1 
ATOM   405 N  N3    . DC  B 2 8  ? -6.538  7.144   10.317  1.00 84.68  ? 19  DC  B N3    1 
ATOM   406 C  C4    . DC  B 2 8  ? -5.701  8.176   10.444  1.00 94.73  ? 19  DC  B C4    1 
ATOM   407 N  N4    . DC  B 2 8  ? -5.062  8.324   11.609  1.00 91.73  ? 19  DC  B N4    1 
ATOM   408 C  C5    . DC  B 2 8  ? -5.478  9.103   9.385   1.00 91.61  ? 19  DC  B C5    1 
ATOM   409 C  C6    . DC  B 2 8  ? -6.142  8.908   8.243   1.00 99.52  ? 19  DC  B C6    1 
ATOM   410 P  P     . DA  B 2 9  ? -10.372 9.068   3.528   1.00 121.05 ? 20  DA  B P     1 
ATOM   411 O  OP1   . DA  B 2 9  ? -10.143 8.787   2.093   1.00 122.57 ? 20  DA  B OP1   1 
ATOM   412 O  OP2   . DA  B 2 9  ? -10.178 10.440  4.048   1.00 120.14 ? 20  DA  B OP2   1 
ATOM   413 O  "O5'" . DA  B 2 9  ? -11.844 8.587   3.921   1.00 123.07 ? 20  DA  B "O5'" 1 
ATOM   414 C  "C5'" . DA  B 2 9  ? -12.210 7.218   3.752   1.00 118.52 ? 20  DA  B "C5'" 1 
ATOM   415 C  "C4'" . DA  B 2 9  ? -12.846 6.662   5.016   1.00 119.00 ? 20  DA  B "C4'" 1 
ATOM   416 O  "O4'" . DA  B 2 9  ? -11.950 6.864   6.141   1.00 118.12 ? 20  DA  B "O4'" 1 
ATOM   417 C  "C3'" . DA  B 2 9  ? -14.172 7.309   5.413   1.00 124.70 ? 20  DA  B "C3'" 1 
ATOM   418 O  "O3'" . DA  B 2 9  ? -15.030 6.340   5.994   1.00 134.27 ? 20  DA  B "O3'" 1 
ATOM   419 C  "C2'" . DA  B 2 9  ? -13.743 8.350   6.436   1.00 120.12 ? 20  DA  B "C2'" 1 
ATOM   420 C  "C1'" . DA  B 2 9  ? -12.598 7.634   7.134   1.00 117.86 ? 20  DA  B "C1'" 1 
ATOM   421 N  N9    . DA  B 2 9  ? -11.625 8.547   7.719   1.00 110.02 ? 20  DA  B N9    1 
ATOM   422 C  C8    . DA  B 2 9  ? -11.061 9.641   7.124   1.00 110.02 ? 20  DA  B C8    1 
ATOM   423 N  N7    . DA  B 2 9  ? -10.214 10.283  7.893   1.00 105.36 ? 20  DA  B N7    1 
ATOM   424 C  C5    . DA  B 2 9  ? -10.229 9.563   9.076   1.00 99.09  ? 20  DA  B C5    1 
ATOM   425 C  C6    . DA  B 2 9  ? -9.547  9.729   10.296  1.00 93.03  ? 20  DA  B C6    1 
ATOM   426 N  N6    . DA  B 2 9  ? -8.681  10.720  10.525  1.00 95.60  ? 20  DA  B N6    1 
ATOM   427 N  N1    . DA  B 2 9  ? -9.789  8.832   11.275  1.00 88.95  ? 20  DA  B N1    1 
ATOM   428 C  C2    . DA  B 2 9  ? -10.658 7.842   11.039  1.00 92.13  ? 20  DA  B C2    1 
ATOM   429 N  N3    . DA  B 2 9  ? -11.360 7.585   9.938   1.00 100.13 ? 20  DA  B N3    1 
ATOM   430 C  C4    . DA  B 2 9  ? -11.097 8.491   8.985   1.00 101.65 ? 20  DA  B C4    1 
ATOM   431 P  P     . DT  C 3 1  ? -12.853 -9.648  -2.182  1.00 117.09 ? 0   DT  C P     1 
ATOM   432 O  OP1   . DT  C 3 1  ? -12.326 -8.853  -3.318  1.00 111.51 ? 0   DT  C OP1   1 
ATOM   433 O  OP2   . DT  C 3 1  ? -14.163 -10.330 -2.287  1.00 105.41 ? 0   DT  C OP2   1 
ATOM   434 O  "O5'" . DT  C 3 1  ? -11.767 -10.729 -1.711  1.00 103.13 ? 0   DT  C "O5'" 1 
ATOM   435 C  "C5'" . DT  C 3 1  ? -10.375 -10.470 -1.893  1.00 90.77  ? 0   DT  C "C5'" 1 
ATOM   436 C  "C4'" . DT  C 3 1  ? -9.544  -11.235 -0.878  1.00 90.53  ? 0   DT  C "C4'" 1 
ATOM   437 O  "O4'" . DT  C 3 1  ? -8.962  -12.408 -1.502  1.00 88.37  ? 0   DT  C "O4'" 1 
ATOM   438 C  "C3'" . DT  C 3 1  ? -8.392  -10.447 -0.277  1.00 89.43  ? 0   DT  C "C3'" 1 
ATOM   439 O  "O3'" . DT  C 3 1  ? -8.286  -10.726 1.114   1.00 91.05  ? 0   DT  C "O3'" 1 
ATOM   440 C  "C2'" . DT  C 3 1  ? -7.167  -10.921 -1.061  1.00 85.31  ? 0   DT  C "C2'" 1 
ATOM   441 C  "C1'" . DT  C 3 1  ? -7.551  -12.313 -1.543  1.00 82.20  ? 0   DT  C "C1'" 1 
ATOM   442 N  N1    . DT  C 3 1  ? -7.115  -12.587 -2.942  1.00 76.72  ? 0   DT  C N1    1 
ATOM   443 C  C2    . DT  C 3 1  ? -5.918  -13.225 -3.172  1.00 77.88  ? 0   DT  C C2    1 
ATOM   444 O  O2    . DT  C 3 1  ? -5.171  -13.590 -2.278  1.00 78.38  ? 0   DT  C O2    1 
ATOM   445 N  N3    . DT  C 3 1  ? -5.624  -13.429 -4.496  1.00 75.54  ? 0   DT  C N3    1 
ATOM   446 C  C4    . DT  C 3 1  ? -6.391  -13.059 -5.586  1.00 82.90  ? 0   DT  C C4    1 
ATOM   447 O  O4    . DT  C 3 1  ? -6.043  -13.286 -6.742  1.00 101.07 ? 0   DT  C O4    1 
ATOM   448 C  C5    . DT  C 3 1  ? -7.633  -12.394 -5.274  1.00 77.32  ? 0   DT  C C5    1 
ATOM   449 C  C7    . DT  C 3 1  ? -8.551  -11.948 -6.372  1.00 75.77  ? 0   DT  C C7    1 
ATOM   450 C  C6    . DT  C 3 1  ? -7.929  -12.194 -3.982  1.00 74.47  ? 0   DT  C C6    1 
ATOM   451 P  P     . DC  C 3 2  ? -7.294  -9.862  2.035   1.00 102.77 ? 1   DC  C P     1 
ATOM   452 O  OP1   . DC  C 3 2  ? -7.588  -10.166 3.454   1.00 91.24  ? 1   DC  C OP1   1 
ATOM   453 O  OP2   . DC  C 3 2  ? -7.368  -8.463  1.564   1.00 95.24  ? 1   DC  C OP2   1 
ATOM   454 O  "O5'" . DC  C 3 2  ? -5.853  -10.407 1.626   1.00 88.48  ? 1   DC  C "O5'" 1 
ATOM   455 C  "C5'" . DC  C 3 2  ? -4.988  -10.950 2.587   1.00 84.91  ? 1   DC  C "C5'" 1 
ATOM   456 C  "C4'" . DC  C 3 2  ? -3.562  -10.789 2.120   1.00 86.02  ? 1   DC  C "C4'" 1 
ATOM   457 O  "O4'" . DC  C 3 2  ? -3.458  -11.275 0.767   1.00 84.29  ? 1   DC  C "O4'" 1 
ATOM   458 C  "C3'" . DC  C 3 2  ? -3.073  -9.344  2.092   1.00 86.64  ? 1   DC  C "C3'" 1 
ATOM   459 O  "O3'" . DC  C 3 2  ? -2.167  -9.076  3.190   1.00 86.28  ? 1   DC  C "O3'" 1 
ATOM   460 C  "C2'" . DC  C 3 2  ? -2.412  -9.154  0.720   1.00 84.41  ? 1   DC  C "C2'" 1 
ATOM   461 C  "C1'" . DC  C 3 2  ? -2.516  -10.520 0.047   1.00 85.75  ? 1   DC  C "C1'" 1 
ATOM   462 N  N1    . DC  C 3 2  ? -2.966  -10.467 -1.391  1.00 84.25  ? 1   DC  C N1    1 
ATOM   463 C  C2    . DC  C 3 2  ? -2.210  -11.114 -2.374  1.00 82.39  ? 1   DC  C C2    1 
ATOM   464 O  O2    . DC  C 3 2  ? -1.173  -11.704 -2.046  1.00 86.51  ? 1   DC  C O2    1 
ATOM   465 N  N3    . DC  C 3 2  ? -2.632  -11.071 -3.665  1.00 79.34  ? 1   DC  C N3    1 
ATOM   466 C  C4    . DC  C 3 2  ? -3.757  -10.425 -3.979  1.00 81.30  ? 1   DC  C C4    1 
ATOM   467 N  N4    . DC  C 3 2  ? -4.133  -10.411 -5.263  1.00 77.04  ? 1   DC  C N4    1 
ATOM   468 C  C5    . DC  C 3 2  ? -4.546  -9.767  -2.992  1.00 78.46  ? 1   DC  C C5    1 
ATOM   469 C  C6    . DC  C 3 2  ? -4.117  -9.812  -1.723  1.00 80.96  ? 1   DC  C C6    1 
ATOM   470 P  P     . DG  C 3 3  ? -0.814  -9.923  3.452   1.00 82.10  ? 2   DG  C P     1 
ATOM   471 O  OP1   . DG  C 3 3  ? -0.866  -11.327 2.990   1.00 102.51 ? 2   DG  C OP1   1 
ATOM   472 O  OP2   . DG  C 3 3  ? -0.470  -9.663  4.865   1.00 74.46  ? 2   DG  C OP2   1 
ATOM   473 O  "O5'" . DG  C 3 3  ? 0.304   -9.189  2.584   1.00 77.28  ? 2   DG  C "O5'" 1 
ATOM   474 C  "C5'" . DG  C 3 3  ? 1.652   -9.653  2.670   1.00 86.26  ? 2   DG  C "C5'" 1 
ATOM   475 C  "C4'" . DG  C 3 3  ? 2.400   -9.407  1.374   1.00 89.66  ? 2   DG  C "C4'" 1 
ATOM   476 O  "O4'" . DG  C 3 3  ? 1.468   -9.440  0.262   1.00 88.71  ? 2   DG  C "O4'" 1 
ATOM   477 C  "C3'" . DG  C 3 3  ? 3.114   -8.052  1.298   1.00 82.17  ? 2   DG  C "C3'" 1 
ATOM   478 O  "O3'" . DG  C 3 3  ? 4.480   -8.217  0.905   1.00 84.38  ? 2   DG  C "O3'" 1 
ATOM   479 C  "C2'" . DG  C 3 3  ? 2.318   -7.284  0.251   1.00 81.04  ? 2   DG  C "C2'" 1 
ATOM   480 C  "C1'" . DG  C 3 3  ? 1.795   -8.403  -0.626  1.00 82.74  ? 2   DG  C "C1'" 1 
ATOM   481 N  N9    . DG  C 3 3  ? 0.608   -8.023  -1.378  1.00 82.68  ? 2   DG  C N9    1 
ATOM   482 C  C8    . DG  C 3 3  ? -0.446  -7.270  -0.929  1.00 89.71  ? 2   DG  C C8    1 
ATOM   483 N  N7    . DG  C 3 3  ? -1.370  -7.083  -1.826  1.00 82.38  ? 2   DG  C N7    1 
ATOM   484 C  C5    . DG  C 3 3  ? -0.890  -7.742  -2.949  1.00 82.12  ? 2   DG  C C5    1 
ATOM   485 C  C6    . DG  C 3 3  ? -1.461  -7.879  -4.233  1.00 80.76  ? 2   DG  C C6    1 
ATOM   486 O  O6    . DG  C 3 3  ? -2.540  -7.428  -4.643  1.00 87.14  ? 2   DG  C O6    1 
ATOM   487 N  N1    . DG  C 3 3  ? -0.647  -8.628  -5.082  1.00 78.57  ? 2   DG  C N1    1 
ATOM   488 C  C2    . DG  C 3 3  ? 0.566   -9.173  -4.728  1.00 82.28  ? 2   DG  C C2    1 
ATOM   489 N  N2    . DG  C 3 3  ? 1.208   -9.862  -5.682  1.00 101.74 ? 2   DG  C N2    1 
ATOM   490 N  N3    . DG  C 3 3  ? 1.112   -9.049  -3.524  1.00 82.73  ? 2   DG  C N3    1 
ATOM   491 C  C4    . DG  C 3 3  ? 0.331   -8.324  -2.691  1.00 81.34  ? 2   DG  C C4    1 
ATOM   492 P  P     . DC  C 3 4  ? 5.611   -8.593  1.988   1.00 103.06 ? 3   DC  C P     1 
ATOM   493 O  OP1   . DC  C 3 4  ? 6.745   -9.182  1.248   1.00 118.69 ? 3   DC  C OP1   1 
ATOM   494 O  OP2   . DC  C 3 4  ? 4.981   -9.351  3.089   1.00 82.63  ? 3   DC  C OP2   1 
ATOM   495 O  "O5'" . DC  C 3 4  ? 6.066   -7.187  2.600   1.00 95.74  ? 3   DC  C "O5'" 1 
ATOM   496 C  "C5'" . DC  C 3 4  ? 5.184   -6.498  3.479   1.00 88.57  ? 3   DC  C "C5'" 1 
ATOM   497 C  "C4'" . DC  C 3 4  ? 5.900   -5.448  4.309   1.00 79.88  ? 3   DC  C "C4'" 1 
ATOM   498 O  "O4'" . DC  C 3 4  ? 4.917   -4.690  5.071   1.00 82.82  ? 3   DC  C "O4'" 1 
ATOM   499 C  "C3'" . DC  C 3 4  ? 6.897   -6.003  5.320   1.00 90.41  ? 3   DC  C "C3'" 1 
ATOM   500 O  "O3'" . DC  C 3 4  ? 8.215   -5.790  4.836   1.00 92.47  ? 3   DC  C "O3'" 1 
ATOM   501 C  "C2'" . DC  C 3 4  ? 6.635   -5.181  6.585   1.00 82.57  ? 3   DC  C "C2'" 1 
ATOM   502 C  "C1'" . DC  C 3 4  ? 5.166   -4.802  6.450   1.00 74.74  ? 3   DC  C "C1'" 1 
ATOM   503 N  N1    . DC  C 3 4  ? 4.189   -5.801  7.049   1.00 64.13  ? 3   DC  C N1    1 
ATOM   504 C  C2    . DC  C 3 4  ? 4.181   -6.038  8.430   1.00 68.37  ? 3   DC  C C2    1 
ATOM   505 O  O2    . DC  C 3 4  ? 4.985   -5.442  9.157   1.00 69.78  ? 3   DC  C O2    1 
ATOM   506 N  N3    . DC  C 3 4  ? 3.288   -6.930  8.936   1.00 67.00  ? 3   DC  C N3    1 
ATOM   507 C  C4    . DC  C 3 4  ? 2.435   -7.560  8.124   1.00 67.90  ? 3   DC  C C4    1 
ATOM   508 N  N4    . DC  C 3 4  ? 1.575   -8.428  8.669   1.00 63.52  ? 3   DC  C N4    1 
ATOM   509 C  C5    . DC  C 3 4  ? 2.426   -7.329  6.722   1.00 67.51  ? 3   DC  C C5    1 
ATOM   510 C  C6    . DC  C 3 4  ? 3.303   -6.446  6.234   1.00 63.06  ? 3   DC  C C6    1 
ATOM   511 P  P     . DC  C 3 5  ? 9.174   -7.025  4.471   1.00 95.15  ? 4   DC  C P     1 
ATOM   512 O  OP1   . DC  C 3 5  ? 10.004  -6.585  3.327   1.00 99.72  ? 4   DC  C OP1   1 
ATOM   513 O  OP2   . DC  C 3 5  ? 8.363   -8.255  4.338   1.00 93.10  ? 4   DC  C OP2   1 
ATOM   514 O  "O5'" . DC  C 3 5  ? 10.106  -7.160  5.762   1.00 88.15  ? 4   DC  C "O5'" 1 
ATOM   515 C  "C5'" . DC  C 3 5  ? 10.891  -6.046  6.175   1.00 88.01  ? 4   DC  C "C5'" 1 
ATOM   516 C  "C4'" . DC  C 3 5  ? 10.781  -5.838  7.671   1.00 91.54  ? 4   DC  C "C4'" 1 
ATOM   517 O  "O4'" . DC  C 3 5  ? 9.397   -5.910  8.052   1.00 90.13  ? 4   DC  C "O4'" 1 
ATOM   518 C  "C3'" . DC  C 3 5  ? 11.469  -6.902  8.503   1.00 95.88  ? 4   DC  C "C3'" 1 
ATOM   519 O  "O3'" . DC  C 3 5  ? 12.829  -6.531  8.718   1.00 107.85 ? 4   DC  C "O3'" 1 
ATOM   520 C  "C2'" . DC  C 3 5  ? 10.666  -6.894  9.808   1.00 86.72  ? 4   DC  C "C2'" 1 
ATOM   521 C  "C1'" . DC  C 3 5  ? 9.290   -6.375  9.382   1.00 82.84  ? 4   DC  C "C1'" 1 
ATOM   522 N  N1    . DC  C 3 5  ? 8.172   -7.385  9.449   1.00 71.24  ? 4   DC  C N1    1 
ATOM   523 C  C2    . DC  C 3 5  ? 7.690   -7.819  10.691  1.00 67.30  ? 4   DC  C C2    1 
ATOM   524 O  O2    . DC  C 3 5  ? 8.216   -7.397  11.728  1.00 61.94  ? 4   DC  C O2    1 
ATOM   525 N  N3    . DC  C 3 5  ? 6.660   -8.706  10.721  1.00 67.42  ? 4   DC  C N3    1 
ATOM   526 C  C4    . DC  C 3 5  ? 6.121   -9.143  9.578   1.00 73.65  ? 4   DC  C C4    1 
ATOM   527 N  N4    . DC  C 3 5  ? 5.112   -10.016 9.653   1.00 72.37  ? 4   DC  C N4    1 
ATOM   528 C  C5    . DC  C 3 5  ? 6.591   -8.700  8.309   1.00 74.54  ? 4   DC  C C5    1 
ATOM   529 C  C6    . DC  C 3 5  ? 7.604   -7.829  8.292   1.00 72.38  ? 4   DC  C C6    1 
ATOM   530 P  P     . DG  C 3 6  ? 13.981  -7.646  8.799   1.00 110.97 ? 5   DG  C P     1 
ATOM   531 O  OP1   . DG  C 3 6  ? 15.278  -6.930  8.723   1.00 114.37 ? 5   DG  C OP1   1 
ATOM   532 O  OP2   . DG  C 3 6  ? 13.668  -8.713  7.823   1.00 110.52 ? 5   DG  C OP2   1 
ATOM   533 O  "O5'" . DG  C 3 6  ? 13.798  -8.273  10.257  1.00 98.37  ? 5   DG  C "O5'" 1 
ATOM   534 C  "C5'" . DG  C 3 6  ? 13.799  -7.430  11.410  1.00 97.03  ? 5   DG  C "C5'" 1 
ATOM   535 C  "C4'" . DG  C 3 6  ? 13.537  -8.253  12.653  1.00 101.56 ? 5   DG  C "C4'" 1 
ATOM   536 O  "O4'" . DG  C 3 6  ? 12.119  -8.234  12.965  1.00 99.96  ? 5   DG  C "O4'" 1 
ATOM   537 C  "C3'" . DG  C 3 6  ? 13.895  -9.723  12.516  1.00 108.20 ? 5   DG  C "C3'" 1 
ATOM   538 O  "O3'" . DG  C 3 6  ? 15.254  -9.925  12.855  1.00 104.93 ? 5   DG  C "O3'" 1 
ATOM   539 C  "C2'" . DG  C 3 6  ? 12.956  -10.370 13.524  1.00 97.72  ? 5   DG  C "C2'" 1 
ATOM   540 C  "C1'" . DG  C 3 6  ? 11.693  -9.533  13.335  1.00 81.96  ? 5   DG  C "C1'" 1 
ATOM   541 N  N9    . DG  C 3 6  ? 10.805  -10.042 12.292  1.00 72.14  ? 5   DG  C N9    1 
ATOM   542 C  C8    . DG  C 3 6  ? 10.927  -9.860  10.935  1.00 73.85  ? 5   DG  C C8    1 
ATOM   543 N  N7    . DG  C 3 6  ? 9.980   -10.430 10.245  1.00 71.30  ? 5   DG  C N7    1 
ATOM   544 C  C5    . DG  C 3 6  ? 9.178   -11.030 11.206  1.00 68.79  ? 5   DG  C C5    1 
ATOM   545 C  C6    . DG  C 3 6  ? 7.998   -11.796 11.065  1.00 69.09  ? 5   DG  C C6    1 
ATOM   546 O  O6    . DG  C 3 6  ? 7.403   -12.106 10.022  1.00 70.72  ? 5   DG  C O6    1 
ATOM   547 N  N1    . DG  C 3 6  ? 7.509   -12.216 12.299  1.00 72.59  ? 5   DG  C N1    1 
ATOM   548 C  C2    . DG  C 3 6  ? 8.087   -11.929 13.514  1.00 72.97  ? 5   DG  C C2    1 
ATOM   549 N  N2    . DG  C 3 6  ? 7.474   -12.418 14.599  1.00 72.77  ? 5   DG  C N2    1 
ATOM   550 N  N3    . DG  C 3 6  ? 9.190   -11.213 13.658  1.00 68.62  ? 5   DG  C N3    1 
ATOM   551 C  C4    . DG  C 3 6  ? 9.679   -10.798 12.469  1.00 70.74  ? 5   DG  C C4    1 
ATOM   552 O  "O5'" . DT  D 4 1  ? -4.869  19.128  17.419  1.00 129.52 ? 2   DT  D "O5'" 1 
ATOM   553 C  "C5'" . DT  D 4 1  ? -4.801  17.783  17.857  1.00 133.86 ? 2   DT  D "C5'" 1 
ATOM   554 C  "C4'" . DT  D 4 1  ? -5.786  17.534  18.982  1.00 133.11 ? 2   DT  D "C4'" 1 
ATOM   555 O  "O4'" . DT  D 4 1  ? -7.116  17.907  18.550  1.00 128.21 ? 2   DT  D "O4'" 1 
ATOM   556 C  "C3'" . DT  D 4 1  ? -5.871  16.086  19.429  1.00 130.66 ? 2   DT  D "C3'" 1 
ATOM   557 O  "O3'" . DT  D 4 1  ? -4.979  15.882  20.531  1.00 140.94 ? 2   DT  D "O3'" 1 
ATOM   558 C  "C2'" . DT  D 4 1  ? -7.338  15.920  19.843  1.00 121.06 ? 2   DT  D "C2'" 1 
ATOM   559 C  "C1'" . DT  D 4 1  ? -8.074  16.970  18.999  1.00 119.48 ? 2   DT  D "C1'" 1 
ATOM   560 N  N1    . DT  D 4 1  ? -8.796  16.430  17.792  1.00 112.47 ? 2   DT  D N1    1 
ATOM   561 C  C2    . DT  D 4 1  ? -9.790  15.479  17.936  1.00 107.65 ? 2   DT  D C2    1 
ATOM   562 O  O2    . DT  D 4 1  ? -10.128 15.010  19.011  1.00 107.49 ? 2   DT  D O2    1 
ATOM   563 N  N3    . DT  D 4 1  ? -10.377 15.087  16.758  1.00 98.65  ? 2   DT  D N3    1 
ATOM   564 C  C4    . DT  D 4 1  ? -10.087 15.546  15.488  1.00 99.38  ? 2   DT  D C4    1 
ATOM   565 O  O4    . DT  D 4 1  ? -10.666 15.129  14.488  1.00 96.41  ? 2   DT  D O4    1 
ATOM   566 C  C5    . DT  D 4 1  ? -9.047  16.539  15.408  1.00 108.27 ? 2   DT  D C5    1 
ATOM   567 C  C7    . DT  D 4 1  ? -8.646  17.105  14.082  1.00 107.69 ? 2   DT  D C7    1 
ATOM   568 C  C6    . DT  D 4 1  ? -8.466  16.932  16.551  1.00 115.57 ? 2   DT  D C6    1 
ATOM   569 P  P     . DC  D 4 2  ? -4.391  14.422  20.857  1.00 162.18 ? 3   DC  D P     1 
ATOM   570 O  OP1   . DC  D 4 2  ? -3.727  14.516  22.179  1.00 159.65 ? 3   DC  D OP1   1 
ATOM   571 O  OP2   . DC  D 4 2  ? -3.620  13.959  19.680  1.00 175.94 ? 3   DC  D OP2   1 
ATOM   572 O  "O5'" . DC  D 4 2  ? -5.699  13.519  21.024  1.00 132.58 ? 3   DC  D "O5'" 1 
ATOM   573 C  "C5'" . DC  D 4 2  ? -5.598  12.170  21.451  1.00 126.57 ? 3   DC  D "C5'" 1 
ATOM   574 C  "C4'" . DC  D 4 2  ? -6.970  11.628  21.812  1.00 125.33 ? 3   DC  D "C4'" 1 
ATOM   575 O  "O4'" . DC  D 4 2  ? -7.970  12.253  20.966  1.00 119.60 ? 3   DC  D "O4'" 1 
ATOM   576 C  "C3'" . DC  D 4 2  ? -7.138  10.128  21.635  1.00 120.84 ? 3   DC  D "C3'" 1 
ATOM   577 O  "O3'" . DC  D 4 2  ? -7.966  9.589   22.662  1.00 140.32 ? 3   DC  D "O3'" 1 
ATOM   578 C  "C2'" . DC  D 4 2  ? -7.781  9.997   20.255  1.00 111.88 ? 3   DC  D "C2'" 1 
ATOM   579 C  "C1'" . DC  D 4 2  ? -8.543  11.306  20.085  1.00 111.12 ? 3   DC  D "C1'" 1 
ATOM   580 N  N1    . DC  D 4 2  ? -8.459  11.843  18.692  1.00 105.87 ? 3   DC  D N1    1 
ATOM   581 C  C2    . DC  D 4 2  ? -9.417  11.470  17.743  1.00 103.26 ? 3   DC  D C2    1 
ATOM   582 O  O2    . DC  D 4 2  ? -10.339 10.712  18.075  1.00 91.98  ? 3   DC  D O2    1 
ATOM   583 N  N3    . DC  D 4 2  ? -9.314  11.957  16.480  1.00 94.37  ? 3   DC  D N3    1 
ATOM   584 C  C4    . DC  D 4 2  ? -8.309  12.774  16.158  1.00 94.78  ? 3   DC  D C4    1 
ATOM   585 N  N4    . DC  D 4 2  ? -8.250  13.228  14.901  1.00 91.69  ? 3   DC  D N4    1 
ATOM   586 C  C5    . DC  D 4 2  ? -7.318  13.158  17.109  1.00 105.84 ? 3   DC  D C5    1 
ATOM   587 C  C6    . DC  D 4 2  ? -7.429  12.670  18.351  1.00 108.10 ? 3   DC  D C6    1 
ATOM   588 P  P     . DT  D 4 3  ? -7.774  8.060   23.117  1.00 160.40 ? 4   DT  D P     1 
ATOM   589 O  OP1   . DT  D 4 3  ? -9.033  7.601   23.744  1.00 144.81 ? 4   DT  D OP1   1 
ATOM   590 O  OP2   . DT  D 4 3  ? -6.495  7.951   23.854  1.00 149.10 ? 4   DT  D OP2   1 
ATOM   591 O  "O5'" . DT  D 4 3  ? -7.583  7.280   21.736  1.00 141.97 ? 4   DT  D "O5'" 1 
ATOM   592 C  "C5'" . DT  D 4 3  ? -7.700  5.869   21.695  1.00 129.75 ? 4   DT  D "C5'" 1 
ATOM   593 C  "C4'" . DT  D 4 3  ? -9.073  5.461   21.195  1.00 127.93 ? 4   DT  D "C4'" 1 
ATOM   594 O  "O4'" . DT  D 4 3  ? -9.505  6.379   20.151  1.00 113.35 ? 4   DT  D "O4'" 1 
ATOM   595 C  "C3'" . DT  D 4 3  ? -9.140  4.068   20.579  1.00 133.32 ? 4   DT  D "C3'" 1 
ATOM   596 O  "O3'" . DT  D 4 3  ? -10.411 3.477   20.834  1.00 157.31 ? 4   DT  D "O3'" 1 
ATOM   597 C  "C2'" . DT  D 4 3  ? -8.940  4.359   19.098  1.00 117.04 ? 4   DT  D "C2'" 1 
ATOM   598 C  "C1'" . DT  D 4 3  ? -9.696  5.670   18.943  1.00 108.07 ? 4   DT  D "C1'" 1 
ATOM   599 N  N1    . DT  D 4 3  ? -9.234  6.520   17.786  1.00 92.57  ? 4   DT  D N1    1 
ATOM   600 C  C2    . DT  D 4 3  ? -8.085  7.281   17.890  1.00 97.93  ? 4   DT  D C2    1 
ATOM   601 O  O2    . DT  D 4 3  ? -7.381  7.304   18.885  1.00 118.51 ? 4   DT  D O2    1 
ATOM   602 N  N3    . DT  D 4 3  ? -7.776  8.012   16.770  1.00 86.62  ? 4   DT  D N3    1 
ATOM   603 C  C4    . DT  D 4 3  ? -8.486  8.064   15.585  1.00 81.09  ? 4   DT  D C4    1 
ATOM   604 O  O4    . DT  D 4 3  ? -8.125  8.754   14.635  1.00 79.28  ? 4   DT  D O4    1 
ATOM   605 C  C5    . DT  D 4 3  ? -9.675  7.248   15.546  1.00 79.22  ? 4   DT  D C5    1 
ATOM   606 C  C7    . DT  D 4 3  ? -10.523 7.211   14.315  1.00 75.08  ? 4   DT  D C7    1 
ATOM   607 C  C6    . DT  D 4 3  ? -9.989  6.529   16.631  1.00 83.51  ? 4   DT  D C6    1 
ATOM   608 P  P     . DG  D 4 4  ? -10.585 1.880   20.762  1.00 172.11 ? 5   DG  D P     1 
ATOM   609 O  OP1   . DG  D 4 4  ? -11.869 1.532   21.414  1.00 170.83 ? 5   DG  D OP1   1 
ATOM   610 O  OP2   . DG  D 4 4  ? -9.331  1.259   21.244  1.00 185.01 ? 5   DG  D OP2   1 
ATOM   611 O  "O5'" . DG  D 4 4  ? -10.695 1.581   19.195  1.00 163.41 ? 5   DG  D "O5'" 1 
ATOM   612 C  "C5'" . DG  D 4 4  ? -11.765 2.137   18.434  1.00 155.22 ? 5   DG  D "C5'" 1 
ATOM   613 C  "C4'" . DG  D 4 4  ? -11.594 1.828   16.956  1.00 138.88 ? 5   DG  D "C4'" 1 
ATOM   614 O  "O4'" . DG  D 4 4  ? -10.839 2.894   16.313  1.00 114.48 ? 5   DG  D "O4'" 1 
ATOM   615 C  "C3'" . DG  D 4 4  ? -10.834 0.531   16.651  1.00 123.59 ? 5   DG  D "C3'" 1 
ATOM   616 O  "O3'" . DG  D 4 4  ? -11.447 -0.144  15.562  1.00 124.89 ? 5   DG  D "O3'" 1 
ATOM   617 C  "C2'" . DG  D 4 4  ? -9.453  1.042   16.267  1.00 109.24 ? 5   DG  D "C2'" 1 
ATOM   618 C  "C1'" . DG  D 4 4  ? -9.831  2.310   15.525  1.00 96.51  ? 5   DG  D "C1'" 1 
ATOM   619 N  N9    . DG  D 4 4  ? -8.720  3.248   15.371  1.00 85.77  ? 5   DG  D N9    1 
ATOM   620 C  C8    . DG  D 4 4  ? -7.740  3.522   16.290  1.00 87.64  ? 5   DG  D C8    1 
ATOM   621 N  N7    . DG  D 4 4  ? -6.866  4.396   15.880  1.00 77.66  ? 5   DG  D N7    1 
ATOM   622 C  C5    . DG  D 4 4  ? -7.280  4.712   14.594  1.00 75.79  ? 5   DG  D C5    1 
ATOM   623 C  C6    . DG  D 4 4  ? -6.719  5.602   13.650  1.00 76.91  ? 5   DG  D C6    1 
ATOM   624 O  O6    . DG  D 4 4  ? -5.710  6.312   13.768  1.00 75.36  ? 5   DG  D O6    1 
ATOM   625 N  N1    . DG  D 4 4  ? -7.451  5.626   12.466  1.00 75.03  ? 5   DG  D N1    1 
ATOM   626 C  C2    . DG  D 4 4  ? -8.584  4.883   12.228  1.00 75.00  ? 5   DG  D C2    1 
ATOM   627 N  N2    . DG  D 4 4  ? -9.151  5.037   11.022  1.00 75.24  ? 5   DG  D N2    1 
ATOM   628 N  N3    . DG  D 4 4  ? -9.123  4.046   13.105  1.00 74.92  ? 5   DG  D N3    1 
ATOM   629 C  C4    . DG  D 4 4  ? -8.421  4.011   14.263  1.00 77.94  ? 5   DG  D C4    1 
ATOM   630 P  P     . DA  D 4 5  ? -11.123 -1.693  15.279  1.00 129.95 ? 6   DA  D P     1 
ATOM   631 O  OP1   . DA  D 4 5  ? -11.500 -2.463  16.483  1.00 128.85 ? 6   DA  D OP1   1 
ATOM   632 O  OP2   . DA  D 4 5  ? -9.747  -1.790  14.751  1.00 114.24 ? 6   DA  D OP2   1 
ATOM   633 O  "O5'" . DA  D 4 5  ? -12.122 -2.073  14.094  1.00 119.13 ? 6   DA  D "O5'" 1 
ATOM   634 C  "C5'" . DA  D 4 5  ? -12.601 -1.060  13.226  1.00 125.77 ? 6   DA  D "C5'" 1 
ATOM   635 C  "C4'" . DA  D 4 5  ? -11.656 -0.867  12.052  1.00 115.59 ? 6   DA  D "C4'" 1 
ATOM   636 O  "O4'" . DA  D 4 5  ? -10.630 0.085   12.394  1.00 109.91 ? 6   DA  D "O4'" 1 
ATOM   637 C  "C3'" . DA  D 4 5  ? -10.916 -2.130  11.594  1.00 112.24 ? 6   DA  D "C3'" 1 
ATOM   638 O  "O3'" . DA  D 4 5  ? -11.456 -2.569  10.346  1.00 113.99 ? 6   DA  D "O3'" 1 
ATOM   639 C  "C2'" . DA  D 4 5  ? -9.437  -1.694  11.474  1.00 102.98 ? 6   DA  D "C2'" 1 
ATOM   640 C  "C1'" . DA  D 4 5  ? -9.519  -0.174  11.580  1.00 97.16  ? 6   DA  D "C1'" 1 
ATOM   641 N  N9    . DA  D 4 5  ? -8.338  0.453   12.181  1.00 84.36  ? 6   DA  D N9    1 
ATOM   642 C  C8    . DA  D 4 5  ? -7.885  0.306   13.463  1.00 86.33  ? 6   DA  D C8    1 
ATOM   643 N  N7    . DA  D 4 5  ? -6.803  1.004   13.728  1.00 78.73  ? 6   DA  D N7    1 
ATOM   644 C  C5    . DA  D 4 5  ? -6.525  1.653   12.533  1.00 74.76  ? 6   DA  D C5    1 
ATOM   645 C  C6    . DA  D 4 5  ? -5.501  2.547   12.147  1.00 71.53  ? 6   DA  D C6    1 
ATOM   646 N  N6    . DA  D 4 5  ? -4.526  2.955   12.969  1.00 68.95  ? 6   DA  D N6    1 
ATOM   647 N  N1    . DA  D 4 5  ? -5.520  3.007   10.877  1.00 67.97  ? 6   DA  D N1    1 
ATOM   648 C  C2    . DA  D 4 5  ? -6.498  2.600   10.057  1.00 71.30  ? 6   DA  D C2    1 
ATOM   649 N  N3    . DA  D 4 5  ? -7.510  1.769   10.306  1.00 74.00  ? 6   DA  D N3    1 
ATOM   650 C  C4    . DA  D 4 5  ? -7.466  1.326   11.573  1.00 75.58  ? 6   DA  D C4    1 
ATOM   651 P  P     . DG  D 4 6  ? -10.728 -3.711  9.480   1.00 115.06 ? 7   DG  D P     1 
ATOM   652 O  OP1   . DG  D 4 6  ? -11.749 -4.285  8.578   1.00 115.14 ? 7   DG  D OP1   1 
ATOM   653 O  OP2   . DG  D 4 6  ? -9.982  -4.603  10.394  1.00 125.30 ? 7   DG  D OP2   1 
ATOM   654 O  "O5'" . DG  D 4 6  ? -9.676  -2.901  8.589   1.00 105.73 ? 7   DG  D "O5'" 1 
ATOM   655 C  "C5'" . DG  D 4 6  ? -10.097 -1.745  7.865   1.00 105.71 ? 7   DG  D "C5'" 1 
ATOM   656 C  "C4'" . DG  D 4 6  ? -9.032  -1.301  6.872   1.00 111.76 ? 7   DG  D "C4'" 1 
ATOM   657 O  "O4'" . DG  D 4 6  ? -8.045  -0.475  7.547   1.00 104.02 ? 7   DG  D "O4'" 1 
ATOM   658 C  "C3'" . DG  D 4 6  ? -8.248  -2.430  6.199   1.00 106.60 ? 7   DG  D "C3'" 1 
ATOM   659 O  "O3'" . DG  D 4 6  ? -7.988  -2.099  4.834   1.00 110.58 ? 7   DG  D "O3'" 1 
ATOM   660 C  "C2'" . DG  D 4 6  ? -6.960  -2.478  7.014   1.00 97.91  ? 7   DG  D "C2'" 1 
ATOM   661 C  "C1'" . DG  D 4 6  ? -6.754  -1.004  7.325   1.00 85.85  ? 7   DG  D "C1'" 1 
ATOM   662 N  N9    . DG  D 4 6  ? -5.946  -0.766  8.517   1.00 75.82  ? 7   DG  D N9    1 
ATOM   663 C  C8    . DG  D 4 6  ? -6.170  -1.267  9.776   1.00 76.77  ? 7   DG  D C8    1 
ATOM   664 N  N7    . DG  D 4 6  ? -5.282  -0.887  10.652  1.00 69.71  ? 7   DG  D N7    1 
ATOM   665 C  C5    . DG  D 4 6  ? -4.414  -0.078  9.932   1.00 65.30  ? 7   DG  D C5    1 
ATOM   666 C  C6    . DG  D 4 6  ? -3.255  0.618   10.352  1.00 66.13  ? 7   DG  D C6    1 
ATOM   667 O  O6    . DG  D 4 6  ? -2.752  0.660   11.485  1.00 69.49  ? 7   DG  D O6    1 
ATOM   668 N  N1    . DG  D 4 6  ? -2.665  1.318   9.304   1.00 60.24  ? 7   DG  D N1    1 
ATOM   669 C  C2    . DG  D 4 6  ? -3.135  1.341   8.010   1.00 68.01  ? 7   DG  D C2    1 
ATOM   670 N  N2    . DG  D 4 6  ? -2.429  2.071   7.135   1.00 64.65  ? 7   DG  D N2    1 
ATOM   671 N  N3    . DG  D 4 6  ? -4.220  0.692   7.602   1.00 65.89  ? 7   DG  D N3    1 
ATOM   672 C  C4    . DG  D 4 6  ? -4.808  0.006   8.613   1.00 67.17  ? 7   DG  D C4    1 
ATOM   673 P  P     . DT  D 4 7  ? -7.388  -3.202  3.832   1.00 102.20 ? 8   DT  D P     1 
ATOM   674 O  OP1   . DT  D 4 7  ? -8.061  -3.021  2.526   1.00 91.13  ? 8   DT  D OP1   1 
ATOM   675 O  OP2   . DT  D 4 7  ? -7.484  -4.512  4.518   1.00 102.13 ? 8   DT  D OP2   1 
ATOM   676 O  "O5'" . DT  D 4 7  ? -5.844  -2.783  3.680   1.00 90.53  ? 8   DT  D "O5'" 1 
ATOM   677 C  "C5'" . DT  D 4 7  ? -5.496  -1.569  3.001   1.00 84.34  ? 8   DT  D "C5'" 1 
ATOM   678 C  "C4'" . DT  D 4 7  ? -3.988  -1.335  3.005   1.00 80.32  ? 8   DT  D "C4'" 1 
ATOM   679 O  "O4'" . DT  D 4 7  ? -3.527  -1.030  4.352   1.00 78.76  ? 8   DT  D "O4'" 1 
ATOM   680 C  "C3'" . DT  D 4 7  ? -3.121  -2.507  2.518   1.00 77.43  ? 8   DT  D "C3'" 1 
ATOM   681 O  "O3'" . DT  D 4 7  ? -2.135  -2.021  1.606   1.00 72.09  ? 8   DT  D "O3'" 1 
ATOM   682 C  "C2'" . DT  D 4 7  ? -2.473  -3.010  3.811   1.00 78.16  ? 8   DT  D "C2'" 1 
ATOM   683 C  "C1'" . DT  D 4 7  ? -2.305  -1.703  4.556   1.00 64.68  ? 8   DT  D "C1'" 1 
ATOM   684 N  N1    . DT  D 4 7  ? -2.035  -1.840  6.037   1.00 56.48  ? 8   DT  D N1    1 
ATOM   685 C  C2    . DT  D 4 7  ? -0.973  -1.159  6.588   1.00 60.81  ? 8   DT  D C2    1 
ATOM   686 O  O2    . DT  D 4 7  ? -0.228  -0.448  5.935   1.00 60.45  ? 8   DT  D O2    1 
ATOM   687 N  N3    . DT  D 4 7  ? -0.805  -1.338  7.938   1.00 61.19  ? 8   DT  D N3    1 
ATOM   688 C  C4    . DT  D 4 7  ? -1.577  -2.117  8.778   1.00 63.00  ? 8   DT  D C4    1 
ATOM   689 O  O4    . DT  D 4 7  ? -1.345  -2.212  9.981   1.00 64.27  ? 8   DT  D O4    1 
ATOM   690 C  C5    . DT  D 4 7  ? -2.674  -2.808  8.144   1.00 62.24  ? 8   DT  D C5    1 
ATOM   691 C  C7    . DT  D 4 7  ? -3.582  -3.682  8.958   1.00 63.52  ? 8   DT  D C7    1 
ATOM   692 C  C6    . DT  D 4 7  ? -2.849  -2.643  6.818   1.00 60.32  ? 8   DT  D C6    1 
ATOM   693 P  P     . DC  D 4 8  ? -1.877  -2.757  0.203   1.00 79.09  ? 9   DC  D P     1 
ATOM   694 O  OP1   . DC  D 4 8  ? -2.692  -2.093  -0.837  1.00 75.69  ? 9   DC  D OP1   1 
ATOM   695 O  OP2   . DC  D 4 8  ? -2.002  -4.215  0.429   1.00 88.43  ? 9   DC  D OP2   1 
ATOM   696 O  "O5'" . DC  D 4 8  ? -0.337  -2.479  -0.077  1.00 78.16  ? 9   DC  D "O5'" 1 
ATOM   697 C  "C5'" . DC  D 4 8  ? 0.618   -3.400  0.394   1.00 79.49  ? 9   DC  D "C5'" 1 
ATOM   698 C  "C4'" . DC  D 4 8  ? 1.527   -2.770  1.426   1.00 75.21  ? 9   DC  D "C4'" 1 
ATOM   699 O  "O4'" . DC  D 4 8  ? 0.904   -2.840  2.740   1.00 71.94  ? 9   DC  D "O4'" 1 
ATOM   700 C  "C3'" . DC  D 4 8  ? 2.885   -3.467  1.566   1.00 75.27  ? 9   DC  D "C3'" 1 
ATOM   701 O  "O3'" . DC  D 4 8  ? 3.957   -2.547  1.340   1.00 86.42  ? 9   DC  D "O3'" 1 
ATOM   702 C  "C2'" . DC  D 4 8  ? 2.882   -4.009  2.994   1.00 75.74  ? 9   DC  D "C2'" 1 
ATOM   703 C  "C1'" . DC  D 4 8  ? 1.918   -3.073  3.688   1.00 64.48  ? 9   DC  D "C1'" 1 
ATOM   704 N  N1    . DC  D 4 8  ? 1.335   -3.643  4.977   1.00 60.01  ? 9   DC  D N1    1 
ATOM   705 C  C2    . DC  D 4 8  ? 1.901   -3.274  6.212   1.00 65.15  ? 9   DC  D C2    1 
ATOM   706 O  O2    . DC  D 4 8  ? 2.847   -2.474  6.231   1.00 67.56  ? 9   DC  D O2    1 
ATOM   707 N  N3    . DC  D 4 8  ? 1.386   -3.793  7.359   1.00 59.32  ? 9   DC  D N3    1 
ATOM   708 C  C4    . DC  D 4 8  ? 0.368   -4.653  7.303   1.00 63.87  ? 9   DC  D C4    1 
ATOM   709 N  N4    . DC  D 4 8  ? -0.107  -5.136  8.459   1.00 66.08  ? 9   DC  D N4    1 
ATOM   710 C  C5    . DC  D 4 8  ? -0.213  -5.052  6.059   1.00 61.35  ? 9   DC  D C5    1 
ATOM   711 C  C6    . DC  D 4 8  ? 0.304   -4.537  4.932   1.00 61.13  ? 9   DC  D C6    1 
ATOM   712 P  P     . DG  D 4 9  ? 4.821   -2.607  -0.021  1.00 99.35  ? 10  DG  D P     1 
ATOM   713 O  OP1   . DG  D 4 9  ? 6.144   -2.014  0.269   1.00 89.15  ? 10  DG  D OP1   1 
ATOM   714 O  OP2   . DG  D 4 9  ? 3.982   -2.073  -1.118  1.00 90.03  ? 10  DG  D OP2   1 
ATOM   715 O  "O5'" . DG  D 4 9  ? 5.027   -4.167  -0.317  1.00 84.27  ? 10  DG  D "O5'" 1 
ATOM   716 C  "C5'" . DG  D 4 9  ? 4.122   -4.842  -1.192  1.00 82.39  ? 10  DG  D "C5'" 1 
ATOM   717 C  "C4'" . DG  D 4 9  ? 4.841   -5.824  -2.092  1.00 84.50  ? 10  DG  D "C4'" 1 
ATOM   718 O  "O4'" . DG  D 4 9  ? 3.926   -6.876  -2.490  1.00 82.84  ? 10  DG  D "O4'" 1 
ATOM   719 C  "C3'" . DG  D 4 9  ? 5.399   -5.218  -3.375  1.00 83.53  ? 10  DG  D "C3'" 1 
ATOM   720 O  "O3'" . DG  D 4 9  ? 6.805   -5.130  -3.255  1.00 86.22  ? 10  DG  D "O3'" 1 
ATOM   721 C  "C2'" . DG  D 4 9  ? 4.991   -6.208  -4.471  1.00 82.45  ? 10  DG  D "C2'" 1 
ATOM   722 C  "C1'" . DG  D 4 9  ? 3.745   -6.857  -3.887  1.00 79.68  ? 10  DG  D "C1'" 1 
ATOM   723 N  N9    . DG  D 4 9  ? 2.489   -6.158  -4.184  1.00 76.79  ? 10  DG  D N9    1 
ATOM   724 C  C8    . DG  D 4 9  ? 1.759   -5.375  -3.321  1.00 80.73  ? 10  DG  D C8    1 
ATOM   725 N  N7    . DG  D 4 9  ? 0.671   -4.893  -3.844  1.00 77.57  ? 10  DG  D N7    1 
ATOM   726 C  C5    . DG  D 4 9  ? 0.661   -5.394  -5.134  1.00 78.97  ? 10  DG  D C5    1 
ATOM   727 C  C6    . DG  D 4 9  ? -0.279  -5.214  -6.170  1.00 80.59  ? 10  DG  D C6    1 
ATOM   728 O  O6    . DG  D 4 9  ? -1.324  -4.548  -6.146  1.00 80.51  ? 10  DG  D O6    1 
ATOM   729 N  N1    . DG  D 4 9  ? 0.088   -5.896  -7.325  1.00 78.18  ? 10  DG  D N1    1 
ATOM   730 C  C2    . DG  D 4 9  ? 1.224   -6.663  -7.459  1.00 78.51  ? 10  DG  D C2    1 
ATOM   731 N  N2    . DG  D 4 9  ? 1.411   -7.248  -8.649  1.00 80.08  ? 10  DG  D N2    1 
ATOM   732 N  N3    . DG  D 4 9  ? 2.115   -6.844  -6.493  1.00 77.85  ? 10  DG  D N3    1 
ATOM   733 C  C4    . DG  D 4 9  ? 1.773   -6.182  -5.362  1.00 77.45  ? 10  DG  D C4    1 
ATOM   734 P  P     . DG  D 4 10 ? 7.676   -4.298  -4.316  1.00 95.71  ? 11  DG  D P     1 
ATOM   735 O  OP1   . DG  D 4 10 ? 8.858   -3.784  -3.590  1.00 90.14  ? 11  DG  D OP1   1 
ATOM   736 O  OP2   . DG  D 4 10 ? 6.809   -3.347  -5.047  1.00 86.79  ? 11  DG  D OP2   1 
ATOM   737 O  "O5'" . DG  D 4 10 ? 8.145   -5.402  -5.370  1.00 86.66  ? 11  DG  D "O5'" 1 
ATOM   738 C  "C5'" . DG  D 4 10 ? 8.549   -5.001  -6.668  1.00 91.16  ? 11  DG  D "C5'" 1 
ATOM   739 C  "C4'" . DG  D 4 10 ? 7.532   -5.434  -7.707  1.00 92.53  ? 11  DG  D "C4'" 1 
ATOM   740 O  "O4'" . DG  D 4 10 ? 6.208   -5.214  -7.208  1.00 84.14  ? 11  DG  D "O4'" 1 
ATOM   741 C  "C3'" . DG  D 4 10 ? 7.570   -4.653  -9.015  1.00 97.51  ? 11  DG  D "C3'" 1 
ATOM   742 O  "O3'" . DG  D 4 10 ? 8.437   -5.287  -9.930  1.00 121.96 ? 11  DG  D "O3'" 1 
ATOM   743 C  "C2'" . DG  D 4 10 ? 6.119   -4.699  -9.516  1.00 89.09  ? 11  DG  D "C2'" 1 
ATOM   744 C  "C1'" . DG  D 4 10 ? 5.330   -5.213  -8.306  1.00 83.80  ? 11  DG  D "C1'" 1 
ATOM   745 N  N9    . DG  D 4 10 ? 4.165   -4.393  -7.983  1.00 78.38  ? 11  DG  D N9    1 
ATOM   746 C  C8    . DG  D 4 10 ? 3.961   -3.671  -6.834  1.00 78.87  ? 11  DG  D C8    1 
ATOM   747 N  N7    . DG  D 4 10 ? 2.823   -3.031  -6.823  1.00 79.24  ? 11  DG  D N7    1 
ATOM   748 C  C5    . DG  D 4 10 ? 2.239   -3.351  -8.036  1.00 75.73  ? 11  DG  D C5    1 
ATOM   749 C  C6    . DG  D 4 10 ? 0.997   -2.951  -8.588  1.00 77.55  ? 11  DG  D C6    1 
ATOM   750 O  O6    . DG  D 4 10 ? 0.145   -2.210  -8.084  1.00 79.77  ? 11  DG  D O6    1 
ATOM   751 N  N1    . DG  D 4 10 ? 0.795   -3.497  -9.848  1.00 76.60  ? 11  DG  D N1    1 
ATOM   752 C  C2    . DG  D 4 10 ? 1.674   -4.331  -10.502 1.00 79.44  ? 11  DG  D C2    1 
ATOM   753 N  N2    . DG  D 4 10 ? 1.304   -4.762  -11.713 1.00 86.18  ? 11  DG  D N2    1 
ATOM   754 N  N3    . DG  D 4 10 ? 2.839   -4.716  -9.995  1.00 77.38  ? 11  DG  D N3    1 
ATOM   755 C  C4    . DG  D 4 10 ? 3.054   -4.190  -8.769  1.00 76.33  ? 11  DG  D C4    1 
ATOM   756 P  P     . DT  D 4 11 ? 9.231   -4.421  -11.024 1.00 125.93 ? 12  DT  D P     1 
ATOM   757 O  OP1   . DT  D 4 11 ? 10.514  -5.116  -11.297 1.00 130.43 ? 12  DT  D OP1   1 
ATOM   758 O  OP2   . DT  D 4 11 ? 9.239   -3.017  -10.559 1.00 108.54 ? 12  DT  D OP2   1 
ATOM   759 O  "O5'" . DT  D 4 11 ? 8.268   -4.440  -12.302 1.00 103.36 ? 12  DT  D "O5'" 1 
ATOM   760 C  "C5'" . DT  D 4 11 ? 7.795   -3.208  -12.838 1.00 98.91  ? 12  DT  D "C5'" 1 
ATOM   761 C  "C4'" . DT  D 4 11 ? 6.383   -3.350  -13.373 1.00 96.06  ? 12  DT  D "C4'" 1 
ATOM   762 O  "O4'" . DT  D 4 11 ? 5.446   -3.082  -12.321 1.00 90.53  ? 12  DT  D "O4'" 1 
ATOM   763 C  "C3'" . DT  D 4 11 ? 6.022   -2.370  -14.480 1.00 98.31  ? 12  DT  D "C3'" 1 
ATOM   764 O  "O3'" . DT  D 4 11 ? 6.188   -2.998  -15.736 1.00 111.80 ? 12  DT  D "O3'" 1 
ATOM   765 C  "C2'" . DT  D 4 11 ? 4.545   -2.022  -14.221 1.00 94.12  ? 12  DT  D "C2'" 1 
ATOM   766 C  "C1'" . DT  D 4 11 ? 4.223   -2.708  -12.895 1.00 87.99  ? 12  DT  D "C1'" 1 
ATOM   767 N  N1    . DT  D 4 11 ? 3.495   -1.844  -11.918 1.00 81.79  ? 12  DT  D N1    1 
ATOM   768 C  C2    . DT  D 4 11 ? 2.204   -1.447  -12.191 1.00 82.48  ? 12  DT  D C2    1 
ATOM   769 O  O2    . DT  D 4 11 ? 1.610   -1.747  -13.214 1.00 85.47  ? 12  DT  D O2    1 
ATOM   770 N  N3    . DT  D 4 11 ? 1.628   -0.671  -11.217 1.00 79.03  ? 12  DT  D N3    1 
ATOM   771 C  C4    . DT  D 4 11 ? 2.197   -0.269  -10.025 1.00 77.21  ? 12  DT  D C4    1 
ATOM   772 O  O4    . DT  D 4 11 ? 1.595   0.425   -9.211  1.00 76.10  ? 12  DT  D O4    1 
ATOM   773 C  C5    . DT  D 4 11 ? 3.548   -0.723  -9.795  1.00 78.14  ? 12  DT  D C5    1 
ATOM   774 C  C7    . DT  D 4 11 ? 4.267   -0.349  -8.535  1.00 75.38  ? 12  DT  D C7    1 
ATOM   775 C  C6    . DT  D 4 11 ? 4.123   -1.484  -10.742 1.00 79.39  ? 12  DT  D C6    1 
ATOM   776 P  P     . DC  D 4 12 ? 6.738   -2.165  -16.993 1.00 107.52 ? 13  DC  D P     1 
ATOM   777 O  OP1   . DC  D 4 12 ? 6.947   -3.150  -18.079 1.00 106.67 ? 13  DC  D OP1   1 
ATOM   778 O  OP2   . DC  D 4 12 ? 7.856   -1.308  -16.536 1.00 106.72 ? 13  DC  D OP2   1 
ATOM   779 O  "O5'" . DC  D 4 12 ? 5.517   -1.203  -17.379 1.00 100.98 ? 13  DC  D "O5'" 1 
ATOM   780 C  "C5'" . DC  D 4 12 ? 4.320   -1.759  -17.906 1.00 108.43 ? 13  DC  D "C5'" 1 
ATOM   781 C  "C4'" . DC  D 4 12 ? 3.154   -0.791  -17.767 1.00 111.05 ? 13  DC  D "C4'" 1 
ATOM   782 O  "O4'" . DC  D 4 12 ? 2.976   -0.418  -16.380 1.00 102.58 ? 13  DC  D "O4'" 1 
ATOM   783 C  "C3'" . DC  D 4 12 ? 3.277   0.522   -18.551 1.00 122.10 ? 13  DC  D "C3'" 1 
ATOM   784 O  "O3'" . DC  D 4 12 ? 2.153   0.652   -19.416 1.00 141.39 ? 13  DC  D "O3'" 1 
ATOM   785 C  "C2'" . DC  D 4 12 ? 3.289   1.610   -17.461 1.00 115.90 ? 13  DC  D "C2'" 1 
ATOM   786 C  "C1'" . DC  D 4 12 ? 2.551   0.917   -16.328 1.00 106.02 ? 13  DC  D "C1'" 1 
ATOM   787 N  N1    . DC  D 4 12 ? 2.842   1.457   -14.954 1.00 96.71  ? 13  DC  D N1    1 
ATOM   788 C  C2    . DC  D 4 12 ? 1.826   2.101   -14.239 1.00 93.35  ? 13  DC  D C2    1 
ATOM   789 O  O2    . DC  D 4 12 ? 0.712   2.236   -14.760 1.00 96.27  ? 13  DC  D O2    1 
ATOM   790 N  N3    . DC  D 4 12 ? 2.092   2.567   -12.991 1.00 86.19  ? 13  DC  D N3    1 
ATOM   791 C  C4    . DC  D 4 12 ? 3.305   2.404   -12.461 1.00 86.45  ? 13  DC  D C4    1 
ATOM   792 N  N4    . DC  D 4 12 ? 3.517   2.882   -11.228 1.00 85.65  ? 13  DC  D N4    1 
ATOM   793 C  C5    . DC  D 4 12 ? 4.352   1.744   -13.170 1.00 88.64  ? 13  DC  D C5    1 
ATOM   794 C  C6    . DC  D 4 12 ? 4.079   1.289   -14.401 1.00 93.01  ? 13  DC  D C6    1 
ATOM   795 P  P     . DT  D 4 13 ? 2.211   1.605   -20.708 1.00 167.80 ? 14  DT  D P     1 
ATOM   796 O  OP1   . DT  D 4 13 ? 1.386   0.965   -21.758 1.00 177.18 ? 14  DT  D OP1   1 
ATOM   797 O  OP2   . DT  D 4 13 ? 3.626   1.928   -20.987 1.00 150.15 ? 14  DT  D OP2   1 
ATOM   798 O  "O5'" . DT  D 4 13 ? 1.473   2.935   -20.215 1.00 151.62 ? 14  DT  D "O5'" 1 
ATOM   799 C  "C5'" . DT  D 4 13 ? 0.161   2.844   -19.664 1.00 145.43 ? 14  DT  D "C5'" 1 
ATOM   800 C  "C4'" . DT  D 4 13 ? -0.285  4.168   -19.075 1.00 153.84 ? 14  DT  D "C4'" 1 
ATOM   801 O  "O4'" . DT  D 4 13 ? 0.219   4.298   -17.718 1.00 139.84 ? 14  DT  D "O4'" 1 
ATOM   802 C  "C3'" . DT  D 4 13 ? 0.201   5.414   -19.825 1.00 162.41 ? 14  DT  D "C3'" 1 
ATOM   803 O  "O3'" . DT  D 4 13 ? -0.839  6.372   -19.879 1.00 177.86 ? 14  DT  D "O3'" 1 
ATOM   804 C  "C2'" . DT  D 4 13 ? 1.339   5.906   -18.942 1.00 140.94 ? 14  DT  D "C2'" 1 
ATOM   805 C  "C1'" . DT  D 4 13 ? 0.770   5.582   -17.575 1.00 127.30 ? 14  DT  D "C1'" 1 
ATOM   806 N  N1    . DT  D 4 13 ? 1.784   5.570   -16.490 1.00 113.42 ? 14  DT  D N1    1 
ATOM   807 C  C2    . DT  D 4 13 ? 1.463   6.097   -15.261 1.00 106.38 ? 14  DT  D C2    1 
ATOM   808 O  O2    . DT  D 4 13 ? 0.367   6.567   -15.002 1.00 105.72 ? 14  DT  D O2    1 
ATOM   809 N  N3    . DT  D 4 13 ? 2.472   6.048   -14.334 1.00 97.87  ? 14  DT  D N3    1 
ATOM   810 C  C4    . DT  D 4 13 ? 3.744   5.540   -14.518 1.00 96.76  ? 14  DT  D C4    1 
ATOM   811 O  O4    . DT  D 4 13 ? 4.584   5.539   -13.623 1.00 92.95  ? 14  DT  D O4    1 
ATOM   812 C  C5    . DT  D 4 13 ? 4.018   5.011   -15.831 1.00 101.55 ? 14  DT  D C5    1 
ATOM   813 C  C7    . DT  D 4 13 ? 5.366   4.435   -16.148 1.00 100.84 ? 14  DT  D C7    1 
ATOM   814 C  C6    . DT  D 4 13 ? 3.038   5.054   -16.744 1.00 110.63 ? 14  DT  D C6    1 
ATOM   815 P  P     . DG  D 4 14 ? -1.082  7.235   -21.212 1.00 175.03 ? 15  DG  D P     1 
ATOM   816 O  OP1   . DG  D 4 14 ? -1.770  6.365   -22.187 1.00 186.35 ? 15  DG  D OP1   1 
ATOM   817 O  OP2   . DG  D 4 14 ? 0.197   7.881   -21.583 1.00 160.59 ? 15  DG  D OP2   1 
ATOM   818 O  "O5'" . DG  D 4 14 ? -2.114  8.364   -20.750 1.00 171.77 ? 15  DG  D "O5'" 1 
ATOM   819 C  "C5'" . DG  D 4 14 ? -3.250  8.017   -19.957 1.00 171.11 ? 15  DG  D "C5'" 1 
ATOM   820 C  "C4'" . DG  D 4 14 ? -3.522  9.074   -18.896 1.00 164.40 ? 15  DG  D "C4'" 1 
ATOM   821 O  "O4'" . DG  D 4 14 ? -2.514  8.980   -17.855 1.00 151.53 ? 15  DG  D "O4'" 1 
ATOM   822 C  "C3'" . DG  D 4 14 ? -3.469  10.518  -19.388 1.00 163.20 ? 15  DG  D "C3'" 1 
ATOM   823 O  "O3'" . DG  D 4 14 ? -4.337  11.335  -18.607 1.00 166.81 ? 15  DG  D "O3'" 1 
ATOM   824 C  "C2'" . DG  D 4 14 ? -2.013  10.883  -19.146 1.00 150.16 ? 15  DG  D "C2'" 1 
ATOM   825 C  "C1'" . DG  D 4 14 ? -1.740  10.164  -17.829 1.00 142.69 ? 15  DG  D "C1'" 1 
ATOM   826 N  N9    . DG  D 4 14 ? -0.335  9.803   -17.650 1.00 132.55 ? 15  DG  D N9    1 
ATOM   827 C  C8    . DG  D 4 14 ? 0.558   9.450   -18.633 1.00 132.45 ? 15  DG  D C8    1 
ATOM   828 N  N7    . DG  D 4 14 ? 1.752   9.184   -18.182 1.00 122.80 ? 15  DG  D N7    1 
ATOM   829 C  C5    . DG  D 4 14 ? 1.647   9.375   -16.810 1.00 120.20 ? 15  DG  D C5    1 
ATOM   830 C  C6    . DG  D 4 14 ? 2.622   9.233   -15.797 1.00 111.58 ? 15  DG  D C6    1 
ATOM   831 O  O6    . DG  D 4 14 ? 3.809   8.900   -15.915 1.00 115.68 ? 15  DG  D O6    1 
ATOM   832 N  N1    . DG  D 4 14 ? 2.102   9.523   -14.538 1.00 100.16 ? 15  DG  D N1    1 
ATOM   833 C  C2    . DG  D 4 14 ? 0.802   9.899   -14.290 1.00 106.98 ? 15  DG  D C2    1 
ATOM   834 N  N2    . DG  D 4 14 ? 0.487   10.135  -13.008 1.00 101.13 ? 15  DG  D N2    1 
ATOM   835 N  N3    . DG  D 4 14 ? -0.123  10.038  -15.233 1.00 115.41 ? 15  DG  D N3    1 
ATOM   836 C  C4    . DG  D 4 14 ? 0.369   9.759   -16.466 1.00 121.14 ? 15  DG  D C4    1 
ATOM   837 P  P     . DC  D 4 15 ? -5.066  12.606  -19.268 1.00 174.22 ? 16  DC  D P     1 
ATOM   838 O  OP1   . DC  D 4 15 ? -5.908  12.095  -20.370 1.00 181.70 ? 16  DC  D OP1   1 
ATOM   839 O  OP2   . DC  D 4 15 ? -4.052  13.645  -19.553 1.00 167.67 ? 16  DC  D OP2   1 
ATOM   840 O  "O5'" . DC  D 4 15 ? -6.002  13.163  -18.098 1.00 163.81 ? 16  DC  D "O5'" 1 
ATOM   841 C  "C5'" . DC  D 4 15 ? -5.818  14.485  -17.615 1.00 157.11 ? 16  DC  D "C5'" 1 
ATOM   842 C  "C4'" . DC  D 4 15 ? -5.059  14.485  -16.298 1.00 151.50 ? 16  DC  D "C4'" 1 
ATOM   843 O  "O4'" . DC  D 4 15 ? -3.845  13.713  -16.428 1.00 148.47 ? 16  DC  D "O4'" 1 
ATOM   844 C  "C3'" . DC  D 4 15 ? -4.627  15.871  -15.808 1.00 151.31 ? 16  DC  D "C3'" 1 
ATOM   845 O  "O3'" . DC  D 4 15 ? -5.330  16.207  -14.622 1.00 152.16 ? 16  DC  D "O3'" 1 
ATOM   846 C  "C2'" . DC  D 4 15 ? -3.115  15.745  -15.556 1.00 145.66 ? 16  DC  D "C2'" 1 
ATOM   847 C  "C1'" . DC  D 4 15 ? -2.896  14.240  -15.541 1.00 143.97 ? 16  DC  D "C1'" 1 
ATOM   848 N  N1    . DC  D 4 15 ? -1.532  13.838  -15.994 1.00 136.37 ? 16  DC  D N1    1 
ATOM   849 C  C2    . DC  D 4 15 ? -0.511  13.681  -15.051 1.00 146.16 ? 16  DC  D C2    1 
ATOM   850 O  O2    . DC  D 4 15 ? -0.757  13.870  -13.854 1.00 157.54 ? 16  DC  D O2    1 
ATOM   851 N  N3    . DC  D 4 15 ? 0.727   13.319  -15.476 1.00 123.39 ? 16  DC  D N3    1 
ATOM   852 C  C4    . DC  D 4 15 ? 0.953   13.125  -16.777 1.00 116.47 ? 16  DC  D C4    1 
ATOM   853 N  N4    . DC  D 4 15 ? 2.188   12.771  -17.150 1.00 109.02 ? 16  DC  D N4    1 
ATOM   854 C  C5    . DC  D 4 15 ? -0.072  13.291  -17.751 1.00 128.10 ? 16  DC  D C5    1 
ATOM   855 C  C6    . DC  D 4 15 ? -1.288  13.648  -17.321 1.00 136.86 ? 16  DC  D C6    1 
HETATM 856 AS AS    . CAC E 5 .  ? 5.840   -14.620 -2.757  1.00 211.91 ? 101 CAC A AS    1 
HETATM 857 AS AS    . CAC F 5 .  ? -0.977  -10.242 8.299   1.00 165.35 ? 101 CAC C AS    1 
HETATM 858 AS AS    . CAC G 5 .  ? 8.485   -11.806 5.436   1.00 170.32 ? 102 CAC C AS    1 
# 
loop_
_pdbx_poly_seq_scheme.asym_id 
_pdbx_poly_seq_scheme.entity_id 
_pdbx_poly_seq_scheme.seq_id 
_pdbx_poly_seq_scheme.mon_id 
_pdbx_poly_seq_scheme.ndb_seq_num 
_pdbx_poly_seq_scheme.pdb_seq_num 
_pdbx_poly_seq_scheme.auth_seq_num 
_pdbx_poly_seq_scheme.pdb_mon_id 
_pdbx_poly_seq_scheme.auth_mon_id 
_pdbx_poly_seq_scheme.pdb_strand_id 
_pdbx_poly_seq_scheme.pdb_ins_code 
_pdbx_poly_seq_scheme.hetero 
A 1 1  DG 1  1  1  DG DG A . n 
A 1 2  DA 2  2  2  DA DA A . n 
A 1 3  DG 3  3  3  DG DG A . n 
A 1 4  DC 4  4  4  DC DC A . n 
A 1 5  DA 5  5  5  DA DA A . n 
A 1 6  DG 6  6  6  DG DG A . n 
A 1 7  DA 7  7  7  DA DA A . n 
A 1 8  DC 8  8  8  DC DC A . n 
A 1 9  DC 9  9  9  DC DC A . n 
A 1 10 DC 10 10 10 DC DC A . n 
A 1 11 DG 11 11 11 DG DG A . n 
A 1 12 DA 12 12 12 DA DA A . n 
B 2 1  DC 1  12 12 DC DC B . n 
B 2 2  DG 2  13 13 DG DG B . n 
B 2 3  DG 3  14 14 DG DG B . n 
B 2 4  DG 4  15 15 DG DG B . n 
B 2 5  DA 5  16 16 DA DA B . n 
B 2 6  DC 6  17 17 DC DC B . n 
B 2 7  DT 7  18 18 DT DT B . n 
B 2 8  DC 8  19 19 DC DC B . n 
B 2 9  DA 9  20 20 DA DA B . n 
C 3 1  DT 1  0  0  DT DT C . n 
C 3 2  DC 2  1  1  DC DC C . n 
C 3 3  DG 3  2  2  DG DG C . n 
C 3 4  DC 4  3  3  DC DC C . n 
C 3 5  DC 5  4  4  DC DC C . n 
C 3 6  DG 6  5  5  DG DG C . n 
D 4 1  DT 1  2  2  DT DT D . n 
D 4 2  DC 2  3  3  DC DC D . n 
D 4 3  DT 3  4  4  DT DT D . n 
D 4 4  DG 4  5  5  DG DG D . n 
D 4 5  DA 5  6  6  DA DA D . n 
D 4 6  DG 6  7  7  DG DG D . n 
D 4 7  DT 7  8  8  DT DT D . n 
D 4 8  DC 8  9  9  DC DC D . n 
D 4 9  DG 9  10 10 DG DG D . n 
D 4 10 DG 10 11 11 DG DG D . n 
D 4 11 DT 11 12 12 DT DT D . n 
D 4 12 DC 12 13 13 DC DC D . n 
D 4 13 DT 13 14 14 DT DT D . n 
D 4 14 DG 14 15 15 DG DG D . n 
D 4 15 DC 15 16 16 DC DC D . n 
# 
loop_
_pdbx_nonpoly_scheme.asym_id 
_pdbx_nonpoly_scheme.entity_id 
_pdbx_nonpoly_scheme.mon_id 
_pdbx_nonpoly_scheme.ndb_seq_num 
_pdbx_nonpoly_scheme.pdb_seq_num 
_pdbx_nonpoly_scheme.auth_seq_num 
_pdbx_nonpoly_scheme.pdb_mon_id 
_pdbx_nonpoly_scheme.auth_mon_id 
_pdbx_nonpoly_scheme.pdb_strand_id 
_pdbx_nonpoly_scheme.pdb_ins_code 
E 5 CAC 1 101 3 CAC AS A . 
F 5 CAC 1 101 1 CAC AS C . 
G 5 CAC 1 102 2 CAC AS C . 
# 
_pdbx_struct_assembly.id                   1 
_pdbx_struct_assembly.details              author_and_software_defined_assembly 
_pdbx_struct_assembly.method_details       PISA 
_pdbx_struct_assembly.oligomeric_details   tetrameric 
_pdbx_struct_assembly.oligomeric_count     4 
# 
_pdbx_struct_assembly_gen.assembly_id       1 
_pdbx_struct_assembly_gen.oper_expression   1 
_pdbx_struct_assembly_gen.asym_id_list      A,B,C,D,E,F,G 
# 
loop_
_pdbx_struct_assembly_prop.biol_id 
_pdbx_struct_assembly_prop.type 
_pdbx_struct_assembly_prop.value 
_pdbx_struct_assembly_prop.details 
1 'ABSA (A^2)' 2630 ? 
1 MORE         -15  ? 
1 'SSA (A^2)'  8100 ? 
# 
_pdbx_struct_oper_list.id                   1 
_pdbx_struct_oper_list.type                 'identity operation' 
_pdbx_struct_oper_list.name                 1_555 
_pdbx_struct_oper_list.symmetry_operation   x,y,z 
_pdbx_struct_oper_list.matrix[1][1]         1.0000000000 
_pdbx_struct_oper_list.matrix[1][2]         0.0000000000 
_pdbx_struct_oper_list.matrix[1][3]         0.0000000000 
_pdbx_struct_oper_list.vector[1]            0.0000000000 
_pdbx_struct_oper_list.matrix[2][1]         0.0000000000 
_pdbx_struct_oper_list.matrix[2][2]         1.0000000000 
_pdbx_struct_oper_list.matrix[2][3]         0.0000000000 
_pdbx_struct_oper_list.vector[2]            0.0000000000 
_pdbx_struct_oper_list.matrix[3][1]         0.0000000000 
_pdbx_struct_oper_list.matrix[3][2]         0.0000000000 
_pdbx_struct_oper_list.matrix[3][3]         1.0000000000 
_pdbx_struct_oper_list.vector[3]            0.0000000000 
# 
loop_
_pdbx_audit_revision_history.ordinal 
_pdbx_audit_revision_history.data_content_type 
_pdbx_audit_revision_history.major_revision 
_pdbx_audit_revision_history.minor_revision 
_pdbx_audit_revision_history.revision_date 
1 'Structure model' 1 0 2021-07-14 
2 'Structure model' 1 1 2022-07-06 
3 'Structure model' 1 2 2023-10-18 
# 
_pdbx_audit_revision_details.ordinal             1 
_pdbx_audit_revision_details.revision_ordinal    1 
_pdbx_audit_revision_details.data_content_type   'Structure model' 
_pdbx_audit_revision_details.provider            repository 
_pdbx_audit_revision_details.type                'Initial release' 
_pdbx_audit_revision_details.description         ? 
_pdbx_audit_revision_details.details             ? 
# 
loop_
_pdbx_audit_revision_group.ordinal 
_pdbx_audit_revision_group.revision_ordinal 
_pdbx_audit_revision_group.data_content_type 
_pdbx_audit_revision_group.group 
1 2 'Structure model' 'Database references'    
2 3 'Structure model' 'Data collection'        
3 3 'Structure model' 'Refinement description' 
# 
loop_
_pdbx_audit_revision_category.ordinal 
_pdbx_audit_revision_category.revision_ordinal 
_pdbx_audit_revision_category.data_content_type 
_pdbx_audit_revision_category.category 
1 2 'Structure model' citation                      
2 2 'Structure model' citation_author               
3 2 'Structure model' database_2                    
4 3 'Structure model' chem_comp_atom                
5 3 'Structure model' chem_comp_bond                
6 3 'Structure model' pdbx_initial_refinement_model 
# 
loop_
_pdbx_audit_revision_item.ordinal 
_pdbx_audit_revision_item.revision_ordinal 
_pdbx_audit_revision_item.data_content_type 
_pdbx_audit_revision_item.item 
1  2 'Structure model' '_citation.country'                   
2  2 'Structure model' '_citation.journal_abbrev'            
3  2 'Structure model' '_citation.journal_id_CSD'            
4  2 'Structure model' '_citation.journal_id_ISSN'           
5  2 'Structure model' '_citation.journal_volume'            
6  2 'Structure model' '_citation.page_first'                
7  2 'Structure model' '_citation.page_last'                 
8  2 'Structure model' '_citation.pdbx_database_id_DOI'      
9  2 'Structure model' '_citation.pdbx_database_id_PubMed'   
10 2 'Structure model' '_citation.title'                     
11 2 'Structure model' '_citation.year'                      
12 2 'Structure model' '_database_2.pdbx_DOI'                
13 2 'Structure model' '_database_2.pdbx_database_accession' 
# 
loop_
_software.citation_id 
_software.classification 
_software.compiler_name 
_software.compiler_version 
_software.contact_author 
_software.contact_author_email 
_software.date 
_software.description 
_software.dependencies 
_software.hardware 
_software.language 
_software.location 
_software.mods 
_software.name 
_software.os 
_software.os_version 
_software.type 
_software.version 
_software.pdbx_ordinal 
? 'data reduction'  ? ? ? ? ? ? ? ? ? ? ? HKL-2000    ? ? ? .           1 
? 'data scaling'    ? ? ? ? ? ? ? ? ? ? ? HKL-2000    ? ? ? .           2 
? refinement        ? ? ? ? ? ? ? ? ? ? ? PHENIX      ? ? ? 1.11.1_2575 3 
? 'data extraction' ? ? ? ? ? ? ? ? ? ? ? PDB_EXTRACT ? ? ? 3.25        4 
? phasing           ? ? ? ? ? ? ? ? ? ? ? PHASER      ? ? ? .           5 
# 
_pdbx_entry_details.entry_id                 7JHS 
_pdbx_entry_details.has_ligand_of_interest   N 
_pdbx_entry_details.compound_details         ? 
_pdbx_entry_details.source_details           ? 
_pdbx_entry_details.nonpolymer_details       ? 
_pdbx_entry_details.sequence_details         ? 
# 
loop_
_pdbx_validate_rmsd_angle.id 
_pdbx_validate_rmsd_angle.PDB_model_num 
_pdbx_validate_rmsd_angle.auth_atom_id_1 
_pdbx_validate_rmsd_angle.auth_asym_id_1 
_pdbx_validate_rmsd_angle.auth_comp_id_1 
_pdbx_validate_rmsd_angle.auth_seq_id_1 
_pdbx_validate_rmsd_angle.PDB_ins_code_1 
_pdbx_validate_rmsd_angle.label_alt_id_1 
_pdbx_validate_rmsd_angle.auth_atom_id_2 
_pdbx_validate_rmsd_angle.auth_asym_id_2 
_pdbx_validate_rmsd_angle.auth_comp_id_2 
_pdbx_validate_rmsd_angle.auth_seq_id_2 
_pdbx_validate_rmsd_angle.PDB_ins_code_2 
_pdbx_validate_rmsd_angle.label_alt_id_2 
_pdbx_validate_rmsd_angle.auth_atom_id_3 
_pdbx_validate_rmsd_angle.auth_asym_id_3 
_pdbx_validate_rmsd_angle.auth_comp_id_3 
_pdbx_validate_rmsd_angle.auth_seq_id_3 
_pdbx_validate_rmsd_angle.PDB_ins_code_3 
_pdbx_validate_rmsd_angle.label_alt_id_3 
_pdbx_validate_rmsd_angle.angle_value 
_pdbx_validate_rmsd_angle.angle_target_value 
_pdbx_validate_rmsd_angle.angle_deviation 
_pdbx_validate_rmsd_angle.angle_standard_deviation 
_pdbx_validate_rmsd_angle.linker_flag 
1 1 "O4'" A DG 6  ? ? "C1'" A DG 6  ? ? N9 A DG 6  ? ? 110.36 108.30 2.06 0.30 N 
2 1 "O4'" B DG 13 ? ? "C1'" B DG 13 ? ? N9 B DG 13 ? ? 110.11 108.30 1.81 0.30 N 
3 1 "O4'" D DC 9  ? ? "C1'" D DC 9  ? ? N1 D DC 9  ? ? 110.82 108.30 2.52 0.30 N 
# 
loop_
_pdbx_unobs_or_zero_occ_atoms.id 
_pdbx_unobs_or_zero_occ_atoms.PDB_model_num 
_pdbx_unobs_or_zero_occ_atoms.polymer_flag 
_pdbx_unobs_or_zero_occ_atoms.occupancy_flag 
_pdbx_unobs_or_zero_occ_atoms.auth_asym_id 
_pdbx_unobs_or_zero_occ_atoms.auth_comp_id 
_pdbx_unobs_or_zero_occ_atoms.auth_seq_id 
_pdbx_unobs_or_zero_occ_atoms.PDB_ins_code 
_pdbx_unobs_or_zero_occ_atoms.auth_atom_id 
_pdbx_unobs_or_zero_occ_atoms.label_alt_id 
_pdbx_unobs_or_zero_occ_atoms.label_asym_id 
_pdbx_unobs_or_zero_occ_atoms.label_comp_id 
_pdbx_unobs_or_zero_occ_atoms.label_seq_id 
_pdbx_unobs_or_zero_occ_atoms.label_atom_id 
1  1 N 1 A CAC 101 ? O1 ? E CAC 1 O1 
2  1 N 1 A CAC 101 ? O2 ? E CAC 1 O2 
3  1 N 1 A CAC 101 ? C1 ? E CAC 1 C1 
4  1 N 1 A CAC 101 ? C2 ? E CAC 1 C2 
5  1 N 1 C CAC 101 ? O1 ? F CAC 1 O1 
6  1 N 1 C CAC 101 ? O2 ? F CAC 1 O2 
7  1 N 1 C CAC 101 ? C1 ? F CAC 1 C1 
8  1 N 1 C CAC 101 ? C2 ? F CAC 1 C2 
9  1 N 1 C CAC 102 ? O1 ? G CAC 1 O1 
10 1 N 1 C CAC 102 ? O2 ? G CAC 1 O2 
11 1 N 1 C CAC 102 ? C1 ? G CAC 1 C1 
12 1 N 1 C CAC 102 ? C2 ? G CAC 1 C2 
# 
loop_
_chem_comp_atom.comp_id 
_chem_comp_atom.atom_id 
_chem_comp_atom.type_symbol 
_chem_comp_atom.pdbx_aromatic_flag 
_chem_comp_atom.pdbx_stereo_config 
_chem_comp_atom.pdbx_ordinal 
CAC AS     AS N N 1   
CAC O1     O  N N 2   
CAC O2     O  N N 3   
CAC C1     C  N N 4   
CAC C2     C  N N 5   
CAC H11    H  N N 6   
CAC H12    H  N N 7   
CAC H13    H  N N 8   
CAC H21    H  N N 9   
CAC H22    H  N N 10  
CAC H23    H  N N 11  
DA  OP3    O  N N 12  
DA  P      P  N N 13  
DA  OP1    O  N N 14  
DA  OP2    O  N N 15  
DA  "O5'"  O  N N 16  
DA  "C5'"  C  N N 17  
DA  "C4'"  C  N R 18  
DA  "O4'"  O  N N 19  
DA  "C3'"  C  N S 20  
DA  "O3'"  O  N N 21  
DA  "C2'"  C  N N 22  
DA  "C1'"  C  N R 23  
DA  N9     N  Y N 24  
DA  C8     C  Y N 25  
DA  N7     N  Y N 26  
DA  C5     C  Y N 27  
DA  C6     C  Y N 28  
DA  N6     N  N N 29  
DA  N1     N  Y N 30  
DA  C2     C  Y N 31  
DA  N3     N  Y N 32  
DA  C4     C  Y N 33  
DA  HOP3   H  N N 34  
DA  HOP2   H  N N 35  
DA  "H5'"  H  N N 36  
DA  "H5''" H  N N 37  
DA  "H4'"  H  N N 38  
DA  "H3'"  H  N N 39  
DA  "HO3'" H  N N 40  
DA  "H2'"  H  N N 41  
DA  "H2''" H  N N 42  
DA  "H1'"  H  N N 43  
DA  H8     H  N N 44  
DA  H61    H  N N 45  
DA  H62    H  N N 46  
DA  H2     H  N N 47  
DC  OP3    O  N N 48  
DC  P      P  N N 49  
DC  OP1    O  N N 50  
DC  OP2    O  N N 51  
DC  "O5'"  O  N N 52  
DC  "C5'"  C  N N 53  
DC  "C4'"  C  N R 54  
DC  "O4'"  O  N N 55  
DC  "C3'"  C  N S 56  
DC  "O3'"  O  N N 57  
DC  "C2'"  C  N N 58  
DC  "C1'"  C  N R 59  
DC  N1     N  N N 60  
DC  C2     C  N N 61  
DC  O2     O  N N 62  
DC  N3     N  N N 63  
DC  C4     C  N N 64  
DC  N4     N  N N 65  
DC  C5     C  N N 66  
DC  C6     C  N N 67  
DC  HOP3   H  N N 68  
DC  HOP2   H  N N 69  
DC  "H5'"  H  N N 70  
DC  "H5''" H  N N 71  
DC  "H4'"  H  N N 72  
DC  "H3'"  H  N N 73  
DC  "HO3'" H  N N 74  
DC  "H2'"  H  N N 75  
DC  "H2''" H  N N 76  
DC  "H1'"  H  N N 77  
DC  H41    H  N N 78  
DC  H42    H  N N 79  
DC  H5     H  N N 80  
DC  H6     H  N N 81  
DG  OP3    O  N N 82  
DG  P      P  N N 83  
DG  OP1    O  N N 84  
DG  OP2    O  N N 85  
DG  "O5'"  O  N N 86  
DG  "C5'"  C  N N 87  
DG  "C4'"  C  N R 88  
DG  "O4'"  O  N N 89  
DG  "C3'"  C  N S 90  
DG  "O3'"  O  N N 91  
DG  "C2'"  C  N N 92  
DG  "C1'"  C  N R 93  
DG  N9     N  Y N 94  
DG  C8     C  Y N 95  
DG  N7     N  Y N 96  
DG  C5     C  Y N 97  
DG  C6     C  N N 98  
DG  O6     O  N N 99  
DG  N1     N  N N 100 
DG  C2     C  N N 101 
DG  N2     N  N N 102 
DG  N3     N  N N 103 
DG  C4     C  Y N 104 
DG  HOP3   H  N N 105 
DG  HOP2   H  N N 106 
DG  "H5'"  H  N N 107 
DG  "H5''" H  N N 108 
DG  "H4'"  H  N N 109 
DG  "H3'"  H  N N 110 
DG  "HO3'" H  N N 111 
DG  "H2'"  H  N N 112 
DG  "H2''" H  N N 113 
DG  "H1'"  H  N N 114 
DG  H8     H  N N 115 
DG  H1     H  N N 116 
DG  H21    H  N N 117 
DG  H22    H  N N 118 
DT  OP3    O  N N 119 
DT  P      P  N N 120 
DT  OP1    O  N N 121 
DT  OP2    O  N N 122 
DT  "O5'"  O  N N 123 
DT  "C5'"  C  N N 124 
DT  "C4'"  C  N R 125 
DT  "O4'"  O  N N 126 
DT  "C3'"  C  N S 127 
DT  "O3'"  O  N N 128 
DT  "C2'"  C  N N 129 
DT  "C1'"  C  N R 130 
DT  N1     N  N N 131 
DT  C2     C  N N 132 
DT  O2     O  N N 133 
DT  N3     N  N N 134 
DT  C4     C  N N 135 
DT  O4     O  N N 136 
DT  C5     C  N N 137 
DT  C7     C  N N 138 
DT  C6     C  N N 139 
DT  HOP3   H  N N 140 
DT  HOP2   H  N N 141 
DT  "H5'"  H  N N 142 
DT  "H5''" H  N N 143 
DT  "H4'"  H  N N 144 
DT  "H3'"  H  N N 145 
DT  "HO3'" H  N N 146 
DT  "H2'"  H  N N 147 
DT  "H2''" H  N N 148 
DT  "H1'"  H  N N 149 
DT  H3     H  N N 150 
DT  H71    H  N N 151 
DT  H72    H  N N 152 
DT  H73    H  N N 153 
DT  H6     H  N N 154 
# 
loop_
_chem_comp_bond.comp_id 
_chem_comp_bond.atom_id_1 
_chem_comp_bond.atom_id_2 
_chem_comp_bond.value_order 
_chem_comp_bond.pdbx_aromatic_flag 
_chem_comp_bond.pdbx_stereo_config 
_chem_comp_bond.pdbx_ordinal 
CAC AS    O1     doub N N 1   
CAC AS    O2     sing N N 2   
CAC AS    C1     sing N N 3   
CAC AS    C2     sing N N 4   
CAC C1    H11    sing N N 5   
CAC C1    H12    sing N N 6   
CAC C1    H13    sing N N 7   
CAC C2    H21    sing N N 8   
CAC C2    H22    sing N N 9   
CAC C2    H23    sing N N 10  
DA  OP3   P      sing N N 11  
DA  OP3   HOP3   sing N N 12  
DA  P     OP1    doub N N 13  
DA  P     OP2    sing N N 14  
DA  P     "O5'"  sing N N 15  
DA  OP2   HOP2   sing N N 16  
DA  "O5'" "C5'"  sing N N 17  
DA  "C5'" "C4'"  sing N N 18  
DA  "C5'" "H5'"  sing N N 19  
DA  "C5'" "H5''" sing N N 20  
DA  "C4'" "O4'"  sing N N 21  
DA  "C4'" "C3'"  sing N N 22  
DA  "C4'" "H4'"  sing N N 23  
DA  "O4'" "C1'"  sing N N 24  
DA  "C3'" "O3'"  sing N N 25  
DA  "C3'" "C2'"  sing N N 26  
DA  "C3'" "H3'"  sing N N 27  
DA  "O3'" "HO3'" sing N N 28  
DA  "C2'" "C1'"  sing N N 29  
DA  "C2'" "H2'"  sing N N 30  
DA  "C2'" "H2''" sing N N 31  
DA  "C1'" N9     sing N N 32  
DA  "C1'" "H1'"  sing N N 33  
DA  N9    C8     sing Y N 34  
DA  N9    C4     sing Y N 35  
DA  C8    N7     doub Y N 36  
DA  C8    H8     sing N N 37  
DA  N7    C5     sing Y N 38  
DA  C5    C6     sing Y N 39  
DA  C5    C4     doub Y N 40  
DA  C6    N6     sing N N 41  
DA  C6    N1     doub Y N 42  
DA  N6    H61    sing N N 43  
DA  N6    H62    sing N N 44  
DA  N1    C2     sing Y N 45  
DA  C2    N3     doub Y N 46  
DA  C2    H2     sing N N 47  
DA  N3    C4     sing Y N 48  
DC  OP3   P      sing N N 49  
DC  OP3   HOP3   sing N N 50  
DC  P     OP1    doub N N 51  
DC  P     OP2    sing N N 52  
DC  P     "O5'"  sing N N 53  
DC  OP2   HOP2   sing N N 54  
DC  "O5'" "C5'"  sing N N 55  
DC  "C5'" "C4'"  sing N N 56  
DC  "C5'" "H5'"  sing N N 57  
DC  "C5'" "H5''" sing N N 58  
DC  "C4'" "O4'"  sing N N 59  
DC  "C4'" "C3'"  sing N N 60  
DC  "C4'" "H4'"  sing N N 61  
DC  "O4'" "C1'"  sing N N 62  
DC  "C3'" "O3'"  sing N N 63  
DC  "C3'" "C2'"  sing N N 64  
DC  "C3'" "H3'"  sing N N 65  
DC  "O3'" "HO3'" sing N N 66  
DC  "C2'" "C1'"  sing N N 67  
DC  "C2'" "H2'"  sing N N 68  
DC  "C2'" "H2''" sing N N 69  
DC  "C1'" N1     sing N N 70  
DC  "C1'" "H1'"  sing N N 71  
DC  N1    C2     sing N N 72  
DC  N1    C6     sing N N 73  
DC  C2    O2     doub N N 74  
DC  C2    N3     sing N N 75  
DC  N3    C4     doub N N 76  
DC  C4    N4     sing N N 77  
DC  C4    C5     sing N N 78  
DC  N4    H41    sing N N 79  
DC  N4    H42    sing N N 80  
DC  C5    C6     doub N N 81  
DC  C5    H5     sing N N 82  
DC  C6    H6     sing N N 83  
DG  OP3   P      sing N N 84  
DG  OP3   HOP3   sing N N 85  
DG  P     OP1    doub N N 86  
DG  P     OP2    sing N N 87  
DG  P     "O5'"  sing N N 88  
DG  OP2   HOP2   sing N N 89  
DG  "O5'" "C5'"  sing N N 90  
DG  "C5'" "C4'"  sing N N 91  
DG  "C5'" "H5'"  sing N N 92  
DG  "C5'" "H5''" sing N N 93  
DG  "C4'" "O4'"  sing N N 94  
DG  "C4'" "C3'"  sing N N 95  
DG  "C4'" "H4'"  sing N N 96  
DG  "O4'" "C1'"  sing N N 97  
DG  "C3'" "O3'"  sing N N 98  
DG  "C3'" "C2'"  sing N N 99  
DG  "C3'" "H3'"  sing N N 100 
DG  "O3'" "HO3'" sing N N 101 
DG  "C2'" "C1'"  sing N N 102 
DG  "C2'" "H2'"  sing N N 103 
DG  "C2'" "H2''" sing N N 104 
DG  "C1'" N9     sing N N 105 
DG  "C1'" "H1'"  sing N N 106 
DG  N9    C8     sing Y N 107 
DG  N9    C4     sing Y N 108 
DG  C8    N7     doub Y N 109 
DG  C8    H8     sing N N 110 
DG  N7    C5     sing Y N 111 
DG  C5    C6     sing N N 112 
DG  C5    C4     doub Y N 113 
DG  C6    O6     doub N N 114 
DG  C6    N1     sing N N 115 
DG  N1    C2     sing N N 116 
DG  N1    H1     sing N N 117 
DG  C2    N2     sing N N 118 
DG  C2    N3     doub N N 119 
DG  N2    H21    sing N N 120 
DG  N2    H22    sing N N 121 
DG  N3    C4     sing N N 122 
DT  OP3   P      sing N N 123 
DT  OP3   HOP3   sing N N 124 
DT  P     OP1    doub N N 125 
DT  P     OP2    sing N N 126 
DT  P     "O5'"  sing N N 127 
DT  OP2   HOP2   sing N N 128 
DT  "O5'" "C5'"  sing N N 129 
DT  "C5'" "C4'"  sing N N 130 
DT  "C5'" "H5'"  sing N N 131 
DT  "C5'" "H5''" sing N N 132 
DT  "C4'" "O4'"  sing N N 133 
DT  "C4'" "C3'"  sing N N 134 
DT  "C4'" "H4'"  sing N N 135 
DT  "O4'" "C1'"  sing N N 136 
DT  "C3'" "O3'"  sing N N 137 
DT  "C3'" "C2'"  sing N N 138 
DT  "C3'" "H3'"  sing N N 139 
DT  "O3'" "HO3'" sing N N 140 
DT  "C2'" "C1'"  sing N N 141 
DT  "C2'" "H2'"  sing N N 142 
DT  "C2'" "H2''" sing N N 143 
DT  "C1'" N1     sing N N 144 
DT  "C1'" "H1'"  sing N N 145 
DT  N1    C2     sing N N 146 
DT  N1    C6     sing N N 147 
DT  C2    O2     doub N N 148 
DT  C2    N3     sing N N 149 
DT  N3    C4     sing N N 150 
DT  N3    H3     sing N N 151 
DT  C4    O4     doub N N 152 
DT  C4    C5     sing N N 153 
DT  C5    C7     sing N N 154 
DT  C5    C6     doub N N 155 
DT  C7    H71    sing N N 156 
DT  C7    H72    sing N N 157 
DT  C7    H73    sing N N 158 
DT  C6    H6     sing N N 159 
# 
loop_
_ndb_struct_conf_na.entry_id 
_ndb_struct_conf_na.feature 
7JHS 'double helix'        
7JHS 'a-form double helix' 
7JHS 'b-form double helix' 
# 
loop_
_ndb_struct_na_base_pair.model_number 
_ndb_struct_na_base_pair.i_label_asym_id 
_ndb_struct_na_base_pair.i_label_comp_id 
_ndb_struct_na_base_pair.i_label_seq_id 
_ndb_struct_na_base_pair.i_symmetry 
_ndb_struct_na_base_pair.j_label_asym_id 
_ndb_struct_na_base_pair.j_label_comp_id 
_ndb_struct_na_base_pair.j_label_seq_id 
_ndb_struct_na_base_pair.j_symmetry 
_ndb_struct_na_base_pair.shear 
_ndb_struct_na_base_pair.stretch 
_ndb_struct_na_base_pair.stagger 
_ndb_struct_na_base_pair.buckle 
_ndb_struct_na_base_pair.propeller 
_ndb_struct_na_base_pair.opening 
_ndb_struct_na_base_pair.pair_number 
_ndb_struct_na_base_pair.pair_name 
_ndb_struct_na_base_pair.i_auth_asym_id 
_ndb_struct_na_base_pair.i_auth_seq_id 
_ndb_struct_na_base_pair.i_PDB_ins_code 
_ndb_struct_na_base_pair.j_auth_asym_id 
_ndb_struct_na_base_pair.j_auth_seq_id 
_ndb_struct_na_base_pair.j_PDB_ins_code 
_ndb_struct_na_base_pair.hbond_type_28 
_ndb_struct_na_base_pair.hbond_type_12 
1 A DG 3  1_555 D DC 15 1_555 1.175  0.455  0.161  -3.299 -17.065 -9.326  1  A_DG3:DC16_D A 3  ? D 16 ? ?  1 
1 A DC 4  1_555 D DG 14 1_555 -0.198 -0.376 -0.221 -0.096 -11.258 0.463   2  A_DC4:DG15_D A 4  ? D 15 ? 19 1 
1 A DA 5  1_555 D DT 13 1_555 0.091  0.083  0.678  4.963  -7.395  8.125   3  A_DA5:DT14_D A 5  ? D 14 ? 20 1 
1 A DG 6  1_555 D DC 12 1_555 0.273  -0.132 0.449  6.320  -9.353  -3.909  4  A_DG6:DC13_D A 6  ? D 13 ? 19 1 
1 A DA 7  1_555 D DT 11 1_555 0.707  -0.315 0.042  2.407  -15.150 -10.713 5  A_DA7:DT12_D A 7  ? D 12 ? 20 1 
1 A DC 8  1_555 D DG 10 1_555 0.991  -0.425 0.403  -2.109 -15.408 -10.668 6  A_DC8:DG11_D A 8  ? D 11 ? 19 1 
1 A DC 9  1_555 D DG 9  1_555 -0.347 -0.514 0.574  -2.485 -12.332 0.245   7  A_DC9:DG10_D A 9  ? D 10 ? 19 1 
1 A DC 10 1_555 C DG 3  1_555 -0.489 0.179  0.477  -4.693 -4.023  8.152   8  A_DC10:DG2_C A 10 ? C 2  ? 19 1 
1 A DG 11 1_555 C DC 2  1_555 -0.015 -0.063 0.461  4.871  -5.583  3.463   9  A_DG11:DC1_C A 11 ? C 1  ? 19 1 
1 A DA 12 1_555 C DT 1  1_555 0.106  -0.351 0.848  3.058  -8.402  2.927   10 A_DA12:DT0_C A 12 ? C 0  ? 20 1 
1 B DC 1  1_555 C DG 6  1_555 -0.399 0.115  0.845  1.198  -6.950  -3.026  11 B_DC12:DG5_C B 12 ? C 5  ? 19 1 
1 B DG 2  1_555 C DC 5  1_555 0.383  -0.388 0.571  6.977  -4.678  -12.993 12 B_DG13:DC4_C B 13 ? C 4  ? 19 1 
1 B DG 3  1_555 C DC 4  1_555 -1.067 -0.669 0.519  8.445  -3.860  2.969   13 B_DG14:DC3_C B 14 ? C 3  ? 19 1 
1 B DG 4  1_555 D DC 8  1_555 -0.026 -0.433 0.370  -6.237 -5.766  -2.627  14 B_DG15:DC9_D B 15 ? D 9  ? 19 1 
1 B DA 5  1_555 D DT 7  1_555 0.855  -0.029 0.621  1.039  -6.454  -2.819  15 B_DA16:DT8_D B 16 ? D 8  ? 20 1 
1 B DC 6  1_555 D DG 6  1_555 0.647  -0.607 0.488  2.619  -6.970  -0.142  16 B_DC17:DG7_D B 17 ? D 7  ? 19 1 
1 B DT 7  1_555 D DA 5  1_555 -0.858 -0.319 0.119  3.094  -9.935  -7.627  17 B_DT18:DA6_D B 18 ? D 6  ? 20 1 
1 B DC 8  1_555 D DG 4  1_555 0.234  -0.190 -0.303 5.862  -13.663 6.065   18 B_DC19:DG5_D B 19 ? D 5  ? 19 1 
# 
loop_
_ndb_struct_na_base_pair_step.model_number 
_ndb_struct_na_base_pair_step.i_label_asym_id_1 
_ndb_struct_na_base_pair_step.i_label_comp_id_1 
_ndb_struct_na_base_pair_step.i_label_seq_id_1 
_ndb_struct_na_base_pair_step.i_symmetry_1 
_ndb_struct_na_base_pair_step.j_label_asym_id_1 
_ndb_struct_na_base_pair_step.j_label_comp_id_1 
_ndb_struct_na_base_pair_step.j_label_seq_id_1 
_ndb_struct_na_base_pair_step.j_symmetry_1 
_ndb_struct_na_base_pair_step.i_label_asym_id_2 
_ndb_struct_na_base_pair_step.i_label_comp_id_2 
_ndb_struct_na_base_pair_step.i_label_seq_id_2 
_ndb_struct_na_base_pair_step.i_symmetry_2 
_ndb_struct_na_base_pair_step.j_label_asym_id_2 
_ndb_struct_na_base_pair_step.j_label_comp_id_2 
_ndb_struct_na_base_pair_step.j_label_seq_id_2 
_ndb_struct_na_base_pair_step.j_symmetry_2 
_ndb_struct_na_base_pair_step.shift 
_ndb_struct_na_base_pair_step.slide 
_ndb_struct_na_base_pair_step.rise 
_ndb_struct_na_base_pair_step.tilt 
_ndb_struct_na_base_pair_step.roll 
_ndb_struct_na_base_pair_step.twist 
_ndb_struct_na_base_pair_step.x_displacement 
_ndb_struct_na_base_pair_step.y_displacement 
_ndb_struct_na_base_pair_step.helical_rise 
_ndb_struct_na_base_pair_step.inclination 
_ndb_struct_na_base_pair_step.tip 
_ndb_struct_na_base_pair_step.helical_twist 
_ndb_struct_na_base_pair_step.step_number 
_ndb_struct_na_base_pair_step.step_name 
_ndb_struct_na_base_pair_step.i_auth_asym_id_1 
_ndb_struct_na_base_pair_step.i_auth_seq_id_1 
_ndb_struct_na_base_pair_step.i_PDB_ins_code_1 
_ndb_struct_na_base_pair_step.j_auth_asym_id_1 
_ndb_struct_na_base_pair_step.j_auth_seq_id_1 
_ndb_struct_na_base_pair_step.j_PDB_ins_code_1 
_ndb_struct_na_base_pair_step.i_auth_asym_id_2 
_ndb_struct_na_base_pair_step.i_auth_seq_id_2 
_ndb_struct_na_base_pair_step.i_PDB_ins_code_2 
_ndb_struct_na_base_pair_step.j_auth_asym_id_2 
_ndb_struct_na_base_pair_step.j_auth_seq_id_2 
_ndb_struct_na_base_pair_step.j_PDB_ins_code_2 
1 A DG 3  1_555 D DC 15 1_555 A DC 4  1_555 D DG 14 1_555 0.627  0.250  3.093 5.125  1.263  30.671 0.233  -0.226 3.161 2.366  
-9.600  31.111 1  AA_DG3DC4:DG15DC16_DD A 3  ? D 16 ? A 4  ? D 15 ? 
1 A DC 4  1_555 D DG 14 1_555 A DA 5  1_555 D DT 13 1_555 0.438  1.964  3.378 -4.378 -2.585 45.548 2.750  -0.947 3.215 -3.326 
5.634   45.816 2  AA_DC4DA5:DT14DG15_DD A 4  ? D 15 ? A 5  ? D 14 ? 
1 A DA 5  1_555 D DT 13 1_555 A DG 6  1_555 D DC 12 1_555 -0.331 -0.021 3.406 -1.238 4.216  30.024 -0.925 0.373  3.382 8.084  
2.373   30.337 3  AA_DA5DG6:DC13DT14_DD A 5  ? D 14 ? A 6  ? D 13 ? 
1 A DG 6  1_555 D DC 12 1_555 A DA 7  1_555 D DT 11 1_555 -0.735 -0.101 3.364 -2.994 0.613  41.865 -0.207 0.703  3.404 0.857  
4.184   41.971 4  AA_DG6DA7:DT12DC13_DD A 6  ? D 13 ? A 7  ? D 12 ? 
1 A DA 7  1_555 D DT 11 1_555 A DC 8  1_555 D DG 10 1_555 0.164  -1.731 3.289 -3.581 -0.097 32.409 -3.066 -0.917 3.257 -0.173 
6.391   32.601 5  AA_DA7DC8:DG11DT12_DD A 7  ? D 12 ? A 8  ? D 11 ? 
1 A DC 8  1_555 D DG 10 1_555 A DC 9  1_555 D DG 9  1_555 0.012  -1.244 3.164 -3.158 -1.049 30.423 -2.156 -0.630 3.186 -1.991 
5.994   30.600 6  AA_DC8DC9:DG10DG11_DD A 8  ? D 11 ? A 9  ? D 10 ? 
1 A DC 9  1_555 D DG 9  1_555 A DC 10 1_555 C DG 3  1_555 -0.500 -1.038 3.259 0.113  0.044  26.303 -2.293 1.129  3.255 0.096  
-0.248  26.303 7  AA_DC9DC10:DG2DG10_CD A 9  ? D 10 ? A 10 ? C 2  ? 
1 A DC 10 1_555 C DG 3  1_555 A DG 11 1_555 C DC 2  1_555 -0.675 1.033  3.170 -1.220 4.942  37.119 0.966  0.893  3.296 7.719  
1.906   37.454 8  AA_DC10DG11:DC1DG2_CC A 10 ? C 2  ? A 11 ? C 1  ? 
1 A DG 11 1_555 C DC 2  1_555 A DA 12 1_555 C DT 1  1_555 0.506  -0.210 3.339 -5.719 3.190  36.449 -0.763 -1.571 3.196 5.049  
9.054   37.013 9  AA_DG11DA12:DT0DC1_CC A 11 ? C 1  ? A 12 ? C 0  ? 
1 B DC 1  1_555 C DG 6  1_555 B DG 2  1_555 C DC 5  1_555 -0.142 -0.325 3.001 -0.512 8.074  40.887 -1.233 0.150  2.890 11.422 
0.725   41.646 10 BB_DC12DG13:DC4DG5_CC B 12 ? C 5  ? B 13 ? C 4  ? 
1 B DG 2  1_555 C DC 5  1_555 B DG 3  1_555 C DC 4  1_555 0.836  -1.069 3.198 -4.291 0.716  29.211 -2.244 -2.513 3.020 1.411  
8.449   29.526 11 BB_DG13DG14:DC3DC4_CC B 13 ? C 4  ? B 14 ? C 3  ? 
1 B DG 3  1_555 C DC 4  1_555 B DG 4  1_555 D DC 8  1_555 -1.295 -1.627 3.672 -1.848 -2.426 32.378 -2.418 1.940  3.847 -4.339 
3.304   32.518 12 BB_DG14DG15:DC9DC3_DC B 14 ? C 3  ? B 15 ? D 9  ? 
1 B DG 4  1_555 D DC 8  1_555 B DA 5  1_555 D DT 7  1_555 -0.767 0.560  3.221 -1.894 0.739  37.983 0.767  0.938  3.264 1.135  
2.908   38.035 13 BB_DG15DA16:DT8DC9_DD B 15 ? D 9  ? B 16 ? D 8  ? 
1 B DA 5  1_555 D DT 7  1_555 B DC 6  1_555 D DG 6  1_555 0.497  -1.245 3.272 -0.420 1.765  28.889 -2.877 -1.086 3.184 3.534  
0.841   28.945 14 BB_DA16DC17:DG7DT8_DD B 16 ? D 8  ? B 17 ? D 7  ? 
1 B DC 6  1_555 D DG 6  1_555 B DT 7  1_555 D DA 5  1_555 -0.245 -1.000 3.123 4.224  3.178  28.067 -2.703 1.393  2.927 6.481  
-8.612  28.551 15 BB_DC17DT18:DA6DG7_DD B 17 ? D 7  ? B 18 ? D 6  ? 
1 B DT 7  1_555 D DA 5  1_555 B DC 8  1_555 D DG 4  1_555 0.955  0.306  3.364 8.976  2.381  38.216 0.154  -0.282 3.503 3.573  
-13.469 39.287 16 BB_DT18DC19:DG5DA6_DD B 18 ? D 6  ? B 19 ? D 5  ? 
# 
loop_
_pdbx_audit_support.funding_organization 
_pdbx_audit_support.country 
_pdbx_audit_support.grant_number 
_pdbx_audit_support.ordinal 
'National Science Foundation (NSF, United States)'                                         'United States' 1360635     1 
'National Institutes of Health/National Institute of General Medical Sciences (NIH/NIGMS)' 'United States' R01GM104960 2 
'National Science Foundation (NSF, United States)'                                         'United States' NSF2004250  3 
# 
_pdbx_entity_nonpoly.entity_id   5 
_pdbx_entity_nonpoly.name        'CACODYLATE ION' 
_pdbx_entity_nonpoly.comp_id     CAC 
# 
_pdbx_initial_refinement_model.id               1 
_pdbx_initial_refinement_model.entity_id_list   ? 
_pdbx_initial_refinement_model.type             'experimental model' 
_pdbx_initial_refinement_model.source_name      PDB 
_pdbx_initial_refinement_model.accession_code   6XNA 
_pdbx_initial_refinement_model.details          ? 
# 
_pdbx_struct_assembly_auth_evidence.id                     1 
_pdbx_struct_assembly_auth_evidence.assembly_id            1 
_pdbx_struct_assembly_auth_evidence.experimental_support   none 
_pdbx_struct_assembly_auth_evidence.details                ? 
# 
